data_9B7V
#
_entry.id   9B7V
#
_cell.length_a   1.00
_cell.length_b   1.00
_cell.length_c   1.00
_cell.angle_alpha   90.00
_cell.angle_beta   90.00
_cell.angle_gamma   90.00
#
_symmetry.space_group_name_H-M   'P 1'
#
loop_
_entity.id
_entity.type
_entity.pdbx_description
1 polymer 'Capsid protein VP1'
2 polymer 'Fab3-5 heavy chain'
3 polymer 'Fab3-5 light chain'
4 non-polymer 'CALCIUM ION'
#
loop_
_entity_poly.entity_id
_entity_poly.type
_entity_poly.pdbx_seq_one_letter_code
_entity_poly.pdbx_strand_id
1 'polypeptide(L)'
;MAADGYLPDWLEDNLSEGIREWWALKPGAPQPKANQQHQDNARGLVLPGYKYLGPGNGLDKGEPVNAADAAALEHDKAYD
QQLKAGDNPYLKYNHADAEFQERLKEDTSFGGNLGRAVFQAKKRLLEPLGLVEEAAKTAPGKKRPVEQSPQEPDSSAGIG
KSGAQPAKKRLNFGQTGDTESVPDPQPIGEPPAAPSGVGSLTMASGGGAPVADNNEGADGVGSSSGNWHCDSQWLGDRVI
TTSTRTWALPTYNNHLYKQISNSTSGGSSNDNAYFGYSTPWGYFDFNRFHCHFSPRDWQRLINNNWGFRPKRLNFKLFNI
QVKEVTDNNGVKTIANNLTSTVQVFTDSDYQLPYVLGSAHEGCLPPFPADVFMIPQYGYLTLNDGSQAVGRSSFYCLEYF
PSQMLRTGNNFQFSYEFENVPFHSSYAHSQSLDRLMNPLIDQYLYYLSKTINGSGQNQQTLKFSVAGPSNMAVQGRNYIP
GPSYRQQRVSTTVTQNNNSEFAWPGASSWALNGRNSLMNPGPAMASHKEGEDRFFPLSGSLIFGKQGTGRDNVDADKVMI
TNEEEIKTTNPVATESYGQVATNHQSAQAQAQTGWVQNQGILPGMVWQDRDVYLQGPIWAKIPHTDGNFHPSPLMGGFGM
KHPPPQILIKNTPVPADPPTAFNKDKLNSFITQYSTGQVSVEIEWELQKENSKRWNPEIQYTSNYYKSNNVEFAVNTEGV
YSEPRPIGTRYLTRNL
;
A,B,C,D,E,F
2 'polypeptide(L)'
;EVQLVESGGGLVQPGGSLRLSCAASGFTFSNYGMNWVRQAPGKGLEWVSYISSGGTIYYADSVKGRFTISRDNAKNSVYL
QMNSLRAEDTAVYYCARDPAYCGDDCYTIPAHYFDYWGQGTPVTVS
;
H
3 'polypeptide(L)'
;DIQMTQSPSSLSASVGDRVTITCRTSQSISRYLNWYQQKPGKAPKLLIYAASSLQSGVPSRFTGSGSGTDFTLTISSLQP
EDFATYYCQQSYSIPPVTFGQGTRVD
;
L
#
loop_
_chem_comp.id
_chem_comp.type
_chem_comp.name
_chem_comp.formula
CA non-polymer 'CALCIUM ION' 'Ca 2'
#
# COMPACT_ATOMS: atom_id res chain seq x y z
N VAL A 239 2.27 32.90 -42.04
CA VAL A 239 3.70 33.12 -41.96
C VAL A 239 4.38 31.82 -41.56
N ILE A 240 5.50 31.51 -42.20
CA ILE A 240 6.34 30.38 -41.83
C ILE A 240 7.71 30.92 -41.48
N THR A 241 8.08 30.84 -40.21
CA THR A 241 9.37 31.30 -39.73
C THR A 241 10.29 30.11 -39.54
N THR A 242 11.58 30.34 -39.80
CA THR A 242 12.58 29.30 -39.63
C THR A 242 13.82 29.91 -39.02
N SER A 243 14.40 29.24 -38.03
CA SER A 243 15.61 29.69 -37.37
C SER A 243 16.59 28.54 -37.31
N THR A 244 17.84 28.81 -37.63
CA THR A 244 18.93 27.87 -37.42
C THR A 244 19.97 28.52 -36.52
N ARG A 245 20.54 27.74 -35.61
CA ARG A 245 21.54 28.22 -34.68
C ARG A 245 22.63 27.16 -34.53
N THR A 246 23.72 27.56 -33.90
CA THR A 246 24.79 26.63 -33.52
C THR A 246 24.88 26.59 -32.01
N TRP A 247 24.94 25.38 -31.46
CA TRP A 247 24.93 25.15 -30.03
C TRP A 247 26.19 24.44 -29.59
N ALA A 248 26.51 24.61 -28.32
CA ALA A 248 27.58 23.87 -27.66
C ALA A 248 27.01 23.23 -26.40
N LEU A 249 27.24 21.93 -26.23
CA LEU A 249 26.73 21.20 -25.09
C LEU A 249 27.88 20.69 -24.24
N PRO A 250 28.03 21.15 -23.01
CA PRO A 250 29.06 20.62 -22.12
C PRO A 250 28.61 19.32 -21.46
N THR A 251 29.44 18.83 -20.55
CA THR A 251 29.06 17.78 -19.62
C THR A 251 28.69 18.41 -18.29
N TYR A 252 27.45 18.17 -17.88
CA TYR A 252 26.91 18.71 -16.64
C TYR A 252 26.94 17.72 -15.51
N ASN A 253 27.45 18.18 -14.37
CA ASN A 253 27.55 17.43 -13.11
C ASN A 253 28.41 16.19 -13.17
N ASN A 254 29.38 16.13 -14.09
CA ASN A 254 30.24 14.95 -14.25
C ASN A 254 29.44 13.65 -14.43
N HIS A 255 28.38 13.71 -15.25
CA HIS A 255 27.44 12.62 -15.56
C HIS A 255 26.70 12.09 -14.33
N LEU A 256 26.27 12.99 -13.45
CA LEU A 256 25.62 12.61 -12.21
C LEU A 256 24.29 13.31 -12.04
N TYR A 257 23.35 12.62 -11.42
CA TYR A 257 22.16 13.22 -10.83
C TYR A 257 22.52 13.63 -9.41
N LYS A 258 22.09 14.81 -9.00
CA LYS A 258 22.43 15.29 -7.66
C LYS A 258 21.22 15.91 -7.01
N GLN A 259 20.95 15.49 -5.78
CA GLN A 259 19.99 16.19 -4.95
C GLN A 259 20.46 17.60 -4.65
N ILE A 260 19.58 18.56 -4.85
CA ILE A 260 19.85 19.95 -4.55
C ILE A 260 18.72 20.44 -3.65
N SER A 261 19.01 21.43 -2.83
CA SER A 261 17.99 22.08 -2.02
C SER A 261 18.52 23.42 -1.57
N ASN A 262 17.69 24.18 -0.88
CA ASN A 262 18.13 25.47 -0.38
C ASN A 262 19.22 25.22 0.66
N SER A 263 19.22 24.04 1.26
CA SER A 263 20.25 23.67 2.23
C SER A 263 21.62 23.61 1.60
N THR A 264 21.72 23.02 0.41
CA THR A 264 23.00 22.92 -0.27
C THR A 264 23.50 24.32 -0.59
N SER A 265 22.58 25.15 -1.09
CA SER A 265 22.86 26.55 -1.40
C SER A 265 23.16 27.33 -0.12
N GLY A 266 22.44 26.98 0.95
CA GLY A 266 22.58 27.63 2.23
C GLY A 266 21.61 28.74 2.62
N GLY A 267 20.59 29.00 1.79
CA GLY A 267 19.64 30.04 2.12
C GLY A 267 18.52 29.54 3.02
N SER A 268 18.53 30.04 4.26
CA SER A 268 17.57 29.63 5.29
C SER A 268 16.07 29.94 5.13
N SER A 269 15.74 31.11 4.60
CA SER A 269 14.34 31.54 4.45
C SER A 269 13.33 30.50 3.94
N ASN A 270 12.20 30.42 4.64
CA ASN A 270 11.11 29.53 4.33
C ASN A 270 10.49 29.82 2.97
N ASP A 271 10.29 31.09 2.66
CA ASP A 271 9.71 31.47 1.38
C ASP A 271 10.49 30.94 0.19
N ASN A 272 11.81 30.93 0.30
CA ASN A 272 12.63 30.44 -0.81
C ASN A 272 13.14 29.00 -0.67
N ALA A 273 12.65 28.24 0.31
CA ALA A 273 13.08 26.86 0.48
C ALA A 273 12.64 25.99 -0.69
N TYR A 274 13.47 25.01 -1.04
CA TYR A 274 13.15 24.13 -2.15
C TYR A 274 13.89 22.81 -1.99
N PHE A 275 13.44 21.82 -2.74
CA PHE A 275 14.07 20.52 -2.81
C PHE A 275 13.92 20.01 -4.23
N GLY A 276 14.96 19.40 -4.78
CA GLY A 276 14.86 18.91 -6.13
C GLY A 276 16.12 18.21 -6.56
N TYR A 277 16.28 18.05 -7.87
CA TYR A 277 17.40 17.32 -8.44
C TYR A 277 17.94 18.07 -9.64
N SER A 278 19.26 17.99 -9.84
CA SER A 278 19.89 18.46 -11.06
C SER A 278 20.36 17.25 -11.86
N THR A 279 20.25 17.34 -13.17
CA THR A 279 20.51 16.22 -14.05
C THR A 279 21.72 16.49 -14.92
N PRO A 280 22.38 15.45 -15.42
CA PRO A 280 23.44 15.65 -16.42
C PRO A 280 22.91 16.15 -17.76
N TRP A 281 21.61 16.13 -17.98
CA TRP A 281 21.01 16.43 -19.27
C TRP A 281 20.86 17.93 -19.50
N GLY A 282 20.97 18.32 -20.77
CA GLY A 282 20.59 19.65 -21.22
C GLY A 282 19.31 19.59 -22.03
N TYR A 283 18.79 20.77 -22.38
CA TYR A 283 17.52 20.81 -23.10
C TYR A 283 17.46 22.05 -23.99
N PHE A 284 16.69 21.93 -25.08
CA PHE A 284 16.50 23.03 -26.02
C PHE A 284 15.24 23.81 -25.69
N ASP A 285 15.34 25.13 -25.75
CA ASP A 285 14.21 26.03 -25.50
C ASP A 285 14.15 27.08 -26.59
N PHE A 286 13.12 27.04 -27.44
CA PHE A 286 12.84 28.10 -28.40
C PHE A 286 11.66 28.99 -28.01
N ASN A 287 11.27 29.02 -26.73
CA ASN A 287 9.98 29.55 -26.31
C ASN A 287 9.89 31.08 -26.28
N ARG A 288 10.91 31.81 -26.73
CA ARG A 288 10.80 33.26 -26.86
C ARG A 288 10.54 33.63 -28.32
N PHE A 289 9.79 34.72 -28.52
CA PHE A 289 9.42 35.11 -29.88
C PHE A 289 10.62 35.48 -30.74
N HIS A 290 11.57 36.24 -30.19
CA HIS A 290 12.68 36.68 -31.01
C HIS A 290 13.54 35.51 -31.50
N CYS A 291 13.30 34.31 -31.00
CA CYS A 291 13.91 33.14 -31.62
C CYS A 291 13.44 33.00 -33.06
N HIS A 292 12.15 33.16 -33.30
CA HIS A 292 11.55 32.91 -34.60
C HIS A 292 11.35 34.16 -35.45
N PHE A 293 11.48 35.36 -34.89
CA PHE A 293 11.11 36.58 -35.60
C PHE A 293 12.27 37.55 -35.62
N SER A 294 12.54 38.11 -36.79
CA SER A 294 13.41 39.26 -36.88
C SER A 294 12.63 40.51 -36.52
N PRO A 295 13.32 41.57 -36.10
CA PRO A 295 12.59 42.81 -35.78
C PRO A 295 11.79 43.36 -36.94
N ARG A 296 12.20 43.10 -38.18
CA ARG A 296 11.39 43.49 -39.33
C ARG A 296 10.16 42.60 -39.45
N ASP A 297 10.34 41.29 -39.36
CA ASP A 297 9.21 40.37 -39.39
C ASP A 297 8.23 40.65 -38.27
N TRP A 298 8.73 41.02 -37.09
CA TRP A 298 7.84 41.39 -36.00
C TRP A 298 7.08 42.66 -36.34
N GLN A 299 7.76 43.64 -36.95
CA GLN A 299 7.08 44.84 -37.41
C GLN A 299 6.07 44.52 -38.50
N ARG A 300 6.45 43.66 -39.44
CA ARG A 300 5.53 43.26 -40.50
C ARG A 300 4.31 42.55 -39.92
N LEU A 301 4.50 41.85 -38.80
CA LEU A 301 3.41 41.09 -38.19
C LEU A 301 2.43 41.99 -37.46
N ILE A 302 2.94 42.87 -36.60
CA ILE A 302 2.06 43.57 -35.67
C ILE A 302 1.34 44.73 -36.33
N ASN A 303 1.88 45.27 -37.41
CA ASN A 303 1.22 46.39 -38.07
C ASN A 303 0.04 45.95 -38.92
N ASN A 304 0.13 44.79 -39.56
CA ASN A 304 -0.85 44.38 -40.56
C ASN A 304 -1.90 43.41 -40.06
N ASN A 305 -1.82 42.94 -38.83
CA ASN A 305 -2.64 41.82 -38.40
C ASN A 305 -3.37 42.10 -37.10
N TRP A 306 -4.61 41.64 -37.03
CA TRP A 306 -5.38 41.65 -35.79
C TRP A 306 -5.05 40.50 -34.86
N GLY A 307 -4.51 39.40 -35.37
CA GLY A 307 -4.24 38.27 -34.51
C GLY A 307 -3.36 37.26 -35.19
N PHE A 308 -2.75 36.40 -34.37
CA PHE A 308 -1.89 35.35 -34.87
C PHE A 308 -1.85 34.24 -33.83
N ARG A 309 -1.36 33.07 -34.24
CA ARG A 309 -1.30 31.91 -33.36
C ARG A 309 -0.57 30.77 -34.05
N PRO A 310 0.23 30.00 -33.32
CA PRO A 310 1.00 28.93 -33.94
C PRO A 310 0.11 27.78 -34.41
N LYS A 311 0.61 27.05 -35.39
CA LYS A 311 -0.11 25.94 -36.00
C LYS A 311 0.70 24.66 -35.98
N ARG A 312 1.85 24.64 -36.62
CA ARG A 312 2.69 23.46 -36.73
C ARG A 312 4.10 23.80 -36.29
N LEU A 313 4.89 22.77 -36.05
CA LEU A 313 6.25 22.89 -35.58
C LEU A 313 7.08 21.82 -36.26
N ASN A 314 8.32 22.15 -36.56
CA ASN A 314 9.25 21.17 -37.10
C ASN A 314 10.62 21.45 -36.52
N PHE A 315 11.31 20.40 -36.10
CA PHE A 315 12.54 20.53 -35.34
C PHE A 315 13.57 19.60 -35.94
N LYS A 316 14.80 20.07 -36.07
CA LYS A 316 15.88 19.25 -36.60
C LYS A 316 17.15 19.48 -35.81
N LEU A 317 17.94 18.42 -35.68
CA LEU A 317 19.22 18.45 -34.99
C LEU A 317 20.20 17.68 -35.86
N PHE A 318 21.25 18.36 -36.33
CA PHE A 318 22.10 17.76 -37.36
C PHE A 318 23.52 18.31 -37.23
N ASN A 319 24.41 17.77 -38.04
CA ASN A 319 25.83 18.14 -38.05
C ASN A 319 26.44 18.04 -36.66
N ILE A 320 26.31 16.86 -36.06
CA ILE A 320 26.77 16.67 -34.69
C ILE A 320 28.27 16.49 -34.68
N GLN A 321 28.96 17.23 -33.82
CA GLN A 321 30.40 17.14 -33.67
C GLN A 321 30.73 16.97 -32.21
N VAL A 322 31.44 15.91 -31.87
CA VAL A 322 31.81 15.61 -30.49
C VAL A 322 33.31 15.83 -30.35
N LYS A 323 33.69 16.77 -29.49
CA LYS A 323 35.08 17.10 -29.24
C LYS A 323 35.52 16.50 -27.92
N GLU A 324 36.78 16.07 -27.85
CA GLU A 324 37.38 15.67 -26.58
C GLU A 324 38.47 16.67 -26.21
N VAL A 325 38.64 16.86 -24.91
CA VAL A 325 39.58 17.84 -24.40
C VAL A 325 40.63 17.09 -23.57
N THR A 326 41.89 17.22 -23.97
CA THR A 326 43.00 16.61 -23.26
C THR A 326 43.92 17.70 -22.74
N ASP A 327 43.99 17.85 -21.42
CA ASP A 327 44.88 18.82 -20.80
C ASP A 327 46.16 18.09 -20.42
N ASN A 328 47.24 18.44 -21.12
CA ASN A 328 48.56 17.88 -20.85
C ASN A 328 49.45 18.99 -20.33
N ASN A 329 49.79 18.93 -19.05
CA ASN A 329 50.62 19.94 -18.39
C ASN A 329 49.89 21.29 -18.54
N GLY A 330 50.50 22.29 -19.18
CA GLY A 330 49.90 23.62 -19.18
C GLY A 330 48.64 23.73 -20.00
N VAL A 331 48.70 23.35 -21.27
CA VAL A 331 47.70 23.74 -22.26
C VAL A 331 46.86 22.53 -22.66
N LYS A 332 45.63 22.79 -23.08
CA LYS A 332 44.71 21.72 -23.46
C LYS A 332 44.54 21.64 -24.97
N THR A 333 44.44 20.42 -25.47
CA THR A 333 44.27 20.14 -26.88
C THR A 333 42.88 19.58 -27.15
N ILE A 334 42.20 20.12 -28.15
CA ILE A 334 40.87 19.66 -28.54
C ILE A 334 40.99 18.81 -29.79
N ALA A 335 40.39 17.63 -29.77
CA ALA A 335 40.45 16.71 -30.89
C ALA A 335 39.08 16.08 -31.10
N ASN A 336 38.80 15.73 -32.36
CA ASN A 336 37.54 15.07 -32.68
C ASN A 336 37.50 13.68 -32.06
N ASN A 337 36.33 13.30 -31.57
CA ASN A 337 36.06 11.92 -31.18
C ASN A 337 34.98 11.42 -32.11
N LEU A 338 35.35 10.53 -33.03
CA LEU A 338 34.43 10.15 -34.10
C LEU A 338 33.39 9.13 -33.65
N THR A 339 33.72 8.26 -32.71
CA THR A 339 32.84 7.19 -32.30
C THR A 339 31.92 7.56 -31.14
N SER A 340 32.09 8.74 -30.54
CA SER A 340 31.23 9.15 -29.46
C SER A 340 29.81 9.41 -29.94
N THR A 341 28.88 9.43 -29.00
CA THR A 341 27.47 9.62 -29.29
C THR A 341 26.89 10.74 -28.44
N VAL A 342 25.72 11.19 -28.87
CA VAL A 342 24.94 12.21 -28.19
C VAL A 342 23.50 11.75 -28.17
N GLN A 343 22.91 11.68 -26.97
CA GLN A 343 21.57 11.14 -26.78
C GLN A 343 20.56 12.27 -26.79
N VAL A 344 19.41 12.03 -27.39
CA VAL A 344 18.35 13.03 -27.47
C VAL A 344 17.01 12.31 -27.45
N PHE A 345 16.03 12.89 -26.76
CA PHE A 345 14.67 12.40 -26.84
C PHE A 345 13.73 13.55 -26.53
N THR A 346 12.51 13.42 -27.03
CA THR A 346 11.43 14.33 -26.69
C THR A 346 10.54 13.66 -25.66
N ASP A 347 9.98 14.46 -24.77
CA ASP A 347 9.03 13.92 -23.81
C ASP A 347 7.67 14.24 -24.39
N SER A 348 7.09 13.27 -25.09
CA SER A 348 5.85 13.48 -25.81
C SER A 348 4.64 12.95 -25.06
N ASP A 349 4.86 12.26 -23.95
CA ASP A 349 3.80 11.91 -23.02
C ASP A 349 3.72 12.86 -21.85
N TYR A 350 4.61 13.85 -21.78
CA TYR A 350 4.60 14.88 -20.74
C TYR A 350 4.79 14.24 -19.36
N GLN A 351 5.71 13.29 -19.30
CA GLN A 351 5.95 12.52 -18.09
C GLN A 351 7.01 13.13 -17.18
N LEU A 352 7.82 14.04 -17.68
CA LEU A 352 8.80 14.77 -16.89
C LEU A 352 8.23 16.07 -16.39
N PRO A 353 8.78 16.63 -15.32
CA PRO A 353 8.42 18.00 -14.94
C PRO A 353 8.72 18.99 -16.04
N TYR A 354 7.79 19.90 -16.28
CA TYR A 354 7.84 20.78 -17.44
C TYR A 354 8.33 22.15 -16.99
N VAL A 355 9.57 22.48 -17.33
CA VAL A 355 10.24 23.70 -16.87
C VAL A 355 10.24 24.81 -17.91
N LEU A 356 9.65 24.59 -19.09
CA LEU A 356 9.76 25.57 -20.15
C LEU A 356 8.77 26.72 -20.02
N GLY A 357 7.93 26.72 -19.00
CA GLY A 357 6.98 27.80 -18.83
C GLY A 357 7.35 28.81 -17.79
N SER A 358 8.60 28.79 -17.32
CA SER A 358 9.05 29.63 -16.23
C SER A 358 9.82 30.86 -16.69
N ALA A 359 9.94 31.09 -18.00
CA ALA A 359 10.62 32.25 -18.57
C ALA A 359 12.09 32.30 -18.16
N HIS A 360 12.86 31.35 -18.66
CA HIS A 360 14.24 31.18 -18.25
C HIS A 360 15.21 31.52 -19.36
N GLU A 361 16.43 31.85 -18.95
CA GLU A 361 17.56 32.01 -19.85
C GLU A 361 17.86 30.69 -20.55
N GLY A 362 18.58 30.77 -21.66
CA GLY A 362 19.02 29.59 -22.36
C GLY A 362 18.27 29.30 -23.65
N CYS A 363 17.34 30.15 -24.03
CA CYS A 363 16.66 30.00 -25.31
C CYS A 363 17.63 30.29 -26.45
N LEU A 364 17.23 29.86 -27.65
CA LEU A 364 17.95 30.24 -28.86
C LEU A 364 18.15 31.76 -28.91
N PRO A 365 19.35 32.23 -29.24
CA PRO A 365 19.61 33.66 -29.16
C PRO A 365 18.90 34.42 -30.26
N PRO A 366 18.62 35.70 -30.07
CA PRO A 366 17.87 36.45 -31.08
C PRO A 366 18.64 36.71 -32.36
N PHE A 367 19.97 36.57 -32.35
CA PHE A 367 20.75 36.89 -33.53
C PHE A 367 21.31 35.63 -34.16
N PRO A 368 21.02 35.39 -35.44
CA PRO A 368 21.27 34.06 -36.02
C PRO A 368 22.73 33.62 -36.03
N ALA A 369 23.69 34.54 -35.91
CA ALA A 369 25.08 34.15 -35.92
C ALA A 369 25.64 33.92 -34.52
N ASP A 370 24.83 34.09 -33.49
CA ASP A 370 25.26 33.83 -32.13
C ASP A 370 25.30 32.33 -31.87
N VAL A 371 26.33 31.92 -31.13
CA VAL A 371 26.48 30.53 -30.68
C VAL A 371 26.16 30.50 -29.19
N PHE A 372 25.23 29.62 -28.81
CA PHE A 372 24.72 29.61 -27.46
C PHE A 372 25.08 28.32 -26.76
N MET A 373 25.14 28.39 -25.44
CA MET A 373 25.32 27.25 -24.57
C MET A 373 23.97 26.68 -24.20
N ILE A 374 23.87 25.35 -24.18
CA ILE A 374 22.61 24.67 -23.87
C ILE A 374 22.43 24.62 -22.36
N PRO A 375 21.27 25.01 -21.83
CA PRO A 375 21.09 25.06 -20.37
C PRO A 375 20.91 23.68 -19.76
N GLN A 376 21.20 23.59 -18.48
CA GLN A 376 21.11 22.33 -17.76
C GLN A 376 19.68 22.10 -17.29
N TYR A 377 19.25 20.84 -17.34
CA TYR A 377 17.92 20.48 -16.90
C TYR A 377 17.93 20.09 -15.43
N GLY A 378 16.95 20.61 -14.70
CA GLY A 378 16.76 20.29 -13.30
C GLY A 378 15.32 20.54 -12.97
N TYR A 379 14.86 19.96 -11.87
CA TYR A 379 13.46 20.08 -11.52
C TYR A 379 13.33 20.08 -10.01
N LEU A 380 12.19 20.61 -9.55
CA LEU A 380 11.86 20.69 -8.13
C LEU A 380 10.73 19.75 -7.82
N THR A 381 10.70 19.29 -6.57
CA THR A 381 9.67 18.38 -6.11
C THR A 381 9.05 18.98 -4.85
N LEU A 382 8.21 18.23 -4.17
CA LEU A 382 7.65 18.69 -2.91
C LEU A 382 8.74 18.74 -1.86
N ASN A 383 8.68 19.75 -1.00
CA ASN A 383 9.62 19.86 0.10
C ASN A 383 8.89 20.26 1.37
N ASP A 384 9.55 20.03 2.49
CA ASP A 384 9.24 20.71 3.74
C ASP A 384 10.55 21.29 4.25
N GLY A 385 10.67 22.60 4.21
CA GLY A 385 11.98 23.19 4.41
C GLY A 385 12.92 22.69 3.34
N SER A 386 14.10 22.23 3.75
CA SER A 386 15.06 21.64 2.82
C SER A 386 14.89 20.14 2.68
N GLN A 387 13.85 19.56 3.27
CA GLN A 387 13.68 18.13 3.28
C GLN A 387 12.58 17.70 2.32
N ALA A 388 12.75 16.51 1.77
CA ALA A 388 11.73 15.87 0.94
C ALA A 388 10.68 15.25 1.83
N VAL A 389 9.47 15.12 1.30
CA VAL A 389 8.47 14.30 1.96
C VAL A 389 8.33 13.01 1.18
N GLY A 390 7.50 12.10 1.67
CA GLY A 390 7.42 10.80 1.03
C GLY A 390 6.73 10.85 -0.30
N ARG A 391 6.04 11.95 -0.57
CA ARG A 391 5.33 12.11 -1.83
C ARG A 391 6.23 12.71 -2.91
N SER A 392 7.46 13.08 -2.57
CA SER A 392 8.39 13.61 -3.53
C SER A 392 8.85 12.53 -4.51
N SER A 393 9.01 12.91 -5.77
CA SER A 393 9.34 11.98 -6.83
C SER A 393 10.72 12.28 -7.40
N PHE A 394 11.39 11.23 -7.83
CA PHE A 394 12.69 11.30 -8.47
C PHE A 394 12.59 10.70 -9.85
N TYR A 395 13.12 11.39 -10.85
CA TYR A 395 13.06 10.94 -12.23
C TYR A 395 14.47 10.67 -12.74
N CYS A 396 14.68 9.50 -13.30
CA CYS A 396 15.88 9.19 -14.05
C CYS A 396 15.58 9.35 -15.52
N LEU A 397 16.20 10.33 -16.16
CA LEU A 397 15.95 10.54 -17.58
C LEU A 397 16.59 9.47 -18.44
N GLU A 398 17.50 8.67 -17.88
CA GLU A 398 18.04 7.53 -18.59
C GLU A 398 16.99 6.44 -18.77
N TYR A 399 15.84 6.58 -18.11
CA TYR A 399 14.82 5.56 -18.06
C TYR A 399 13.74 5.77 -19.11
N PHE A 400 13.92 6.69 -19.97
CA PHE A 400 13.31 7.08 -21.21
C PHE A 400 14.10 6.54 -22.40
N PRO A 401 13.43 5.94 -23.38
CA PRO A 401 14.15 5.57 -24.60
C PRO A 401 14.57 6.81 -25.39
N SER A 402 15.83 6.83 -25.79
CA SER A 402 16.37 7.98 -26.51
C SER A 402 17.16 7.51 -27.72
N GLN A 403 17.29 8.41 -28.68
CA GLN A 403 18.03 8.13 -29.91
C GLN A 403 19.48 8.58 -29.75
N MET A 404 20.41 7.69 -30.10
CA MET A 404 21.83 7.94 -29.95
C MET A 404 22.43 8.31 -31.30
N LEU A 405 23.12 9.45 -31.35
CA LEU A 405 23.59 10.04 -32.60
C LEU A 405 25.11 10.12 -32.60
N ARG A 406 25.73 9.51 -33.61
CA ARG A 406 27.12 9.80 -33.91
C ARG A 406 27.20 10.98 -34.87
N THR A 407 28.40 11.23 -35.39
CA THR A 407 28.63 12.46 -36.15
C THR A 407 27.86 12.50 -37.46
N GLY A 408 27.48 11.36 -38.03
CA GLY A 408 26.72 11.36 -39.26
C GLY A 408 25.22 11.30 -39.11
N ASN A 409 24.73 10.99 -37.93
CA ASN A 409 23.30 10.84 -37.68
C ASN A 409 22.65 12.19 -37.41
N ASN A 410 21.34 12.26 -37.67
CA ASN A 410 20.54 13.44 -37.39
C ASN A 410 19.23 13.04 -36.73
N PHE A 411 18.54 14.04 -36.18
CA PHE A 411 17.32 13.85 -35.42
C PHE A 411 16.28 14.88 -35.84
N GLN A 412 15.03 14.46 -35.97
CA GLN A 412 13.97 15.40 -36.27
C GLN A 412 12.63 14.87 -35.77
N PHE A 413 11.70 15.79 -35.53
CA PHE A 413 10.31 15.42 -35.25
C PHE A 413 9.44 16.63 -35.57
N SER A 414 8.15 16.37 -35.74
CA SER A 414 7.20 17.43 -35.99
C SER A 414 6.12 17.42 -34.91
N TYR A 415 5.51 18.58 -34.70
CA TYR A 415 4.55 18.78 -33.62
C TYR A 415 3.39 19.63 -34.11
N GLU A 416 2.19 19.23 -33.72
CA GLU A 416 0.97 19.94 -34.07
C GLU A 416 0.47 20.68 -32.83
N PHE A 417 0.42 22.00 -32.90
CA PHE A 417 -0.16 22.78 -31.83
C PHE A 417 -1.65 22.48 -31.69
N GLU A 418 -2.12 22.40 -30.45
CA GLU A 418 -3.55 22.23 -30.25
C GLU A 418 -4.24 23.57 -30.43
N ASN A 419 -5.52 23.50 -30.79
CA ASN A 419 -6.25 24.71 -31.14
C ASN A 419 -6.29 25.68 -29.97
N VAL A 420 -5.80 26.89 -30.22
CA VAL A 420 -5.76 27.95 -29.21
C VAL A 420 -6.32 29.21 -29.84
N PRO A 421 -6.81 30.15 -29.01
CA PRO A 421 -7.37 31.39 -29.53
C PRO A 421 -6.31 32.35 -30.09
N PHE A 422 -6.66 33.13 -31.10
CA PHE A 422 -5.71 34.07 -31.68
C PHE A 422 -5.32 35.10 -30.62
N HIS A 423 -4.04 35.42 -30.52
CA HIS A 423 -3.67 36.46 -29.57
C HIS A 423 -4.19 37.75 -30.17
N SER A 424 -4.77 38.61 -29.36
CA SER A 424 -5.28 39.86 -29.89
C SER A 424 -4.14 40.84 -29.96
N SER A 425 -3.91 41.42 -31.13
CA SER A 425 -2.82 42.36 -31.28
C SER A 425 -3.38 43.65 -31.85
N TYR A 426 -4.19 44.29 -31.03
CA TYR A 426 -4.84 45.53 -31.35
C TYR A 426 -5.27 46.18 -30.04
N ALA A 427 -5.56 47.47 -30.08
CA ALA A 427 -6.00 48.18 -28.90
C ALA A 427 -7.42 48.63 -29.21
N HIS A 428 -8.35 48.42 -28.29
CA HIS A 428 -9.73 48.82 -28.56
C HIS A 428 -9.82 50.34 -28.65
N SER A 429 -10.39 50.83 -29.74
CA SER A 429 -10.56 52.26 -29.95
C SER A 429 -11.50 52.87 -28.93
N GLN A 430 -12.56 52.14 -28.60
CA GLN A 430 -13.57 52.59 -27.64
C GLN A 430 -13.28 52.11 -26.22
N SER A 431 -14.07 52.59 -25.26
CA SER A 431 -13.87 52.18 -23.88
C SER A 431 -15.16 51.56 -23.35
N LEU A 432 -15.03 50.77 -22.30
CA LEU A 432 -16.15 49.95 -21.84
C LEU A 432 -17.32 50.81 -21.39
N ASP A 433 -17.05 51.93 -20.73
CA ASP A 433 -18.09 52.80 -20.19
C ASP A 433 -18.61 53.82 -21.19
N ARG A 434 -17.90 54.08 -22.28
CA ARG A 434 -18.33 55.03 -23.29
C ARG A 434 -19.03 54.39 -24.49
N LEU A 435 -19.29 53.09 -24.44
CA LEU A 435 -20.08 52.46 -25.50
C LEU A 435 -21.43 53.14 -25.66
N LEU A 444 -34.68 54.65 -19.18
CA LEU A 444 -34.25 54.20 -17.86
C LEU A 444 -33.91 55.39 -16.98
N TYR A 445 -34.18 55.26 -15.68
CA TYR A 445 -34.06 56.35 -14.72
C TYR A 445 -33.09 55.97 -13.61
N TYR A 446 -32.62 56.99 -12.90
CA TYR A 446 -31.73 56.83 -11.77
C TYR A 446 -32.15 57.81 -10.68
N LEU A 447 -31.59 57.64 -9.49
CA LEU A 447 -31.96 58.46 -8.35
C LEU A 447 -31.06 59.69 -8.29
N SER A 448 -31.63 60.85 -8.60
CA SER A 448 -30.88 62.09 -8.66
C SER A 448 -30.72 62.77 -7.31
N LYS A 449 -31.78 62.84 -6.51
CA LYS A 449 -31.77 63.62 -5.28
C LYS A 449 -32.41 62.84 -4.16
N THR A 450 -31.72 62.75 -3.02
CA THR A 450 -32.33 62.19 -1.83
C THR A 450 -32.83 63.24 -0.85
N ILE A 451 -32.59 64.52 -1.10
CA ILE A 451 -33.09 65.60 -0.27
C ILE A 451 -33.47 66.78 -1.16
N ASN A 452 -34.49 67.53 -0.71
CA ASN A 452 -34.90 68.73 -1.42
C ASN A 452 -33.89 69.86 -1.25
N GLY A 453 -33.46 70.10 -0.01
CA GLY A 453 -32.51 71.15 0.26
C GLY A 453 -31.99 71.03 1.67
N SER A 454 -31.36 72.10 2.14
CA SER A 454 -30.82 72.12 3.49
C SER A 454 -31.95 72.29 4.50
N GLY A 455 -31.88 71.49 5.57
CA GLY A 455 -32.83 71.61 6.65
C GLY A 455 -33.08 70.26 7.28
N GLN A 456 -34.15 70.20 8.07
CA GLN A 456 -34.56 68.98 8.74
C GLN A 456 -35.74 68.37 8.00
N ASN A 457 -35.79 67.04 7.98
CA ASN A 457 -36.89 66.30 7.36
C ASN A 457 -37.07 66.66 5.90
N GLN A 458 -35.95 66.82 5.19
CA GLN A 458 -35.95 67.15 3.78
C GLN A 458 -35.89 65.94 2.86
N GLN A 459 -35.99 64.73 3.42
CA GLN A 459 -35.84 63.52 2.62
C GLN A 459 -36.83 63.49 1.47
N THR A 460 -36.36 63.04 0.32
CA THR A 460 -37.20 62.92 -0.87
C THR A 460 -36.58 61.89 -1.80
N LEU A 461 -37.36 61.48 -2.79
CA LEU A 461 -36.87 60.61 -3.86
C LEU A 461 -37.21 61.25 -5.19
N LYS A 462 -36.19 61.65 -5.94
CA LYS A 462 -36.35 62.24 -7.26
C LYS A 462 -35.58 61.43 -8.28
N PHE A 463 -36.18 61.21 -9.44
CA PHE A 463 -35.60 60.38 -10.47
C PHE A 463 -35.43 61.19 -11.75
N SER A 464 -34.31 60.98 -12.43
CA SER A 464 -33.98 61.72 -13.63
C SER A 464 -33.59 60.73 -14.73
N VAL A 465 -33.72 61.18 -15.97
CA VAL A 465 -33.40 60.33 -17.11
C VAL A 465 -31.90 60.23 -17.26
N ALA A 466 -31.42 59.03 -17.60
CA ALA A 466 -30.01 58.85 -17.93
C ALA A 466 -29.79 59.20 -19.39
N GLY A 467 -28.92 60.16 -19.64
CA GLY A 467 -28.71 60.65 -20.97
C GLY A 467 -27.30 61.18 -21.17
N PRO A 468 -27.03 61.70 -22.38
CA PRO A 468 -25.65 62.12 -22.70
C PRO A 468 -25.09 63.16 -21.76
N SER A 469 -25.95 63.92 -21.08
CA SER A 469 -25.46 64.92 -20.13
C SER A 469 -24.67 64.27 -19.00
N ASN A 470 -25.21 63.23 -18.37
CA ASN A 470 -24.50 62.51 -17.33
C ASN A 470 -24.37 61.05 -17.77
N MET A 471 -23.16 60.66 -18.15
CA MET A 471 -22.90 59.30 -18.61
C MET A 471 -22.40 58.38 -17.52
N ALA A 472 -22.09 58.91 -16.33
CA ALA A 472 -21.62 58.05 -15.25
C ALA A 472 -22.72 57.12 -14.75
N VAL A 473 -23.97 57.58 -14.77
CA VAL A 473 -25.06 56.86 -14.13
C VAL A 473 -25.85 55.98 -15.08
N GLN A 474 -25.50 55.95 -16.36
CA GLN A 474 -26.32 55.18 -17.29
C GLN A 474 -26.17 53.69 -17.05
N GLY A 475 -27.23 52.96 -17.38
CA GLY A 475 -27.18 51.51 -17.26
C GLY A 475 -26.33 50.90 -18.35
N ARG A 476 -25.49 49.95 -17.96
CA ARG A 476 -24.58 49.28 -18.89
C ARG A 476 -24.73 47.78 -18.76
N ASN A 477 -24.50 47.09 -19.87
CA ASN A 477 -24.62 45.64 -19.92
C ASN A 477 -23.37 44.91 -19.46
N TYR A 478 -22.21 45.56 -19.45
CA TYR A 478 -20.98 44.85 -19.14
C TYR A 478 -20.10 45.71 -18.26
N ILE A 479 -19.22 45.05 -17.51
CA ILE A 479 -18.38 45.70 -16.52
C ILE A 479 -16.94 45.24 -16.74
N PRO A 480 -15.97 46.01 -16.27
CA PRO A 480 -14.57 45.64 -16.50
C PRO A 480 -14.14 44.43 -15.69
N GLY A 481 -13.03 43.84 -16.13
CA GLY A 481 -12.54 42.59 -15.60
C GLY A 481 -11.99 42.68 -14.19
N PRO A 482 -11.45 41.58 -13.70
CA PRO A 482 -11.07 41.48 -12.29
C PRO A 482 -9.79 42.24 -11.99
N SER A 483 -9.59 42.50 -10.70
CA SER A 483 -8.46 43.28 -10.23
C SER A 483 -7.92 42.70 -8.93
N TYR A 484 -6.61 42.75 -8.78
CA TYR A 484 -5.93 42.45 -7.53
C TYR A 484 -4.89 43.53 -7.36
N ARG A 485 -5.05 44.44 -6.39
CA ARG A 485 -4.36 45.71 -6.49
C ARG A 485 -2.85 45.57 -6.28
N GLN A 486 -2.08 46.31 -7.05
CA GLN A 486 -0.64 46.46 -6.92
C GLN A 486 -0.32 47.81 -6.28
N GLN A 487 0.80 47.86 -5.57
CA GLN A 487 1.32 49.13 -5.07
C GLN A 487 1.89 49.96 -6.21
N ARG A 488 1.76 51.28 -6.10
CA ARG A 488 2.17 52.19 -7.16
C ARG A 488 3.55 52.76 -6.87
N VAL A 489 4.45 52.67 -7.84
CA VAL A 489 5.81 53.17 -7.72
C VAL A 489 6.04 54.21 -8.81
N SER A 490 6.82 55.24 -8.49
CA SER A 490 7.12 56.30 -9.43
C SER A 490 8.54 56.16 -9.96
N THR A 491 8.71 56.45 -11.26
CA THR A 491 10.04 56.46 -11.85
C THR A 491 10.90 57.61 -11.37
N THR A 492 10.30 58.64 -10.77
CA THR A 492 11.06 59.71 -10.14
C THR A 492 11.23 59.38 -8.67
N VAL A 493 12.44 58.96 -8.29
CA VAL A 493 12.73 58.52 -6.92
C VAL A 493 12.36 59.47 -5.78
N THR A 494 12.34 60.77 -6.02
CA THR A 494 11.99 61.72 -4.98
C THR A 494 10.57 61.53 -4.49
N GLN A 495 9.67 61.24 -5.41
CA GLN A 495 8.24 61.05 -5.14
C GLN A 495 7.93 59.87 -4.21
N ASN A 496 8.68 58.78 -4.37
CA ASN A 496 8.49 57.59 -3.55
C ASN A 496 8.86 57.78 -2.08
N ASN A 497 8.21 57.04 -1.21
CA ASN A 497 8.46 57.10 0.22
C ASN A 497 9.88 56.63 0.57
N ASN A 498 10.48 57.24 1.58
CA ASN A 498 11.84 56.91 1.98
C ASN A 498 11.89 55.70 2.92
N SER A 499 11.57 54.53 2.38
CA SER A 499 11.57 53.30 3.16
C SER A 499 11.71 52.12 2.22
N GLU A 500 12.05 50.96 2.75
CA GLU A 500 12.20 49.76 1.94
C GLU A 500 10.89 49.00 1.91
N PHE A 501 10.05 49.31 0.92
CA PHE A 501 8.75 48.68 0.76
C PHE A 501 8.68 47.68 -0.38
N ALA A 502 9.81 47.32 -0.96
CA ALA A 502 9.78 46.43 -2.11
C ALA A 502 9.16 45.07 -1.80
N TRP A 503 9.53 44.46 -0.68
CA TRP A 503 8.94 43.18 -0.33
C TRP A 503 7.79 43.33 0.64
N PRO A 504 7.94 44.23 1.63
CA PRO A 504 6.91 44.47 2.64
C PRO A 504 5.63 45.00 2.03
N GLY A 505 5.75 45.88 1.04
CA GLY A 505 4.61 46.49 0.39
C GLY A 505 4.07 45.72 -0.79
N ALA A 506 4.69 44.60 -1.11
CA ALA A 506 4.27 43.76 -2.24
C ALA A 506 2.95 43.03 -2.03
N SER A 507 2.28 42.75 -3.14
CA SER A 507 1.02 42.04 -3.12
C SER A 507 1.41 40.61 -3.41
N SER A 508 0.95 39.67 -2.61
CA SER A 508 1.32 38.30 -2.85
C SER A 508 0.25 37.30 -2.49
N TRP A 509 0.56 36.04 -2.76
CA TRP A 509 -0.35 34.95 -2.43
C TRP A 509 0.41 33.89 -1.66
N ALA A 510 -0.27 33.25 -0.72
CA ALA A 510 0.32 32.28 0.18
C ALA A 510 -0.13 30.88 -0.22
N LEU A 511 0.82 29.96 -0.29
CA LEU A 511 0.53 28.57 -0.62
C LEU A 511 1.30 27.68 0.32
N ASN A 512 0.58 26.94 1.16
CA ASN A 512 1.19 26.01 2.11
C ASN A 512 2.17 26.72 3.04
N GLY A 513 1.82 27.95 3.41
CA GLY A 513 2.62 28.71 4.35
C GLY A 513 3.76 29.50 3.76
N ARG A 514 3.99 29.42 2.46
CA ARG A 514 5.02 30.19 1.80
C ARG A 514 4.39 31.30 0.98
N ASN A 515 4.93 32.51 1.09
CA ASN A 515 4.46 33.66 0.35
C ASN A 515 5.19 33.76 -0.98
N SER A 516 4.44 33.97 -2.05
CA SER A 516 5.01 34.26 -3.36
C SER A 516 4.52 35.62 -3.80
N LEU A 517 5.42 36.41 -4.36
CA LEU A 517 5.04 37.68 -4.95
C LEU A 517 3.99 37.45 -6.02
N MET A 518 3.05 38.38 -6.14
CA MET A 518 2.07 38.26 -7.23
C MET A 518 2.69 38.95 -8.43
N ASN A 519 3.19 38.14 -9.35
CA ASN A 519 3.98 38.64 -10.44
C ASN A 519 3.78 37.79 -11.69
N PRO A 520 3.54 38.42 -12.84
CA PRO A 520 3.07 39.80 -12.96
C PRO A 520 1.64 39.95 -12.46
N GLY A 521 0.93 38.84 -12.33
CA GLY A 521 -0.39 38.83 -11.77
C GLY A 521 -1.47 38.94 -12.83
N PRO A 522 -2.70 39.22 -12.41
CA PRO A 522 -3.79 39.41 -13.38
C PRO A 522 -3.50 40.58 -14.29
N ALA A 523 -4.09 40.54 -15.49
CA ALA A 523 -3.80 41.54 -16.51
C ALA A 523 -4.55 42.83 -16.21
N MET A 524 -3.82 43.90 -15.97
CA MET A 524 -4.43 45.18 -15.61
C MET A 524 -3.66 46.30 -16.30
N ALA A 525 -4.30 47.46 -16.37
CA ALA A 525 -3.65 48.63 -16.95
C ALA A 525 -2.55 49.13 -16.02
N SER A 526 -1.40 49.47 -16.62
CA SER A 526 -0.23 49.83 -15.83
C SER A 526 -0.42 51.15 -15.10
N HIS A 527 -1.13 52.10 -15.71
CA HIS A 527 -1.28 53.41 -15.11
C HIS A 527 -2.52 54.07 -15.69
N LYS A 528 -2.99 55.11 -15.00
CA LYS A 528 -4.08 55.91 -15.51
C LYS A 528 -3.61 56.74 -16.70
N GLU A 529 -4.58 57.21 -17.49
CA GLU A 529 -4.25 58.06 -18.63
C GLU A 529 -3.67 59.39 -18.15
N GLY A 530 -2.52 59.74 -18.69
CA GLY A 530 -1.84 60.96 -18.31
C GLY A 530 -0.72 60.80 -17.32
N GLU A 531 -0.58 59.64 -16.69
CA GLU A 531 0.51 59.39 -15.76
C GLU A 531 1.38 58.30 -16.36
N ASP A 532 2.53 58.68 -16.90
CA ASP A 532 3.48 57.70 -17.43
C ASP A 532 4.64 57.44 -16.47
N ARG A 533 4.69 58.13 -15.34
CA ARG A 533 5.81 57.96 -14.42
C ARG A 533 5.55 56.91 -13.36
N PHE A 534 4.32 56.41 -13.25
CA PHE A 534 3.98 55.40 -12.27
C PHE A 534 3.84 54.03 -12.92
N PHE A 535 4.32 53.02 -12.23
CA PHE A 535 4.19 51.64 -12.69
C PHE A 535 3.88 50.75 -11.50
N PRO A 536 3.12 49.67 -11.70
CA PRO A 536 2.83 48.76 -10.59
C PRO A 536 4.09 48.05 -10.14
N LEU A 537 4.16 47.78 -8.84
CA LEU A 537 5.37 47.23 -8.22
C LEU A 537 5.80 45.95 -8.91
N SER A 538 5.03 44.88 -8.77
CA SER A 538 5.29 43.62 -9.43
C SER A 538 4.45 43.39 -10.68
N GLY A 539 3.62 44.36 -11.08
CA GLY A 539 2.58 44.10 -12.05
C GLY A 539 2.99 44.08 -13.51
N SER A 540 4.26 44.32 -13.84
CA SER A 540 4.68 44.37 -15.22
C SER A 540 5.89 43.48 -15.45
N LEU A 541 6.14 43.17 -16.72
CA LEU A 541 7.35 42.47 -17.10
C LEU A 541 8.50 43.46 -17.25
N ILE A 542 9.67 43.07 -16.77
CA ILE A 542 10.85 43.94 -16.77
C ILE A 542 12.01 43.19 -17.39
N PHE A 543 12.48 43.68 -18.54
CA PHE A 543 13.57 43.07 -19.27
C PHE A 543 14.87 43.82 -19.03
N GLY A 544 15.98 43.10 -19.03
CA GLY A 544 17.27 43.73 -18.98
C GLY A 544 17.78 44.14 -20.35
N LYS A 545 18.44 45.29 -20.39
CA LYS A 545 19.12 45.73 -21.60
C LYS A 545 20.39 44.93 -21.80
N GLN A 546 20.89 44.94 -23.04
CA GLN A 546 22.08 44.19 -23.35
C GLN A 546 23.23 44.59 -22.45
N GLY A 547 23.84 43.60 -21.79
CA GLY A 547 24.94 43.85 -20.90
C GLY A 547 24.56 44.26 -19.50
N THR A 548 23.27 44.32 -19.19
CA THR A 548 22.83 44.68 -17.85
C THR A 548 23.26 43.63 -16.84
N GLY A 549 23.65 44.09 -15.66
CA GLY A 549 24.15 43.19 -14.63
C GLY A 549 23.05 42.35 -14.03
N ARG A 550 23.47 41.47 -13.13
CA ARG A 550 22.56 40.55 -12.45
C ARG A 550 21.88 41.17 -11.23
N ASP A 551 22.57 42.01 -10.46
CA ASP A 551 22.10 42.43 -9.16
C ASP A 551 22.12 43.94 -9.01
N ASN A 552 21.02 44.52 -8.54
CA ASN A 552 20.96 45.90 -8.07
C ASN A 552 21.40 46.89 -9.14
N VAL A 553 20.73 46.82 -10.27
CA VAL A 553 21.02 47.69 -11.41
C VAL A 553 20.01 48.82 -11.40
N ASP A 554 20.44 49.99 -11.88
CA ASP A 554 19.56 51.14 -11.81
C ASP A 554 18.45 51.04 -12.85
N ALA A 555 17.52 51.99 -12.78
CA ALA A 555 16.31 51.90 -13.59
C ALA A 555 16.59 52.12 -15.07
N ASP A 556 17.72 52.75 -15.39
CA ASP A 556 18.07 52.96 -16.79
C ASP A 556 18.73 51.74 -17.42
N LYS A 557 19.00 50.70 -16.64
CA LYS A 557 19.54 49.45 -17.17
C LYS A 557 18.47 48.43 -17.54
N VAL A 558 17.20 48.70 -17.21
CA VAL A 558 16.13 47.74 -17.42
C VAL A 558 15.03 48.38 -18.24
N MET A 559 14.26 47.53 -18.92
CA MET A 559 13.14 47.95 -19.76
C MET A 559 11.85 47.50 -19.09
N ILE A 560 11.07 48.45 -18.61
CA ILE A 560 9.84 48.18 -17.89
C ILE A 560 8.68 48.34 -18.87
N THR A 561 8.02 47.24 -19.20
CA THR A 561 6.88 47.30 -20.11
C THR A 561 5.70 47.97 -19.42
N ASN A 562 4.77 48.49 -20.23
CA ASN A 562 3.54 49.05 -19.69
C ASN A 562 2.36 48.52 -20.48
N GLU A 563 1.28 48.24 -19.77
CA GLU A 563 0.09 47.60 -20.29
C GLU A 563 -1.00 48.59 -20.68
N GLU A 564 -0.71 49.89 -20.68
CA GLU A 564 -1.74 50.91 -20.77
C GLU A 564 -2.72 50.69 -21.92
N GLU A 565 -2.34 49.92 -22.95
CA GLU A 565 -3.23 49.69 -24.07
C GLU A 565 -4.57 49.10 -23.67
N ILE A 566 -4.61 48.32 -22.59
CA ILE A 566 -5.80 47.55 -22.23
C ILE A 566 -6.68 48.29 -21.24
N LYS A 567 -6.35 49.56 -20.95
CA LYS A 567 -7.11 50.31 -19.97
C LYS A 567 -8.57 50.53 -20.38
N THR A 568 -8.93 50.18 -21.61
CA THR A 568 -10.32 50.32 -22.02
C THR A 568 -11.21 49.29 -21.32
N THR A 569 -10.85 48.01 -21.37
CA THR A 569 -11.64 46.97 -20.71
C THR A 569 -11.11 46.53 -19.35
N ASN A 570 -9.95 47.00 -18.92
CA ASN A 570 -9.42 46.46 -17.67
C ASN A 570 -9.16 47.59 -16.68
N PRO A 571 -9.30 47.32 -15.38
CA PRO A 571 -9.00 48.34 -14.38
C PRO A 571 -7.50 48.59 -14.28
N VAL A 572 -7.16 49.72 -13.67
CA VAL A 572 -5.77 50.09 -13.48
C VAL A 572 -5.18 49.28 -12.34
N ALA A 573 -3.96 48.79 -12.52
CA ALA A 573 -3.36 47.89 -11.56
C ALA A 573 -3.19 48.53 -10.19
N THR A 574 -3.01 49.84 -10.14
CA THR A 574 -2.73 50.56 -8.91
C THR A 574 -3.96 51.19 -8.28
N GLU A 575 -5.14 50.93 -8.83
CA GLU A 575 -6.37 51.54 -8.34
C GLU A 575 -7.30 50.49 -7.77
N SER A 576 -8.21 50.95 -6.92
CA SER A 576 -9.29 50.08 -6.46
C SER A 576 -10.23 49.76 -7.62
N TYR A 577 -10.97 48.67 -7.48
CA TYR A 577 -11.95 48.32 -8.51
C TYR A 577 -13.14 49.26 -8.46
N GLY A 578 -13.52 49.69 -7.27
CA GLY A 578 -14.71 50.51 -7.12
C GLY A 578 -15.07 50.67 -5.67
N GLN A 579 -16.36 50.91 -5.43
CA GLN A 579 -16.89 51.07 -4.07
C GLN A 579 -18.12 50.20 -3.91
N VAL A 580 -18.36 49.79 -2.67
CA VAL A 580 -19.54 49.02 -2.30
C VAL A 580 -20.16 49.67 -1.07
N ALA A 581 -21.41 49.32 -0.82
CA ALA A 581 -22.09 49.75 0.40
C ALA A 581 -21.69 48.85 1.56
N THR A 582 -21.32 49.45 2.68
CA THR A 582 -20.94 48.69 3.85
C THR A 582 -22.01 48.60 4.93
N ASN A 583 -23.18 49.21 4.73
CA ASN A 583 -24.15 49.25 5.82
C ASN A 583 -25.55 49.41 5.25
N HIS A 584 -26.51 49.62 6.15
CA HIS A 584 -27.86 50.08 5.82
C HIS A 584 -28.01 51.50 6.33
N GLN A 585 -28.30 52.43 5.42
CA GLN A 585 -28.61 53.78 5.85
C GLN A 585 -29.92 53.79 6.62
N SER A 586 -30.11 54.83 7.40
CA SER A 586 -31.34 55.00 8.17
C SER A 586 -31.43 56.46 8.56
N ALA A 587 -32.52 56.81 9.23
CA ALA A 587 -32.62 58.16 9.77
C ALA A 587 -31.48 58.45 10.74
N GLN A 588 -30.94 57.41 11.37
CA GLN A 588 -29.86 57.56 12.32
C GLN A 588 -28.47 57.29 11.75
N ALA A 589 -28.37 56.85 10.49
CA ALA A 589 -27.09 56.39 9.97
C ALA A 589 -26.88 56.84 8.53
N GLN A 590 -25.73 57.46 8.29
CA GLN A 590 -25.35 57.89 6.95
C GLN A 590 -24.86 56.72 6.11
N ALA A 591 -25.02 56.84 4.80
CA ALA A 591 -24.52 55.82 3.90
C ALA A 591 -23.02 55.71 3.98
N GLN A 592 -22.54 54.49 4.22
CA GLN A 592 -21.11 54.23 4.32
C GLN A 592 -20.68 53.36 3.15
N THR A 593 -19.47 53.59 2.67
CA THR A 593 -18.92 52.83 1.55
C THR A 593 -17.52 52.37 1.91
N GLY A 594 -17.00 51.46 1.09
CA GLY A 594 -15.65 50.97 1.27
C GLY A 594 -15.07 50.62 -0.07
N TRP A 595 -13.76 50.60 -0.13
CA TRP A 595 -13.05 50.42 -1.39
C TRP A 595 -12.81 48.94 -1.65
N VAL A 596 -13.00 48.53 -2.90
CA VAL A 596 -12.78 47.15 -3.30
C VAL A 596 -11.35 47.03 -3.78
N GLN A 597 -10.51 46.38 -2.99
CA GLN A 597 -9.10 46.27 -3.35
C GLN A 597 -8.86 45.11 -4.30
N ASN A 598 -9.63 44.05 -4.18
CA ASN A 598 -9.56 42.90 -5.07
C ASN A 598 -10.97 42.46 -5.42
N GLN A 599 -11.16 42.05 -6.65
CA GLN A 599 -12.46 41.63 -7.14
C GLN A 599 -12.28 40.40 -8.02
N GLY A 600 -13.01 39.34 -7.72
CA GLY A 600 -13.03 38.17 -8.56
C GLY A 600 -14.02 38.33 -9.68
N ILE A 601 -14.11 37.29 -10.51
CA ILE A 601 -14.99 37.31 -11.66
C ILE A 601 -16.44 37.53 -11.22
N LEU A 602 -17.14 38.39 -11.96
CA LEU A 602 -18.57 38.54 -11.85
C LEU A 602 -19.20 38.30 -13.21
N PRO A 603 -20.45 37.81 -13.26
CA PRO A 603 -21.12 37.65 -14.55
C PRO A 603 -21.29 39.00 -15.23
N GLY A 604 -20.87 39.06 -16.49
CA GLY A 604 -20.91 40.29 -17.25
C GLY A 604 -19.58 41.01 -17.38
N MET A 605 -18.49 40.44 -16.89
CA MET A 605 -17.17 41.02 -17.06
C MET A 605 -16.61 40.70 -18.44
N VAL A 606 -15.83 41.63 -18.97
CA VAL A 606 -15.01 41.40 -20.15
C VAL A 606 -13.62 41.94 -19.84
N TRP A 607 -12.61 41.33 -20.43
CA TRP A 607 -11.23 41.75 -20.15
C TRP A 607 -10.33 41.41 -21.32
N GLN A 608 -9.16 42.02 -21.33
CA GLN A 608 -8.08 41.71 -22.24
C GLN A 608 -6.97 40.97 -21.52
N ASP A 609 -6.31 40.08 -22.24
CA ASP A 609 -5.14 39.39 -21.72
C ASP A 609 -3.93 40.31 -21.77
N ARG A 610 -2.78 39.78 -21.34
CA ARG A 610 -1.55 40.54 -21.38
C ARG A 610 -0.92 40.45 -22.77
N ASP A 611 -0.28 41.54 -23.17
CA ASP A 611 0.32 41.59 -24.49
C ASP A 611 1.58 40.73 -24.53
N VAL A 612 1.95 40.33 -25.75
CA VAL A 612 3.17 39.56 -25.98
C VAL A 612 4.22 40.48 -26.58
N TYR A 613 5.49 40.17 -26.29
CA TYR A 613 6.59 41.01 -26.73
C TYR A 613 7.59 40.21 -27.55
N LEU A 614 8.39 40.93 -28.33
CA LEU A 614 9.39 40.27 -29.17
C LEU A 614 10.37 39.49 -28.30
N GLN A 615 10.64 39.96 -27.09
CA GLN A 615 11.53 39.31 -26.15
C GLN A 615 10.84 38.34 -25.21
N GLY A 616 9.51 38.25 -25.28
CA GLY A 616 8.73 37.55 -24.30
C GLY A 616 8.42 36.11 -24.65
N PRO A 617 7.78 35.40 -23.73
CA PRO A 617 7.49 33.98 -23.95
C PRO A 617 6.35 33.76 -24.93
N ILE A 618 6.31 32.55 -25.47
CA ILE A 618 5.30 32.19 -26.46
C ILE A 618 4.19 31.38 -25.82
N TRP A 619 4.51 30.21 -25.27
CA TRP A 619 3.51 29.31 -24.72
C TRP A 619 3.84 28.96 -23.28
N ALA A 620 2.85 28.40 -22.60
CA ALA A 620 3.02 27.79 -21.29
C ALA A 620 2.24 26.49 -21.26
N LYS A 621 2.55 25.63 -20.30
CA LYS A 621 1.78 24.41 -20.09
C LYS A 621 0.73 24.66 -19.03
N ILE A 622 -0.51 24.35 -19.36
CA ILE A 622 -1.58 24.46 -18.36
C ILE A 622 -1.40 23.33 -17.35
N PRO A 623 -1.28 23.62 -16.06
CA PRO A 623 -1.10 22.56 -15.07
C PRO A 623 -2.25 21.57 -15.16
N HIS A 624 -1.97 20.32 -14.83
CA HIS A 624 -2.97 19.26 -14.97
C HIS A 624 -3.74 19.19 -13.66
N THR A 625 -5.00 19.65 -13.69
CA THR A 625 -5.76 19.91 -12.49
C THR A 625 -7.23 19.65 -12.78
N ASP A 626 -8.02 19.60 -11.71
CA ASP A 626 -9.46 19.40 -11.86
C ASP A 626 -10.11 20.60 -12.54
N GLY A 627 -9.65 21.80 -12.23
CA GLY A 627 -10.26 22.98 -12.79
C GLY A 627 -9.26 24.10 -12.97
N ASN A 628 -9.62 25.00 -13.88
CA ASN A 628 -8.86 26.19 -14.18
C ASN A 628 -9.83 27.21 -14.76
N PHE A 629 -9.46 28.47 -14.71
CA PHE A 629 -10.29 29.49 -15.34
C PHE A 629 -9.44 30.38 -16.22
N HIS A 630 -9.85 30.53 -17.47
CA HIS A 630 -9.19 31.32 -18.50
C HIS A 630 -7.71 30.95 -18.49
N PRO A 631 -7.37 29.77 -18.94
CA PRO A 631 -6.02 29.22 -18.75
C PRO A 631 -4.89 30.01 -19.36
N SER A 632 -5.19 31.05 -20.14
CA SER A 632 -4.16 31.89 -20.73
C SER A 632 -3.13 32.30 -19.69
N PRO A 633 -1.84 32.09 -19.94
CA PRO A 633 -0.84 32.29 -18.88
C PRO A 633 -0.65 33.75 -18.54
N LEU A 634 -0.26 33.99 -17.28
CA LEU A 634 -0.23 35.35 -16.76
C LEU A 634 0.98 36.14 -17.22
N MET A 635 2.04 35.49 -17.67
CA MET A 635 3.14 36.24 -18.26
C MET A 635 2.94 36.50 -19.74
N GLY A 636 1.84 36.05 -20.33
CA GLY A 636 1.56 36.28 -21.72
C GLY A 636 1.79 35.04 -22.55
N GLY A 637 1.10 34.97 -23.68
CA GLY A 637 1.23 33.87 -24.58
C GLY A 637 0.06 32.91 -24.58
N PHE A 638 0.28 31.77 -25.22
CA PHE A 638 -0.76 30.78 -25.46
C PHE A 638 -0.63 29.66 -24.44
N GLY A 639 -1.66 29.45 -23.63
CA GLY A 639 -1.68 28.33 -22.71
C GLY A 639 -2.16 27.06 -23.41
N MET A 640 -1.53 25.94 -23.07
CA MET A 640 -1.79 24.68 -23.75
C MET A 640 -1.68 23.54 -22.77
N LYS A 641 -2.57 22.56 -22.90
CA LYS A 641 -2.44 21.35 -22.09
C LYS A 641 -1.39 20.39 -22.63
N HIS A 642 -1.20 20.36 -23.95
CA HIS A 642 -0.12 19.61 -24.57
C HIS A 642 0.74 20.59 -25.36
N PRO A 643 1.61 21.33 -24.68
CA PRO A 643 2.48 22.28 -25.37
C PRO A 643 3.53 21.54 -26.17
N PRO A 644 4.40 22.25 -26.89
CA PRO A 644 5.52 21.59 -27.53
C PRO A 644 6.34 20.83 -26.52
N PRO A 645 6.69 19.58 -26.81
CA PRO A 645 7.37 18.76 -25.81
C PRO A 645 8.77 19.27 -25.52
N GLN A 646 9.28 18.84 -24.38
CA GLN A 646 10.65 19.13 -24.03
C GLN A 646 11.59 18.25 -24.85
N ILE A 647 12.78 18.76 -25.13
CA ILE A 647 13.76 18.07 -25.94
C ILE A 647 15.02 17.99 -25.12
N LEU A 648 15.40 16.78 -24.72
CA LEU A 648 16.46 16.58 -23.76
C LEU A 648 17.68 15.97 -24.46
N ILE A 649 18.87 16.43 -24.09
CA ILE A 649 20.08 16.04 -24.79
C ILE A 649 21.23 15.96 -23.80
N LYS A 650 22.08 14.95 -23.94
CA LYS A 650 23.29 14.85 -23.14
C LYS A 650 24.36 14.15 -23.96
N ASN A 651 25.61 14.32 -23.51
CA ASN A 651 26.73 13.57 -24.07
C ASN A 651 26.82 12.22 -23.39
N THR A 652 26.87 11.17 -24.19
CA THR A 652 27.03 9.83 -23.64
C THR A 652 28.37 9.72 -22.94
N PRO A 653 28.41 9.30 -21.68
CA PRO A 653 29.69 9.23 -20.98
C PRO A 653 30.62 8.20 -21.60
N VAL A 654 31.87 8.60 -21.80
CA VAL A 654 32.90 7.70 -22.29
C VAL A 654 33.93 7.55 -21.18
N PRO A 655 34.05 6.38 -20.57
CA PRO A 655 34.98 6.23 -19.44
C PRO A 655 36.43 6.25 -19.88
N ALA A 656 37.30 6.59 -18.94
CA ALA A 656 38.73 6.44 -19.13
C ALA A 656 39.09 4.96 -18.98
N ASP A 657 40.38 4.67 -18.94
CA ASP A 657 40.78 3.29 -18.82
C ASP A 657 40.42 2.73 -17.45
N PRO A 658 39.66 1.65 -17.38
CA PRO A 658 39.36 1.03 -16.10
C PRO A 658 40.57 0.28 -15.58
N PRO A 659 40.59 -0.06 -14.30
CA PRO A 659 41.70 -0.86 -13.77
C PRO A 659 41.75 -2.25 -14.38
N THR A 660 42.87 -2.94 -14.20
CA THR A 660 43.09 -4.27 -14.75
C THR A 660 42.44 -5.37 -13.92
N ALA A 661 42.21 -5.14 -12.63
CA ALA A 661 41.47 -6.07 -11.79
C ALA A 661 40.07 -5.55 -11.58
N PHE A 662 39.10 -6.47 -11.54
CA PHE A 662 37.70 -6.07 -11.44
C PHE A 662 37.41 -5.31 -10.16
N ASN A 663 36.55 -4.32 -10.25
CA ASN A 663 36.10 -3.52 -9.12
C ASN A 663 34.63 -3.20 -9.34
N LYS A 664 33.82 -3.33 -8.29
CA LYS A 664 32.37 -3.27 -8.47
C LYS A 664 31.83 -1.85 -8.43
N ASP A 665 32.66 -0.88 -8.06
CA ASP A 665 32.21 0.49 -7.98
C ASP A 665 31.85 1.02 -9.35
N LYS A 666 31.01 2.04 -9.39
CA LYS A 666 30.75 2.68 -10.66
C LYS A 666 31.96 3.50 -11.06
N LEU A 667 32.09 3.75 -12.36
CA LEU A 667 33.25 4.44 -12.87
C LEU A 667 33.10 5.94 -12.67
N ASN A 668 34.03 6.55 -11.94
CA ASN A 668 34.05 7.99 -11.75
C ASN A 668 35.05 8.71 -12.65
N SER A 669 35.82 7.99 -13.47
CA SER A 669 36.88 8.57 -14.27
C SER A 669 36.48 8.55 -15.74
N PHE A 670 36.26 9.74 -16.31
CA PHE A 670 35.73 9.87 -17.65
C PHE A 670 36.62 10.76 -18.50
N ILE A 671 36.43 10.67 -19.81
CA ILE A 671 37.14 11.49 -20.77
C ILE A 671 36.44 12.83 -20.89
N THR A 672 37.19 13.92 -20.71
CA THR A 672 36.62 15.26 -20.84
C THR A 672 36.16 15.48 -22.26
N GLN A 673 34.93 15.95 -22.42
CA GLN A 673 34.29 15.88 -23.71
C GLN A 673 33.17 16.90 -23.79
N TYR A 674 32.85 17.31 -25.02
CA TYR A 674 31.70 18.16 -25.26
C TYR A 674 31.31 18.01 -26.72
N SER A 675 30.11 18.47 -27.05
CA SER A 675 29.61 18.34 -28.40
C SER A 675 29.08 19.68 -28.90
N THR A 676 28.93 19.76 -30.22
CA THR A 676 28.40 20.97 -30.86
C THR A 676 27.73 20.56 -32.16
N GLY A 677 26.86 21.43 -32.64
CA GLY A 677 26.09 21.10 -33.84
C GLY A 677 25.13 22.21 -34.18
N GLN A 678 24.13 21.85 -34.98
CA GLN A 678 23.17 22.81 -35.53
C GLN A 678 21.75 22.42 -35.13
N VAL A 679 20.92 23.42 -34.89
CA VAL A 679 19.50 23.24 -34.59
C VAL A 679 18.69 24.16 -35.48
N SER A 680 17.66 23.61 -36.12
CA SER A 680 16.72 24.38 -36.89
C SER A 680 15.31 24.09 -36.41
N VAL A 681 14.53 25.14 -36.20
CA VAL A 681 13.16 25.04 -35.74
C VAL A 681 12.25 25.89 -36.63
N GLU A 682 11.24 25.25 -37.19
CA GLU A 682 10.33 25.87 -38.14
C GLU A 682 8.92 25.88 -37.54
N ILE A 683 8.32 27.05 -37.44
CA ILE A 683 6.95 27.19 -36.95
C ILE A 683 6.09 27.82 -38.03
N GLU A 684 4.93 27.21 -38.28
CA GLU A 684 3.92 27.79 -39.14
C GLU A 684 2.93 28.56 -38.30
N TRP A 685 2.70 29.82 -38.65
CA TRP A 685 1.82 30.71 -37.92
C TRP A 685 0.59 31.01 -38.77
N GLU A 686 -0.56 31.14 -38.12
CA GLU A 686 -1.79 31.54 -38.79
C GLU A 686 -2.12 32.97 -38.41
N LEU A 687 -2.58 33.75 -39.39
CA LEU A 687 -2.81 35.16 -39.23
C LEU A 687 -4.29 35.48 -39.28
N GLN A 688 -4.70 36.53 -38.58
CA GLN A 688 -6.09 36.92 -38.60
C GLN A 688 -6.27 38.20 -39.42
N GLU B 418 -28.11 33.83 -33.48
CA GLU B 418 -27.25 32.69 -33.23
C GLU B 418 -27.66 31.96 -31.97
N ASN B 419 -27.05 30.80 -31.73
CA ASN B 419 -27.48 29.94 -30.64
C ASN B 419 -27.27 30.63 -29.30
N VAL B 420 -28.35 30.74 -28.52
CA VAL B 420 -28.31 31.35 -27.20
C VAL B 420 -29.19 30.52 -26.29
N PRO B 421 -28.92 30.57 -24.98
CA PRO B 421 -29.67 29.84 -23.97
C PRO B 421 -31.06 30.42 -23.79
N PHE B 422 -32.06 29.57 -23.57
CA PHE B 422 -33.41 30.05 -23.39
C PHE B 422 -33.45 30.92 -22.15
N HIS B 423 -34.14 32.05 -22.22
CA HIS B 423 -34.27 32.91 -21.06
C HIS B 423 -35.17 32.15 -20.09
N SER B 424 -34.86 32.18 -18.81
CA SER B 424 -35.69 31.47 -17.85
C SER B 424 -36.87 32.33 -17.46
N SER B 425 -38.07 31.80 -17.58
CA SER B 425 -39.26 32.55 -17.23
C SER B 425 -40.04 31.67 -16.27
N TYR B 426 -39.45 31.51 -15.10
CA TYR B 426 -40.02 30.73 -14.02
C TYR B 426 -39.36 31.19 -12.73
N ALA B 427 -39.99 30.91 -11.60
CA ALA B 427 -39.43 31.25 -10.31
C ALA B 427 -39.21 29.93 -9.61
N HIS B 428 -38.05 29.76 -9.00
CA HIS B 428 -37.79 28.51 -8.30
C HIS B 428 -38.76 28.34 -7.16
N SER B 429 -39.26 27.12 -6.99
CA SER B 429 -40.19 26.80 -5.92
C SER B 429 -39.44 26.29 -4.68
N GLN B 430 -38.12 26.21 -4.79
CA GLN B 430 -37.27 25.76 -3.71
C GLN B 430 -36.14 26.74 -3.53
N SER B 431 -35.60 26.81 -2.32
CA SER B 431 -34.48 27.68 -2.05
C SER B 431 -33.21 26.86 -1.90
N LEU B 432 -32.09 27.49 -2.22
CA LEU B 432 -30.82 26.76 -2.33
C LEU B 432 -30.42 26.11 -1.02
N ASP B 433 -30.91 26.61 0.11
CA ASP B 433 -30.55 26.07 1.41
C ASP B 433 -31.56 25.08 1.96
N ARG B 434 -32.67 24.85 1.26
CA ARG B 434 -33.69 23.90 1.69
C ARG B 434 -33.73 22.60 0.90
N LEU B 435 -32.75 22.32 0.03
CA LEU B 435 -32.84 21.19 -0.88
C LEU B 435 -32.87 19.81 -0.19
N MET B 436 -32.71 19.74 1.13
CA MET B 436 -32.60 18.51 1.87
C MET B 436 -33.95 17.79 2.03
N ASN B 437 -33.87 16.51 2.38
CA ASN B 437 -35.03 15.76 2.86
C ASN B 437 -35.28 16.09 4.33
N PRO B 438 -36.42 16.70 4.67
CA PRO B 438 -36.63 17.15 6.05
C PRO B 438 -36.80 16.03 7.06
N LEU B 439 -36.97 14.80 6.63
CA LEU B 439 -37.30 13.72 7.55
C LEU B 439 -36.09 12.94 8.05
N ILE B 440 -34.92 13.14 7.45
CA ILE B 440 -33.79 12.22 7.60
C ILE B 440 -32.57 13.00 8.08
N ASP B 441 -31.74 12.34 8.88
CA ASP B 441 -30.45 12.89 9.26
C ASP B 441 -29.43 12.80 8.14
N GLN B 442 -28.43 13.66 8.21
CA GLN B 442 -27.20 13.43 7.48
C GLN B 442 -26.29 12.48 8.24
N TYR B 443 -25.39 11.84 7.51
CA TYR B 443 -24.35 11.04 8.14
C TYR B 443 -23.13 11.89 8.48
N LEU B 444 -23.24 13.19 8.34
CA LEU B 444 -22.17 14.12 8.64
C LEU B 444 -22.40 14.81 9.97
N TYR B 445 -21.31 15.14 10.65
CA TYR B 445 -21.33 15.79 11.95
C TYR B 445 -20.83 17.22 11.83
N TYR B 446 -21.24 18.04 12.78
CA TYR B 446 -20.76 19.40 12.88
C TYR B 446 -20.34 19.63 14.32
N LEU B 447 -19.64 20.74 14.55
CA LEU B 447 -19.10 21.02 15.88
C LEU B 447 -20.13 21.84 16.64
N SER B 448 -20.75 21.20 17.64
CA SER B 448 -21.86 21.84 18.35
C SER B 448 -21.38 22.71 19.50
N LYS B 449 -20.40 22.26 20.28
CA LYS B 449 -19.99 22.98 21.48
C LYS B 449 -18.48 23.06 21.55
N THR B 450 -17.98 24.24 21.91
CA THR B 450 -16.55 24.43 22.10
C THR B 450 -16.25 24.54 23.60
N ILE B 451 -17.29 24.74 24.41
CA ILE B 451 -17.13 24.78 25.85
C ILE B 451 -18.16 23.96 26.58
N ASN B 452 -17.75 23.31 27.67
CA ASN B 452 -18.63 22.49 28.48
C ASN B 452 -19.71 23.34 29.11
N GLY B 453 -19.33 24.54 29.55
CA GLY B 453 -20.26 25.47 30.16
C GLY B 453 -19.54 26.25 31.25
N SER B 454 -20.30 27.03 32.00
CA SER B 454 -19.77 27.80 33.14
C SER B 454 -18.62 28.76 32.89
N GLY B 455 -17.57 28.70 33.72
CA GLY B 455 -16.47 29.64 33.58
C GLY B 455 -15.14 29.21 33.01
N GLN B 456 -14.10 29.34 33.83
CA GLN B 456 -12.72 29.04 33.44
C GLN B 456 -12.40 27.58 33.17
N ASN B 457 -11.49 27.37 32.22
CA ASN B 457 -10.99 26.03 31.86
C ASN B 457 -12.04 24.99 31.49
N GLN B 458 -12.98 25.36 30.64
CA GLN B 458 -14.02 24.44 30.23
C GLN B 458 -13.99 24.21 28.73
N GLN B 459 -12.84 23.85 28.17
CA GLN B 459 -12.81 23.73 26.74
C GLN B 459 -13.11 22.29 26.35
N THR B 460 -13.84 22.10 25.27
CA THR B 460 -14.12 20.76 24.80
C THR B 460 -14.35 20.84 23.31
N LEU B 461 -14.53 19.69 22.71
CA LEU B 461 -15.03 19.57 21.35
C LEU B 461 -16.16 18.58 21.38
N LYS B 462 -17.37 19.06 21.12
CA LYS B 462 -18.55 18.21 21.04
C LYS B 462 -19.10 18.28 19.62
N PHE B 463 -19.55 17.15 19.12
CA PHE B 463 -20.04 17.06 17.76
C PHE B 463 -21.44 16.48 17.77
N SER B 464 -22.25 16.90 16.80
CA SER B 464 -23.62 16.43 16.70
C SER B 464 -23.94 16.13 15.25
N VAL B 465 -24.93 15.27 15.06
CA VAL B 465 -25.41 14.97 13.72
C VAL B 465 -26.21 16.16 13.19
N ALA B 466 -25.89 16.57 11.97
CA ALA B 466 -26.69 17.57 11.30
C ALA B 466 -27.97 16.92 10.78
N GLY B 467 -29.11 17.48 11.15
CA GLY B 467 -30.37 16.86 10.86
C GLY B 467 -31.51 17.85 10.81
N PRO B 468 -32.74 17.34 10.73
CA PRO B 468 -33.90 18.22 10.54
C PRO B 468 -34.03 19.31 11.59
N SER B 469 -33.65 19.03 12.83
CA SER B 469 -33.80 20.02 13.88
C SER B 469 -32.96 21.26 13.62
N ASN B 470 -31.75 21.08 13.11
CA ASN B 470 -30.87 22.21 12.78
C ASN B 470 -30.53 22.10 11.29
N MET B 471 -31.15 22.95 10.47
CA MET B 471 -30.90 22.88 9.04
C MET B 471 -29.86 23.89 8.59
N ALA B 472 -29.41 24.76 9.48
CA ALA B 472 -28.43 25.75 9.08
C ALA B 472 -27.05 25.14 8.94
N VAL B 473 -26.74 24.15 9.77
CA VAL B 473 -25.37 23.66 9.87
C VAL B 473 -25.12 22.47 8.96
N GLN B 474 -26.10 22.07 8.16
CA GLN B 474 -25.89 20.89 7.33
C GLN B 474 -24.91 21.20 6.21
N GLY B 475 -24.27 20.14 5.71
CA GLY B 475 -23.39 20.31 4.56
C GLY B 475 -24.18 20.41 3.28
N ARG B 476 -23.73 21.28 2.39
CA ARG B 476 -24.43 21.51 1.14
C ARG B 476 -23.45 21.47 -0.02
N ASN B 477 -23.95 21.03 -1.16
CA ASN B 477 -23.14 20.89 -2.36
C ASN B 477 -23.05 22.15 -3.19
N TYR B 478 -23.90 23.13 -2.96
CA TYR B 478 -23.95 24.30 -3.81
C TYR B 478 -24.27 25.53 -2.98
N ILE B 479 -23.80 26.68 -3.42
CA ILE B 479 -23.85 27.91 -2.63
C ILE B 479 -24.39 29.01 -3.54
N PRO B 480 -24.93 30.08 -2.96
CA PRO B 480 -25.54 31.13 -3.76
C PRO B 480 -24.51 31.94 -4.54
N GLY B 481 -25.02 32.62 -5.56
CA GLY B 481 -24.18 33.32 -6.51
C GLY B 481 -23.52 34.56 -5.96
N PRO B 482 -22.81 35.27 -6.82
CA PRO B 482 -21.95 36.37 -6.38
C PRO B 482 -22.74 37.64 -6.06
N SER B 483 -22.12 38.49 -5.25
CA SER B 483 -22.78 39.70 -4.77
C SER B 483 -21.82 40.88 -4.82
N TYR B 484 -22.38 42.05 -5.10
CA TYR B 484 -21.68 43.32 -4.99
C TYR B 484 -22.67 44.28 -4.33
N ARG B 485 -22.42 44.70 -3.09
CA ARG B 485 -23.53 45.21 -2.30
C ARG B 485 -23.99 46.58 -2.79
N GLN B 486 -25.30 46.80 -2.75
CA GLN B 486 -25.95 48.06 -3.04
C GLN B 486 -26.41 48.71 -1.74
N GLN B 487 -26.46 50.04 -1.72
CA GLN B 487 -27.05 50.75 -0.60
C GLN B 487 -28.58 50.65 -0.65
N ARG B 488 -29.18 50.48 0.53
CA ARG B 488 -30.61 50.21 0.63
C ARG B 488 -31.37 51.52 0.80
N VAL B 489 -32.42 51.69 0.00
CA VAL B 489 -33.20 52.93 -0.01
C VAL B 489 -34.67 52.58 0.17
N SER B 490 -35.30 53.21 1.16
CA SER B 490 -36.69 52.98 1.48
C SER B 490 -37.60 53.89 0.66
N THR B 491 -38.75 53.36 0.24
CA THR B 491 -39.74 54.17 -0.45
C THR B 491 -40.43 55.15 0.48
N THR B 492 -40.48 54.86 1.77
CA THR B 492 -40.93 55.82 2.78
C THR B 492 -39.78 56.79 3.04
N VAL B 493 -40.02 58.07 2.82
CA VAL B 493 -38.91 59.02 2.85
C VAL B 493 -38.46 59.34 4.26
N THR B 494 -39.35 59.23 5.25
CA THR B 494 -38.94 59.52 6.61
C THR B 494 -37.94 58.50 7.13
N GLN B 495 -37.89 57.32 6.52
CA GLN B 495 -36.98 56.28 6.95
C GLN B 495 -35.55 56.50 6.47
N ASN B 496 -35.41 57.04 5.27
CA ASN B 496 -34.11 57.29 4.67
C ASN B 496 -33.35 58.37 5.42
N ASN B 497 -32.03 58.27 5.39
CA ASN B 497 -31.19 59.25 6.07
C ASN B 497 -31.38 60.62 5.43
N ASN B 498 -31.38 61.65 6.26
CA ASN B 498 -31.56 63.01 5.77
C ASN B 498 -30.24 63.63 5.32
N SER B 499 -29.72 63.13 4.20
CA SER B 499 -28.48 63.64 3.62
C SER B 499 -28.43 63.26 2.14
N GLU B 500 -27.54 63.87 1.38
CA GLU B 500 -27.46 63.54 -0.04
C GLU B 500 -26.46 62.41 -0.25
N PHE B 501 -26.97 61.22 -0.51
CA PHE B 501 -26.13 60.05 -0.72
C PHE B 501 -26.30 59.38 -2.08
N ALA B 502 -26.96 60.04 -3.02
CA ALA B 502 -27.18 59.40 -4.31
C ALA B 502 -25.88 59.09 -5.02
N TRP B 503 -24.92 60.02 -4.97
CA TRP B 503 -23.63 59.77 -5.61
C TRP B 503 -22.58 59.28 -4.61
N PRO B 504 -22.51 59.93 -3.44
CA PRO B 504 -21.54 59.57 -2.40
C PRO B 504 -21.72 58.15 -1.86
N GLY B 505 -22.97 57.74 -1.66
CA GLY B 505 -23.25 56.42 -1.15
C GLY B 505 -23.64 55.44 -2.23
N ALA B 506 -23.07 55.61 -3.41
CA ALA B 506 -23.37 54.73 -4.52
C ALA B 506 -22.27 53.70 -4.72
N SER B 507 -22.66 52.51 -5.17
CA SER B 507 -21.69 51.51 -5.57
C SER B 507 -21.25 51.77 -7.01
N SER B 508 -19.94 51.80 -7.22
CA SER B 508 -19.39 52.22 -8.50
C SER B 508 -18.20 51.34 -8.86
N TRP B 509 -17.78 51.46 -10.12
CA TRP B 509 -16.55 50.85 -10.59
C TRP B 509 -15.74 51.86 -11.38
N ALA B 510 -14.44 51.91 -11.10
CA ALA B 510 -13.53 52.87 -11.69
C ALA B 510 -12.84 52.28 -12.90
N LEU B 511 -12.75 53.08 -13.96
CA LEU B 511 -12.06 52.66 -15.18
C LEU B 511 -11.24 53.83 -15.67
N ASN B 512 -9.92 53.64 -15.73
CA ASN B 512 -9.01 54.66 -16.26
C ASN B 512 -9.12 55.98 -15.49
N GLY B 513 -9.51 55.88 -14.23
CA GLY B 513 -9.66 57.04 -13.40
C GLY B 513 -11.05 57.66 -13.40
N ARG B 514 -11.99 57.10 -14.16
CA ARG B 514 -13.35 57.60 -14.19
C ARG B 514 -14.29 56.61 -13.54
N ASN B 515 -15.14 57.11 -12.65
CA ASN B 515 -16.07 56.27 -11.90
C ASN B 515 -17.38 56.16 -12.66
N SER B 516 -17.81 54.94 -12.92
CA SER B 516 -19.14 54.66 -13.42
C SER B 516 -19.98 54.07 -12.29
N LEU B 517 -21.21 54.57 -12.17
CA LEU B 517 -22.17 53.96 -11.28
C LEU B 517 -22.37 52.50 -11.68
N MET B 518 -22.62 51.64 -10.70
CA MET B 518 -22.86 50.23 -10.99
C MET B 518 -24.36 50.08 -11.23
N ASN B 519 -24.74 49.97 -12.50
CA ASN B 519 -26.14 49.92 -12.86
C ASN B 519 -26.35 48.97 -14.02
N PRO B 520 -27.37 48.10 -13.93
CA PRO B 520 -28.08 47.73 -12.71
C PRO B 520 -27.19 46.87 -11.79
N GLY B 521 -26.14 46.30 -12.36
CA GLY B 521 -25.19 45.52 -11.59
C GLY B 521 -25.42 44.03 -11.74
N PRO B 522 -24.65 43.23 -10.99
CA PRO B 522 -24.91 41.79 -10.96
C PRO B 522 -26.31 41.50 -10.45
N ALA B 523 -26.90 40.43 -10.99
CA ALA B 523 -28.28 40.10 -10.66
C ALA B 523 -28.36 39.63 -9.21
N MET B 524 -29.18 40.29 -8.41
CA MET B 524 -29.35 39.96 -7.00
C MET B 524 -30.79 40.23 -6.61
N ALA B 525 -31.21 39.62 -5.50
CA ALA B 525 -32.56 39.82 -5.01
C ALA B 525 -32.72 41.24 -4.49
N SER B 526 -33.80 41.89 -4.89
CA SER B 526 -34.00 43.30 -4.56
C SER B 526 -34.15 43.50 -3.06
N HIS B 527 -34.79 42.57 -2.37
CA HIS B 527 -35.05 42.73 -0.94
C HIS B 527 -35.32 41.37 -0.32
N LYS B 528 -35.22 41.33 1.00
CA LYS B 528 -35.55 40.14 1.75
C LYS B 528 -37.05 39.87 1.68
N GLU B 529 -37.42 38.63 1.95
CA GLU B 529 -38.83 38.28 2.08
C GLU B 529 -39.43 39.00 3.28
N GLY B 530 -40.52 39.71 3.04
CA GLY B 530 -41.19 40.44 4.09
C GLY B 530 -40.96 41.93 4.09
N GLU B 531 -39.91 42.41 3.42
CA GLU B 531 -39.64 43.84 3.31
C GLU B 531 -39.80 44.21 1.84
N ASP B 532 -40.92 44.83 1.49
CA ASP B 532 -41.17 45.31 0.15
C ASP B 532 -40.92 46.80 0.00
N ARG B 533 -40.59 47.50 1.08
CA ARG B 533 -40.45 48.94 1.02
C ARG B 533 -39.02 49.38 0.75
N PHE B 534 -38.11 48.45 0.54
CA PHE B 534 -36.71 48.76 0.29
C PHE B 534 -36.31 48.32 -1.10
N PHE B 535 -35.39 49.07 -1.71
CA PHE B 535 -34.88 48.73 -3.03
C PHE B 535 -33.42 49.16 -3.14
N PRO B 536 -32.63 48.44 -3.96
CA PRO B 536 -31.22 48.76 -4.18
C PRO B 536 -31.09 50.12 -4.85
N LEU B 537 -30.08 50.90 -4.50
CA LEU B 537 -29.96 52.25 -5.05
C LEU B 537 -29.84 52.24 -6.58
N SER B 538 -29.00 51.38 -7.11
CA SER B 538 -28.84 51.26 -8.56
C SER B 538 -29.11 49.84 -9.04
N GLY B 539 -29.56 49.00 -8.12
CA GLY B 539 -29.82 47.60 -8.41
C GLY B 539 -30.89 47.21 -9.40
N SER B 540 -32.01 47.91 -9.39
CA SER B 540 -33.12 47.57 -10.28
C SER B 540 -33.43 48.62 -11.33
N LEU B 541 -33.80 48.16 -12.52
CA LEU B 541 -34.16 49.05 -13.61
C LEU B 541 -35.37 49.88 -13.20
N ILE B 542 -35.36 51.16 -13.56
CA ILE B 542 -36.43 52.09 -13.23
C ILE B 542 -36.96 52.69 -14.53
N PHE B 543 -38.22 52.38 -14.84
CA PHE B 543 -38.84 52.90 -16.06
C PHE B 543 -39.55 54.21 -15.77
N ILE B 560 -40.22 51.21 -10.76
CA ILE B 560 -39.09 50.57 -10.09
C ILE B 560 -39.33 49.07 -9.98
N THR B 561 -38.69 48.31 -10.86
CA THR B 561 -38.86 46.86 -10.86
C THR B 561 -38.16 46.23 -9.67
N ASN B 562 -38.61 45.03 -9.30
CA ASN B 562 -38.00 44.28 -8.22
C ASN B 562 -37.69 42.86 -8.68
N GLU B 563 -36.52 42.37 -8.28
CA GLU B 563 -36.00 41.07 -8.68
C GLU B 563 -36.32 39.96 -7.69
N GLU B 564 -37.20 40.19 -6.71
CA GLU B 564 -37.37 39.30 -5.57
C GLU B 564 -37.57 37.84 -5.96
N GLU B 565 -37.98 37.56 -7.21
CA GLU B 565 -38.18 36.18 -7.63
C GLU B 565 -36.93 35.32 -7.46
N ILE B 566 -35.74 35.92 -7.57
CA ILE B 566 -34.51 35.16 -7.63
C ILE B 566 -33.88 35.03 -6.25
N LYS B 567 -34.59 35.45 -5.21
CA LYS B 567 -34.04 35.37 -3.86
C LYS B 567 -33.74 33.94 -3.44
N THR B 568 -34.18 32.95 -4.21
CA THR B 568 -33.94 31.56 -3.87
C THR B 568 -32.48 31.17 -4.09
N THR B 569 -31.94 31.43 -5.28
CA THR B 569 -30.54 31.13 -5.56
C THR B 569 -29.61 32.32 -5.49
N ASN B 570 -30.12 33.53 -5.27
CA ASN B 570 -29.24 34.69 -5.32
C ASN B 570 -29.30 35.46 -4.01
N PRO B 571 -28.18 36.06 -3.58
CA PRO B 571 -28.21 36.85 -2.36
C PRO B 571 -28.97 38.14 -2.55
N VAL B 572 -29.40 38.73 -1.43
CA VAL B 572 -30.08 40.01 -1.48
C VAL B 572 -29.08 41.10 -1.81
N ALA B 573 -29.48 42.04 -2.65
CA ALA B 573 -28.57 43.08 -3.12
C ALA B 573 -28.10 43.99 -2.00
N THR B 574 -28.92 44.20 -0.99
CA THR B 574 -28.62 45.15 0.07
C THR B 574 -27.98 44.50 1.28
N GLU B 575 -27.63 43.22 1.20
CA GLU B 575 -27.09 42.48 2.32
C GLU B 575 -25.68 42.01 2.02
N SER B 576 -24.95 41.69 3.08
CA SER B 576 -23.65 41.05 2.93
C SER B 576 -23.82 39.66 2.34
N TYR B 577 -22.77 39.16 1.70
CA TYR B 577 -22.82 37.78 1.21
C TYR B 577 -22.77 36.79 2.36
N GLY B 578 -22.03 37.13 3.42
CA GLY B 578 -21.86 36.22 4.52
C GLY B 578 -20.77 36.72 5.45
N GLN B 579 -20.17 35.78 6.17
CA GLN B 579 -19.08 36.07 7.08
C GLN B 579 -17.90 35.17 6.80
N VAL B 580 -16.70 35.67 7.09
CA VAL B 580 -15.47 34.88 7.07
C VAL B 580 -14.74 35.15 8.37
N ALA B 581 -13.89 34.21 8.76
CA ALA B 581 -13.03 34.40 9.91
C ALA B 581 -11.93 35.38 9.56
N THR B 582 -11.59 36.28 10.47
CA THR B 582 -10.49 37.22 10.24
C THR B 582 -9.21 36.87 10.99
N ASN B 583 -9.19 35.84 11.82
CA ASN B 583 -8.01 35.60 12.63
C ASN B 583 -7.90 34.13 12.97
N HIS B 584 -6.74 33.76 13.51
CA HIS B 584 -6.57 32.50 14.23
C HIS B 584 -6.94 32.72 15.68
N GLN B 585 -7.96 32.04 16.15
CA GLN B 585 -8.27 32.06 17.56
C GLN B 585 -7.19 31.34 18.33
N SER B 586 -7.16 31.57 19.63
CA SER B 586 -6.27 30.84 20.51
C SER B 586 -6.78 31.01 21.92
N ALA B 587 -6.06 30.44 22.88
CA ALA B 587 -6.42 30.64 24.27
C ALA B 587 -6.40 32.12 24.63
N GLN B 588 -5.55 32.89 23.96
CA GLN B 588 -5.50 34.33 24.19
C GLN B 588 -6.53 35.09 23.39
N ALA B 589 -6.74 34.72 22.12
CA ALA B 589 -7.51 35.53 21.18
C ALA B 589 -8.85 34.89 20.88
N GLN B 590 -9.92 35.67 20.97
CA GLN B 590 -11.25 35.19 20.62
C GLN B 590 -11.42 35.15 19.10
N ALA B 591 -12.35 34.32 18.65
CA ALA B 591 -12.62 34.21 17.23
C ALA B 591 -13.30 35.46 16.71
N GLN B 592 -12.78 36.00 15.61
CA GLN B 592 -13.30 37.21 15.00
C GLN B 592 -13.75 36.92 13.59
N THR B 593 -14.88 37.50 13.22
CA THR B 593 -15.41 37.36 11.87
C THR B 593 -15.41 38.72 11.19
N GLY B 594 -15.79 38.73 9.93
CA GLY B 594 -15.88 39.95 9.16
C GLY B 594 -16.91 39.79 8.06
N TRP B 595 -17.49 40.91 7.65
CA TRP B 595 -18.58 40.86 6.70
C TRP B 595 -18.05 40.89 5.28
N VAL B 596 -18.59 40.01 4.44
CA VAL B 596 -18.17 39.95 3.04
C VAL B 596 -19.12 40.85 2.27
N GLN B 597 -18.61 42.00 1.84
CA GLN B 597 -19.46 42.96 1.14
C GLN B 597 -19.62 42.60 -0.32
N ASN B 598 -18.54 42.22 -0.97
CA ASN B 598 -18.57 41.71 -2.33
C ASN B 598 -17.93 40.34 -2.38
N GLN B 599 -18.48 39.48 -3.24
CA GLN B 599 -17.96 38.13 -3.42
C GLN B 599 -17.95 37.79 -4.89
N GLY B 600 -16.80 37.41 -5.42
CA GLY B 600 -16.70 36.94 -6.78
C GLY B 600 -17.13 35.50 -6.90
N ILE B 601 -16.95 34.97 -8.11
CA ILE B 601 -17.33 33.59 -8.39
C ILE B 601 -16.49 32.63 -7.58
N LEU B 602 -17.14 31.62 -7.01
CA LEU B 602 -16.52 30.47 -6.39
C LEU B 602 -16.98 29.22 -7.11
N PRO B 603 -16.20 28.15 -7.07
CA PRO B 603 -16.68 26.87 -7.62
C PRO B 603 -17.86 26.37 -6.79
N GLY B 604 -18.89 25.90 -7.48
CA GLY B 604 -20.08 25.44 -6.82
C GLY B 604 -21.14 26.48 -6.58
N MET B 605 -21.01 27.67 -7.18
CA MET B 605 -22.07 28.65 -7.14
C MET B 605 -23.10 28.39 -8.23
N VAL B 606 -24.35 28.70 -7.93
CA VAL B 606 -25.40 28.78 -8.93
C VAL B 606 -26.10 30.11 -8.76
N TRP B 607 -26.68 30.62 -9.84
CA TRP B 607 -27.37 31.90 -9.80
C TRP B 607 -28.38 31.95 -10.93
N GLN B 608 -29.30 32.90 -10.81
CA GLN B 608 -30.24 33.26 -11.86
C GLN B 608 -29.83 34.59 -12.47
N ASP B 609 -30.06 34.72 -13.77
CA ASP B 609 -29.81 35.97 -14.46
C ASP B 609 -30.97 36.93 -14.19
N ARG B 610 -30.86 38.14 -14.72
CA ARG B 610 -31.90 39.13 -14.49
C ARG B 610 -33.10 38.85 -15.40
N ASP B 611 -34.28 39.24 -14.93
CA ASP B 611 -35.51 38.99 -15.66
C ASP B 611 -35.66 40.00 -16.79
N VAL B 612 -36.40 39.61 -17.81
CA VAL B 612 -36.71 40.49 -18.94
C VAL B 612 -38.11 41.04 -18.77
N TYR B 613 -38.30 42.28 -19.20
CA TYR B 613 -39.59 42.95 -19.07
C TYR B 613 -40.12 43.34 -20.44
N GLY B 616 -38.53 46.21 -21.69
CA GLY B 616 -37.09 46.12 -21.53
C GLY B 616 -36.34 45.70 -22.77
N PRO B 617 -35.03 45.66 -22.68
CA PRO B 617 -34.21 45.30 -23.84
C PRO B 617 -34.29 43.81 -24.13
N ILE B 618 -33.87 43.45 -25.35
CA ILE B 618 -33.94 42.06 -25.79
C ILE B 618 -32.55 41.46 -25.85
N TRP B 619 -31.69 42.01 -26.70
CA TRP B 619 -30.36 41.47 -26.91
C TRP B 619 -29.32 42.55 -26.71
N ALA B 620 -28.08 42.10 -26.52
CA ALA B 620 -26.93 42.99 -26.48
C ALA B 620 -25.79 42.34 -27.23
N LYS B 621 -24.85 43.14 -27.68
CA LYS B 621 -23.65 42.63 -28.32
C LYS B 621 -22.60 42.36 -27.26
N ILE B 622 -22.03 41.16 -27.29
CA ILE B 622 -20.91 40.86 -26.40
C ILE B 622 -19.68 41.60 -26.90
N PRO B 623 -19.01 42.39 -26.08
CA PRO B 623 -17.78 43.06 -26.54
C PRO B 623 -16.78 42.05 -27.06
N HIS B 624 -15.93 42.50 -27.98
CA HIS B 624 -14.95 41.62 -28.60
C HIS B 624 -13.68 41.70 -27.76
N THR B 625 -13.38 40.64 -27.03
CA THR B 625 -12.33 40.66 -26.02
C THR B 625 -11.66 39.29 -25.96
N ASP B 626 -10.51 39.26 -25.29
CA ASP B 626 -9.83 37.99 -25.04
C ASP B 626 -10.66 37.08 -24.14
N GLY B 627 -11.35 37.63 -23.16
CA GLY B 627 -12.13 36.81 -22.28
C GLY B 627 -13.33 37.53 -21.71
N ASN B 628 -14.31 36.72 -21.33
CA ASN B 628 -15.51 37.19 -20.66
C ASN B 628 -16.08 36.03 -19.87
N PHE B 629 -16.94 36.34 -18.91
CA PHE B 629 -17.56 35.30 -18.12
C PHE B 629 -19.07 35.51 -18.05
N HIS B 630 -19.81 34.49 -18.41
CA HIS B 630 -21.26 34.46 -18.41
C HIS B 630 -21.76 35.71 -19.14
N PRO B 631 -21.56 35.77 -20.45
CA PRO B 631 -21.73 37.01 -21.19
C PRO B 631 -23.12 37.63 -21.16
N SER B 632 -24.11 36.92 -20.62
CA SER B 632 -25.47 37.42 -20.56
C SER B 632 -25.49 38.86 -20.04
N PRO B 633 -26.12 39.80 -20.74
CA PRO B 633 -26.01 41.20 -20.36
C PRO B 633 -26.74 41.51 -19.06
N LEU B 634 -26.24 42.52 -18.35
CA LEU B 634 -26.72 42.80 -17.01
C LEU B 634 -28.05 43.53 -16.98
N MET B 635 -28.43 44.23 -18.04
CA MET B 635 -29.77 44.82 -18.08
C MET B 635 -30.83 43.82 -18.51
N GLY B 636 -30.43 42.59 -18.82
CA GLY B 636 -31.37 41.55 -19.18
C GLY B 636 -31.32 41.24 -20.66
N GLY B 637 -31.73 40.03 -20.99
CA GLY B 637 -31.79 39.59 -22.36
C GLY B 637 -30.63 38.72 -22.80
N PHE B 638 -30.45 38.65 -24.11
CA PHE B 638 -29.59 37.67 -24.75
C PHE B 638 -28.30 38.33 -25.21
N GLY B 639 -27.17 37.85 -24.70
CA GLY B 639 -25.89 38.32 -25.20
C GLY B 639 -25.49 37.53 -26.43
N MET B 640 -24.86 38.24 -27.38
CA MET B 640 -24.51 37.64 -28.66
C MET B 640 -23.20 38.23 -29.15
N LYS B 641 -22.35 37.40 -29.73
CA LYS B 641 -21.13 37.91 -30.37
C LYS B 641 -21.45 38.58 -31.69
N HIS B 642 -22.68 38.45 -32.16
CA HIS B 642 -23.11 39.13 -33.37
C HIS B 642 -24.49 39.74 -33.17
N ASP C 219 -45.02 -14.19 -11.82
CA ASP C 219 -45.00 -15.50 -12.48
C ASP C 219 -45.56 -16.59 -11.57
N GLY C 220 -45.26 -16.51 -10.28
CA GLY C 220 -45.75 -17.50 -9.34
C GLY C 220 -45.39 -17.13 -7.92
N VAL C 221 -46.11 -17.74 -6.99
CA VAL C 221 -45.85 -17.51 -5.57
C VAL C 221 -44.64 -18.31 -5.12
N GLY C 222 -44.46 -19.50 -5.67
CA GLY C 222 -43.38 -20.39 -5.28
C GLY C 222 -42.19 -20.41 -6.19
N SER C 223 -42.01 -19.38 -7.02
CA SER C 223 -40.86 -19.27 -7.92
C SER C 223 -40.15 -17.95 -7.66
N SER C 224 -38.84 -18.03 -7.46
CA SER C 224 -38.04 -16.85 -7.19
C SER C 224 -37.96 -15.97 -8.43
N SER C 225 -38.02 -14.66 -8.21
CA SER C 225 -37.99 -13.69 -9.30
C SER C 225 -36.61 -13.11 -9.55
N GLY C 226 -35.58 -13.57 -8.84
CA GLY C 226 -34.24 -13.09 -9.11
C GLY C 226 -33.25 -13.77 -8.20
N ASN C 227 -31.97 -13.58 -8.51
CA ASN C 227 -30.88 -14.20 -7.78
C ASN C 227 -30.07 -13.15 -7.03
N TRP C 228 -29.11 -13.63 -6.25
CA TRP C 228 -28.26 -12.77 -5.44
C TRP C 228 -26.99 -12.48 -6.24
N HIS C 229 -26.74 -11.21 -6.52
CA HIS C 229 -25.52 -10.82 -7.22
C HIS C 229 -24.74 -9.83 -6.36
N CYS C 230 -23.59 -10.25 -5.86
CA CYS C 230 -22.60 -9.35 -5.28
C CYS C 230 -21.24 -9.81 -5.73
N ASP C 231 -20.49 -8.92 -6.39
CA ASP C 231 -19.07 -9.09 -6.66
C ASP C 231 -18.56 -7.91 -7.47
N SER C 232 -17.26 -7.91 -7.74
CA SER C 232 -16.68 -6.94 -8.64
C SER C 232 -15.91 -7.68 -9.73
N GLN C 233 -16.01 -7.17 -10.94
CA GLN C 233 -15.27 -7.71 -12.08
C GLN C 233 -14.31 -6.64 -12.55
N TRP C 234 -13.02 -6.91 -12.43
CA TRP C 234 -11.98 -6.00 -12.88
C TRP C 234 -11.59 -6.41 -14.29
N LEU C 235 -11.97 -5.61 -15.27
CA LEU C 235 -11.69 -5.93 -16.67
C LEU C 235 -10.99 -4.74 -17.30
N GLY C 236 -9.70 -4.86 -17.55
CA GLY C 236 -8.99 -3.80 -18.23
C GLY C 236 -9.15 -2.45 -17.57
N ASP C 237 -9.71 -1.52 -18.33
CA ASP C 237 -9.93 -0.15 -17.91
C ASP C 237 -11.29 0.05 -17.24
N ARG C 238 -12.02 -1.02 -16.96
CA ARG C 238 -13.35 -0.91 -16.39
C ARG C 238 -13.46 -1.76 -15.14
N VAL C 239 -14.34 -1.33 -14.25
CA VAL C 239 -14.74 -2.10 -13.07
C VAL C 239 -16.25 -2.21 -13.09
N ILE C 240 -16.78 -3.38 -12.81
CA ILE C 240 -18.21 -3.57 -12.67
C ILE C 240 -18.47 -4.07 -11.27
N THR C 241 -19.13 -3.26 -10.46
CA THR C 241 -19.49 -3.64 -9.11
C THR C 241 -20.98 -3.95 -9.04
N THR C 242 -21.31 -5.00 -8.30
CA THR C 242 -22.69 -5.38 -8.12
C THR C 242 -22.93 -5.57 -6.63
N SER C 243 -24.02 -5.02 -6.12
CA SER C 243 -24.37 -5.14 -4.72
C SER C 243 -25.82 -5.56 -4.59
N THR C 244 -26.10 -6.53 -3.72
CA THR C 244 -27.45 -6.96 -3.44
C THR C 244 -27.70 -6.88 -1.95
N ARG C 245 -28.82 -6.27 -1.57
CA ARG C 245 -29.19 -6.09 -0.18
C ARG C 245 -30.62 -6.56 0.04
N THR C 246 -30.93 -6.83 1.30
CA THR C 246 -32.30 -7.12 1.72
C THR C 246 -32.86 -5.91 2.46
N TRP C 247 -34.03 -5.48 2.05
CA TRP C 247 -34.66 -4.28 2.56
C TRP C 247 -35.98 -4.61 3.24
N ALA C 248 -36.44 -3.69 4.08
CA ALA C 248 -37.73 -3.78 4.73
C ALA C 248 -38.41 -2.43 4.66
N LEU C 249 -39.60 -2.39 4.09
CA LEU C 249 -40.34 -1.14 3.93
C LEU C 249 -41.56 -1.14 4.85
N PRO C 250 -41.66 -0.22 5.78
CA PRO C 250 -42.88 -0.11 6.60
C PRO C 250 -43.95 0.69 5.87
N THR C 251 -45.02 0.99 6.60
CA THR C 251 -45.98 1.99 6.15
C THR C 251 -45.73 3.30 6.88
N TYR C 252 -45.51 4.36 6.12
CA TYR C 252 -45.22 5.67 6.68
C TYR C 252 -46.45 6.55 6.69
N ASN C 253 -46.60 7.31 7.77
CA ASN C 253 -47.66 8.32 7.93
C ASN C 253 -49.06 7.73 7.83
N ASN C 254 -49.21 6.42 8.08
CA ASN C 254 -50.51 5.76 7.93
C ASN C 254 -51.15 6.10 6.58
N HIS C 255 -50.35 6.01 5.52
CA HIS C 255 -50.78 6.25 4.14
C HIS C 255 -51.20 7.68 3.87
N LEU C 256 -50.69 8.65 4.63
CA LEU C 256 -51.12 10.03 4.51
C LEU C 256 -49.99 10.94 4.06
N TYR C 257 -50.35 11.99 3.34
CA TYR C 257 -49.48 13.14 3.17
C TYR C 257 -49.75 14.13 4.30
N LYS C 258 -48.68 14.63 4.91
CA LYS C 258 -48.85 15.53 6.04
C LYS C 258 -47.94 16.74 5.90
N GLN C 259 -48.54 17.92 5.97
CA GLN C 259 -47.78 19.16 6.02
C GLN C 259 -46.91 19.19 7.27
N ILE C 260 -45.63 19.51 7.09
CA ILE C 260 -44.68 19.62 8.18
C ILE C 260 -44.03 20.98 8.10
N SER C 261 -43.70 21.54 9.26
CA SER C 261 -42.96 22.79 9.33
C SER C 261 -42.22 22.84 10.65
N ASN C 262 -41.59 23.99 10.89
CA ASN C 262 -40.73 24.12 12.07
C ASN C 262 -41.55 24.34 13.33
N SER C 263 -42.66 25.08 13.21
CA SER C 263 -43.43 25.46 14.38
C SER C 263 -44.11 24.27 15.04
N THR C 264 -44.33 23.20 14.26
CA THR C 264 -44.78 21.94 14.87
C THR C 264 -43.77 21.46 15.89
N SER C 265 -42.48 21.61 15.59
CA SER C 265 -41.41 21.27 16.51
C SER C 265 -41.00 22.47 17.37
N GLY C 266 -41.69 23.60 17.24
CA GLY C 266 -41.46 24.77 18.06
C GLY C 266 -40.72 25.90 17.37
N GLY C 267 -39.90 25.59 16.36
CA GLY C 267 -39.34 26.60 15.47
C GLY C 267 -38.71 27.80 16.13
N SER C 268 -37.76 27.58 17.04
CA SER C 268 -37.26 28.68 17.86
C SER C 268 -36.33 29.61 17.09
N SER C 269 -35.81 29.17 15.94
CA SER C 269 -34.78 29.91 15.23
C SER C 269 -35.22 30.17 13.79
N ASN C 270 -34.92 31.38 13.30
CA ASN C 270 -35.32 31.74 11.95
C ASN C 270 -34.39 31.14 10.92
N ASP C 271 -33.15 30.88 11.28
CA ASP C 271 -32.23 30.21 10.36
C ASP C 271 -32.66 28.77 10.12
N ASN C 272 -33.38 28.18 11.07
CA ASN C 272 -33.82 26.79 10.95
C ASN C 272 -35.25 26.65 10.44
N ALA C 273 -35.89 27.75 10.04
CA ALA C 273 -37.30 27.69 9.67
C ALA C 273 -37.51 26.97 8.34
N TYR C 274 -38.48 26.07 8.32
CA TYR C 274 -38.76 25.32 7.10
C TYR C 274 -40.25 25.08 6.95
N PHE C 275 -40.64 24.68 5.74
CA PHE C 275 -42.00 24.29 5.41
C PHE C 275 -41.95 23.23 4.32
N GLY C 276 -42.82 22.25 4.41
CA GLY C 276 -42.81 21.19 3.42
C GLY C 276 -43.80 20.09 3.75
N TYR C 277 -43.58 18.92 3.15
CA TYR C 277 -44.52 17.81 3.25
C TYR C 277 -43.76 16.51 3.44
N SER C 278 -44.32 15.63 4.27
CA SER C 278 -43.85 14.26 4.40
C SER C 278 -44.84 13.33 3.72
N THR C 279 -44.33 12.32 3.04
CA THR C 279 -45.13 11.47 2.16
C THR C 279 -45.15 10.04 2.67
N PRO C 280 -46.16 9.26 2.31
CA PRO C 280 -46.17 7.83 2.67
C PRO C 280 -45.12 7.01 1.94
N TRP C 281 -44.49 7.55 0.90
CA TRP C 281 -43.55 6.81 0.06
C TRP C 281 -42.18 6.69 0.72
N GLY C 282 -41.48 5.61 0.38
CA GLY C 282 -40.07 5.46 0.67
C GLY C 282 -39.25 5.56 -0.60
N TYR C 283 -37.93 5.52 -0.46
CA TYR C 283 -37.05 5.61 -1.63
C TYR C 283 -35.75 4.84 -1.40
N PHE C 284 -35.15 4.37 -2.50
CA PHE C 284 -33.92 3.59 -2.43
C PHE C 284 -32.73 4.48 -2.70
N ASP C 285 -31.75 4.44 -1.80
CA ASP C 285 -30.55 5.27 -1.95
C ASP C 285 -29.24 4.49 -1.94
N PHE C 286 -28.54 4.50 -3.07
CA PHE C 286 -27.24 3.85 -3.19
C PHE C 286 -26.07 4.83 -3.34
N ASN C 287 -26.25 6.10 -2.98
CA ASN C 287 -25.36 7.20 -3.35
C ASN C 287 -24.08 7.30 -2.50
N ARG C 288 -23.72 6.31 -1.69
CA ARG C 288 -22.43 6.31 -1.03
C ARG C 288 -21.52 5.25 -1.64
N PHE C 289 -20.20 5.47 -1.55
CA PHE C 289 -19.27 4.56 -2.23
C PHE C 289 -19.19 3.19 -1.58
N HIS C 290 -19.25 3.10 -0.26
CA HIS C 290 -19.17 1.77 0.32
C HIS C 290 -20.38 0.90 0.01
N CYS C 291 -21.42 1.46 -0.59
CA CYS C 291 -22.47 0.62 -1.14
C CYS C 291 -21.94 -0.28 -2.23
N HIS C 292 -21.10 0.26 -3.12
CA HIS C 292 -20.64 -0.46 -4.29
C HIS C 292 -19.26 -1.09 -4.16
N PHE C 293 -18.47 -0.73 -3.16
CA PHE C 293 -17.08 -1.17 -3.06
C PHE C 293 -16.81 -1.79 -1.71
N SER C 294 -16.23 -2.98 -1.72
CA SER C 294 -15.65 -3.51 -0.50
C SER C 294 -14.38 -2.72 -0.18
N PRO C 295 -13.91 -2.80 1.06
CA PRO C 295 -12.64 -2.12 1.37
C PRO C 295 -11.46 -2.62 0.55
N ARG C 296 -11.46 -3.89 0.16
CA ARG C 296 -10.38 -4.40 -0.69
C ARG C 296 -10.51 -3.86 -2.11
N ASP C 297 -11.73 -3.81 -2.65
CA ASP C 297 -11.91 -3.24 -3.98
C ASP C 297 -11.59 -1.76 -4.00
N TRP C 298 -11.82 -1.07 -2.90
CA TRP C 298 -11.47 0.34 -2.84
C TRP C 298 -9.96 0.51 -2.80
N GLN C 299 -9.27 -0.35 -2.05
CA GLN C 299 -7.81 -0.34 -2.06
C GLN C 299 -7.29 -0.65 -3.45
N ARG C 300 -7.83 -1.68 -4.08
CA ARG C 300 -7.41 -2.06 -5.42
C ARG C 300 -7.62 -0.91 -6.40
N LEU C 301 -8.61 -0.06 -6.14
CA LEU C 301 -8.88 1.07 -6.99
C LEU C 301 -7.87 2.20 -6.80
N ILE C 302 -7.67 2.63 -5.55
CA ILE C 302 -6.98 3.88 -5.29
C ILE C 302 -5.48 3.73 -5.39
N ASN C 303 -4.96 2.52 -5.21
CA ASN C 303 -3.52 2.35 -5.30
C ASN C 303 -3.05 2.26 -6.74
N ASN C 304 -3.89 1.79 -7.65
CA ASN C 304 -3.48 1.54 -9.01
C ASN C 304 -3.97 2.54 -10.04
N ASN C 305 -4.81 3.49 -9.69
CA ASN C 305 -5.49 4.27 -10.71
C ASN C 305 -5.43 5.75 -10.43
N TRP C 306 -5.24 6.52 -11.49
CA TRP C 306 -5.28 7.97 -11.43
C TRP C 306 -6.68 8.57 -11.49
N GLY C 307 -7.66 7.83 -11.98
CA GLY C 307 -8.99 8.40 -12.05
C GLY C 307 -10.03 7.36 -12.37
N PHE C 308 -11.27 7.72 -12.08
CA PHE C 308 -12.41 6.85 -12.32
C PHE C 308 -13.66 7.70 -12.45
N ARG C 309 -14.73 7.08 -12.94
CA ARG C 309 -16.00 7.76 -13.12
C ARG C 309 -17.05 6.72 -13.52
N PRO C 310 -18.31 6.92 -13.15
CA PRO C 310 -19.34 5.94 -13.49
C PRO C 310 -19.79 6.06 -14.94
N LYS C 311 -20.23 4.93 -15.49
CA LYS C 311 -20.67 4.85 -16.88
C LYS C 311 -22.12 4.40 -16.98
N ARG C 312 -22.44 3.19 -16.56
CA ARG C 312 -23.77 2.62 -16.67
C ARG C 312 -24.28 2.20 -15.31
N LEU C 313 -25.59 2.20 -15.17
CA LEU C 313 -26.27 1.83 -13.94
C LEU C 313 -27.36 0.81 -14.29
N ASN C 314 -27.46 -0.23 -13.47
CA ASN C 314 -28.46 -1.26 -13.69
C ASN C 314 -29.08 -1.62 -12.34
N PHE C 315 -30.40 -1.50 -12.24
CA PHE C 315 -31.10 -1.59 -10.97
C PHE C 315 -32.16 -2.67 -11.06
N LYS C 316 -32.30 -3.47 -10.00
CA LYS C 316 -33.28 -4.54 -9.96
C LYS C 316 -33.90 -4.63 -8.57
N LEU C 317 -35.21 -4.89 -8.56
CA LEU C 317 -35.98 -5.03 -7.34
C LEU C 317 -36.84 -6.28 -7.47
N PHE C 318 -36.67 -7.24 -6.57
CA PHE C 318 -37.23 -8.57 -6.80
C PHE C 318 -37.46 -9.27 -5.47
N ASN C 319 -38.01 -10.49 -5.57
CA ASN C 319 -38.41 -11.33 -4.43
C ASN C 319 -39.22 -10.55 -3.41
N ILE C 320 -40.26 -9.87 -3.90
CA ILE C 320 -41.11 -9.06 -3.04
C ILE C 320 -41.92 -9.95 -2.11
N GLN C 321 -42.03 -9.55 -0.85
CA GLN C 321 -42.82 -10.27 0.14
C GLN C 321 -43.58 -9.25 0.96
N VAL C 322 -44.90 -9.36 1.00
CA VAL C 322 -45.72 -8.47 1.80
C VAL C 322 -46.28 -9.25 2.98
N LYS C 323 -46.22 -8.65 4.16
CA LYS C 323 -46.66 -9.28 5.39
C LYS C 323 -47.82 -8.48 5.97
N GLU C 324 -48.64 -9.15 6.79
CA GLU C 324 -49.69 -8.49 7.54
C GLU C 324 -49.46 -8.73 9.02
N VAL C 325 -49.73 -7.71 9.83
CA VAL C 325 -49.47 -7.75 11.27
C VAL C 325 -50.80 -7.65 11.99
N THR C 326 -51.02 -8.56 12.95
CA THR C 326 -52.22 -8.58 13.76
C THR C 326 -51.82 -8.57 15.23
N ASP C 327 -52.42 -7.66 15.99
CA ASP C 327 -52.23 -7.59 17.44
C ASP C 327 -53.50 -8.07 18.12
N ASN C 328 -53.44 -9.26 18.72
CA ASN C 328 -54.55 -9.83 19.46
C ASN C 328 -54.12 -9.93 20.92
N ASN C 329 -54.71 -9.09 21.77
CA ASN C 329 -54.28 -8.89 23.16
C ASN C 329 -52.80 -8.48 23.10
N GLY C 330 -51.89 -9.19 23.77
CA GLY C 330 -50.51 -8.76 23.79
C GLY C 330 -49.69 -9.32 22.65
N VAL C 331 -50.08 -10.48 22.12
CA VAL C 331 -49.25 -11.20 21.17
C VAL C 331 -49.52 -10.69 19.76
N LYS C 332 -48.46 -10.29 19.08
CA LYS C 332 -48.50 -9.97 17.66
C LYS C 332 -48.38 -11.26 16.84
N THR C 333 -48.94 -11.23 15.63
CA THR C 333 -48.84 -12.36 14.72
C THR C 333 -48.66 -11.82 13.31
N ILE C 334 -47.70 -12.40 12.59
CA ILE C 334 -47.34 -11.96 11.25
C ILE C 334 -47.55 -13.12 10.29
N ALA C 335 -48.19 -12.84 9.16
CA ALA C 335 -48.40 -13.84 8.13
C ALA C 335 -48.31 -13.20 6.76
N ASN C 336 -48.14 -14.04 5.75
CA ASN C 336 -48.05 -13.55 4.38
C ASN C 336 -49.40 -13.05 3.91
N ASN C 337 -49.38 -11.95 3.16
CA ASN C 337 -50.54 -11.49 2.41
C ASN C 337 -50.16 -11.60 0.94
N LEU C 338 -50.67 -12.62 0.26
CA LEU C 338 -50.16 -12.96 -1.06
C LEU C 338 -50.72 -12.07 -2.16
N THR C 339 -51.84 -11.41 -1.92
CA THR C 339 -52.50 -10.60 -2.93
C THR C 339 -52.15 -9.13 -2.82
N SER C 340 -51.31 -8.74 -1.88
CA SER C 340 -50.95 -7.35 -1.70
C SER C 340 -49.95 -6.90 -2.76
N THR C 341 -49.93 -5.60 -3.01
CA THR C 341 -49.05 -5.01 -4.00
C THR C 341 -48.11 -4.01 -3.36
N VAL C 342 -47.00 -3.78 -4.05
CA VAL C 342 -46.06 -2.70 -3.76
C VAL C 342 -45.97 -1.84 -5.01
N GLN C 343 -45.98 -0.53 -4.84
CA GLN C 343 -45.87 0.40 -5.94
C GLN C 343 -44.47 0.98 -5.99
N VAL C 344 -43.89 1.03 -7.20
CA VAL C 344 -42.54 1.54 -7.39
C VAL C 344 -42.50 2.30 -8.71
N PHE C 345 -41.87 3.47 -8.70
CA PHE C 345 -41.60 4.18 -9.94
C PHE C 345 -40.30 4.95 -9.78
N THR C 346 -39.70 5.27 -10.91
CA THR C 346 -38.55 6.16 -10.95
C THR C 346 -38.97 7.49 -11.54
N ASP C 347 -38.36 8.56 -11.09
CA ASP C 347 -38.63 9.87 -11.68
C ASP C 347 -37.49 10.13 -12.65
N SER C 348 -37.74 9.87 -13.93
CA SER C 348 -36.73 10.04 -14.96
C SER C 348 -36.88 11.33 -15.73
N ASP C 349 -37.93 12.10 -15.48
CA ASP C 349 -38.04 13.47 -15.96
C ASP C 349 -37.66 14.48 -14.90
N TYR C 350 -37.31 14.02 -13.70
CA TYR C 350 -36.79 14.87 -12.63
C TYR C 350 -37.82 15.91 -12.21
N GLN C 351 -39.06 15.46 -12.08
CA GLN C 351 -40.17 16.34 -11.75
C GLN C 351 -40.43 16.45 -10.25
N LEU C 352 -39.88 15.58 -9.46
CA LEU C 352 -39.97 15.68 -8.01
C LEU C 352 -38.77 16.43 -7.46
N PRO C 353 -38.91 17.03 -6.28
CA PRO C 353 -37.74 17.51 -5.57
C PRO C 353 -36.73 16.40 -5.34
N TYR C 354 -35.46 16.70 -5.57
CA TYR C 354 -34.40 15.70 -5.59
C TYR C 354 -33.66 15.79 -4.27
N VAL C 355 -33.85 14.78 -3.41
CA VAL C 355 -33.29 14.77 -2.07
C VAL C 355 -32.04 13.90 -1.95
N LEU C 356 -31.58 13.29 -3.03
CA LEU C 356 -30.50 12.31 -2.93
C LEU C 356 -29.12 12.95 -2.81
N GLY C 357 -28.97 14.24 -3.11
CA GLY C 357 -27.66 14.84 -3.08
C GLY C 357 -27.36 15.61 -1.82
N SER C 358 -28.11 15.33 -0.75
CA SER C 358 -27.98 16.05 0.50
C SER C 358 -27.17 15.29 1.56
N ALA C 359 -26.60 14.15 1.19
CA ALA C 359 -25.76 13.36 2.10
C ALA C 359 -26.56 12.84 3.30
N HIS C 360 -27.72 12.27 3.02
CA HIS C 360 -28.58 11.75 4.06
C HIS C 360 -28.34 10.28 4.38
N GLU C 361 -28.85 9.88 5.53
CA GLU C 361 -28.77 8.50 6.02
C GLU C 361 -29.82 7.64 5.31
N GLY C 362 -29.72 6.33 5.43
CA GLY C 362 -30.68 5.47 4.78
C GLY C 362 -30.25 4.81 3.48
N CYS C 363 -28.97 4.92 3.16
CA CYS C 363 -28.38 4.29 1.98
C CYS C 363 -28.15 2.80 2.27
N LEU C 364 -27.91 2.02 1.22
CA LEU C 364 -27.66 0.60 1.40
C LEU C 364 -26.45 0.44 2.31
N PRO C 365 -26.55 -0.46 3.30
CA PRO C 365 -25.46 -0.70 4.26
C PRO C 365 -24.17 -1.15 3.60
N PRO C 366 -23.03 -0.74 4.15
CA PRO C 366 -21.77 -1.17 3.52
C PRO C 366 -21.55 -2.66 3.54
N PHE C 367 -21.98 -3.33 4.57
CA PHE C 367 -21.68 -4.75 4.70
C PHE C 367 -22.85 -5.56 4.15
N PRO C 368 -22.61 -6.50 3.23
CA PRO C 368 -23.73 -7.09 2.49
C PRO C 368 -24.69 -7.90 3.35
N ALA C 369 -24.29 -8.32 4.55
CA ALA C 369 -25.17 -9.17 5.34
C ALA C 369 -26.14 -8.36 6.18
N ASP C 370 -26.11 -7.04 6.09
CA ASP C 370 -27.00 -6.22 6.89
C ASP C 370 -28.32 -5.99 6.16
N VAL C 371 -29.41 -6.02 6.92
CA VAL C 371 -30.74 -5.77 6.40
C VAL C 371 -31.13 -4.36 6.83
N PHE C 372 -31.58 -3.54 5.88
CA PHE C 372 -31.77 -2.13 6.18
C PHE C 372 -33.21 -1.71 5.95
N MET C 373 -33.57 -0.62 6.60
CA MET C 373 -34.89 -0.03 6.53
C MET C 373 -34.90 1.10 5.52
N ILE C 374 -35.91 1.12 4.66
CA ILE C 374 -36.01 2.13 3.61
C ILE C 374 -36.40 3.46 4.25
N PRO C 375 -35.75 4.55 3.90
CA PRO C 375 -36.09 5.85 4.49
C PRO C 375 -37.35 6.46 3.89
N GLN C 376 -37.97 7.34 4.67
CA GLN C 376 -39.19 8.00 4.25
C GLN C 376 -38.88 9.22 3.39
N TYR C 377 -39.59 9.35 2.28
CA TYR C 377 -39.42 10.48 1.39
C TYR C 377 -40.18 11.68 1.91
N GLY C 378 -39.56 12.85 1.76
CA GLY C 378 -40.16 14.11 2.14
C GLY C 378 -39.45 15.19 1.36
N TYR C 379 -40.01 16.40 1.40
CA TYR C 379 -39.39 17.48 0.65
C TYR C 379 -39.78 18.80 1.28
N LEU C 380 -39.06 19.84 0.89
CA LEU C 380 -39.28 21.19 1.35
C LEU C 380 -39.60 22.09 0.18
N THR C 381 -40.38 23.13 0.46
CA THR C 381 -40.67 24.14 -0.55
C THR C 381 -40.48 25.52 0.08
N LEU C 382 -40.87 26.57 -0.63
CA LEU C 382 -40.61 27.92 -0.13
C LEU C 382 -41.35 28.15 1.18
N ASN C 383 -40.81 29.07 1.98
CA ASN C 383 -41.49 29.45 3.21
C ASN C 383 -41.17 30.90 3.56
N ASP C 384 -42.00 31.46 4.42
CA ASP C 384 -41.68 32.66 5.18
C ASP C 384 -41.99 32.34 6.62
N GLY C 385 -40.96 32.25 7.45
CA GLY C 385 -41.17 31.65 8.77
C GLY C 385 -41.60 30.22 8.58
N SER C 386 -42.62 29.80 9.32
CA SER C 386 -43.20 28.49 9.12
C SER C 386 -44.37 28.50 8.14
N GLN C 387 -44.83 29.68 7.71
CA GLN C 387 -45.93 29.77 6.78
C GLN C 387 -45.45 29.55 5.35
N ALA C 388 -46.38 29.15 4.49
CA ALA C 388 -46.10 28.97 3.08
C ALA C 388 -46.23 30.31 2.35
N VAL C 389 -45.96 30.29 1.06
CA VAL C 389 -46.18 31.43 0.18
C VAL C 389 -46.93 30.94 -1.04
N GLY C 390 -47.44 31.88 -1.83
CA GLY C 390 -48.21 31.51 -3.00
C GLY C 390 -47.45 30.67 -3.99
N ARG C 391 -46.13 30.81 -4.03
CA ARG C 391 -45.32 30.10 -5.01
C ARG C 391 -44.97 28.68 -4.58
N SER C 392 -45.20 28.35 -3.31
CA SER C 392 -44.90 27.02 -2.81
C SER C 392 -45.66 25.96 -3.60
N SER C 393 -45.01 24.83 -3.82
CA SER C 393 -45.57 23.74 -4.62
C SER C 393 -45.86 22.54 -3.74
N PHE C 394 -46.91 21.81 -4.10
CA PHE C 394 -47.28 20.57 -3.47
C PHE C 394 -47.22 19.46 -4.51
N TYR C 395 -46.67 18.32 -4.13
CA TYR C 395 -46.52 17.20 -5.06
C TYR C 395 -47.22 15.98 -4.49
N CYS C 396 -48.18 15.46 -5.24
CA CYS C 396 -48.79 14.17 -4.95
C CYS C 396 -48.05 13.12 -5.77
N LEU C 397 -47.37 12.21 -5.09
CA LEU C 397 -46.62 11.18 -5.78
C LEU C 397 -47.50 10.11 -6.38
N GLU C 398 -48.80 10.12 -6.07
CA GLU C 398 -49.74 9.23 -6.72
C GLU C 398 -50.08 9.68 -8.13
N TYR C 399 -49.68 10.89 -8.49
CA TYR C 399 -50.04 11.52 -9.75
C TYR C 399 -49.03 11.20 -10.85
N PHE C 400 -48.11 10.32 -10.58
CA PHE C 400 -47.08 9.63 -11.32
C PHE C 400 -47.50 8.18 -11.60
N PRO C 401 -47.44 7.74 -12.85
CA PRO C 401 -47.65 6.32 -13.12
C PRO C 401 -46.57 5.47 -12.48
N SER C 402 -47.00 4.38 -11.84
CA SER C 402 -46.08 3.52 -11.12
C SER C 402 -46.47 2.06 -11.33
N GLN C 403 -45.45 1.24 -11.53
CA GLN C 403 -45.62 -0.20 -11.68
C GLN C 403 -46.01 -0.82 -10.34
N MET C 404 -47.03 -1.67 -10.37
CA MET C 404 -47.50 -2.36 -9.17
C MET C 404 -47.03 -3.80 -9.22
N LEU C 405 -46.64 -4.34 -8.06
CA LEU C 405 -45.96 -5.62 -7.99
C LEU C 405 -46.58 -6.48 -6.90
N ARG C 406 -46.93 -7.72 -7.25
CA ARG C 406 -47.21 -8.73 -6.24
C ARG C 406 -45.97 -9.59 -6.05
N THR C 407 -46.11 -10.61 -5.19
CA THR C 407 -44.94 -11.35 -4.73
C THR C 407 -44.23 -12.12 -5.84
N GLY C 408 -44.81 -12.19 -7.04
CA GLY C 408 -44.14 -12.83 -8.15
C GLY C 408 -43.54 -11.89 -9.16
N ASN C 409 -43.87 -10.61 -9.09
CA ASN C 409 -43.36 -9.60 -10.00
C ASN C 409 -41.99 -9.11 -9.56
N ASN C 410 -41.25 -8.56 -10.52
CA ASN C 410 -39.99 -7.89 -10.24
C ASN C 410 -39.90 -6.60 -11.05
N PHE C 411 -38.94 -5.75 -10.69
CA PHE C 411 -38.79 -4.44 -11.29
C PHE C 411 -37.32 -4.22 -11.62
N GLN C 412 -37.05 -3.62 -12.78
CA GLN C 412 -35.70 -3.31 -13.18
C GLN C 412 -35.70 -2.11 -14.12
N PHE C 413 -34.60 -1.38 -14.12
CA PHE C 413 -34.39 -0.34 -15.12
C PHE C 413 -32.89 -0.11 -15.25
N SER C 414 -32.49 0.49 -16.35
CA SER C 414 -31.10 0.76 -16.63
C SER C 414 -30.89 2.24 -16.88
N TYR C 415 -29.72 2.72 -16.49
CA TYR C 415 -29.40 4.14 -16.55
C TYR C 415 -28.01 4.34 -17.14
N GLU C 416 -27.86 5.42 -17.88
CA GLU C 416 -26.61 5.81 -18.51
C GLU C 416 -26.15 7.12 -17.89
N PHE C 417 -25.05 7.07 -17.15
CA PHE C 417 -24.47 8.28 -16.58
C PHE C 417 -24.09 9.25 -17.70
N GLU C 418 -24.38 10.53 -17.49
CA GLU C 418 -23.94 11.51 -18.46
C GLU C 418 -22.46 11.80 -18.27
N ASN C 419 -21.84 12.29 -19.34
CA ASN C 419 -20.39 12.41 -19.37
C ASN C 419 -19.92 13.35 -18.27
N VAL C 420 -19.02 12.85 -17.43
CA VAL C 420 -18.43 13.65 -16.36
C VAL C 420 -16.92 13.47 -16.44
N PRO C 421 -16.15 14.43 -15.92
CA PRO C 421 -14.70 14.25 -15.87
C PRO C 421 -14.32 13.23 -14.83
N PHE C 422 -13.19 12.56 -15.06
CA PHE C 422 -12.68 11.57 -14.11
C PHE C 422 -12.33 12.25 -12.80
N HIS C 423 -12.71 11.65 -11.68
CA HIS C 423 -12.32 12.20 -10.41
C HIS C 423 -10.82 11.97 -10.33
N SER C 424 -10.07 12.95 -9.85
CA SER C 424 -8.63 12.78 -9.81
C SER C 424 -8.16 12.14 -8.52
N SER C 425 -7.89 10.84 -8.58
CA SER C 425 -7.38 10.14 -7.41
C SER C 425 -5.86 10.16 -7.39
N TYR C 426 -5.27 11.33 -7.26
CA TYR C 426 -3.83 11.46 -7.20
C TYR C 426 -3.49 12.76 -6.51
N ALA C 427 -2.27 12.83 -5.99
CA ALA C 427 -1.80 14.02 -5.33
C ALA C 427 -0.62 14.52 -6.16
N HIS C 428 -0.52 15.82 -6.34
CA HIS C 428 0.56 16.38 -7.13
C HIS C 428 1.93 16.23 -6.45
N SER C 429 2.96 15.95 -7.24
CA SER C 429 4.31 15.79 -6.71
C SER C 429 5.08 17.10 -6.77
N GLN C 430 4.43 18.13 -7.28
CA GLN C 430 4.99 19.47 -7.36
C GLN C 430 3.98 20.45 -6.80
N SER C 431 4.47 21.61 -6.40
CA SER C 431 3.62 22.67 -5.89
C SER C 431 3.59 23.82 -6.87
N LEU C 432 2.53 24.62 -6.80
CA LEU C 432 2.27 25.61 -7.83
C LEU C 432 3.36 26.65 -7.90
N ASP C 433 4.07 26.89 -6.81
CA ASP C 433 5.10 27.91 -6.77
C ASP C 433 6.52 27.37 -6.98
N ARG C 434 6.69 26.06 -7.13
CA ARG C 434 7.98 25.45 -7.42
C ARG C 434 8.15 24.94 -8.84
N LEU C 435 7.26 25.30 -9.76
CA LEU C 435 7.30 24.73 -11.11
C LEU C 435 8.55 25.08 -11.92
N MET C 436 9.42 25.95 -11.41
CA MET C 436 10.58 26.48 -12.10
C MET C 436 11.73 25.49 -12.19
N ASN C 437 12.65 25.77 -13.10
CA ASN C 437 13.95 25.11 -13.14
C ASN C 437 14.86 25.71 -12.09
N PRO C 438 15.31 24.94 -11.08
CA PRO C 438 16.10 25.52 -10.00
C PRO C 438 17.51 25.95 -10.41
N LEU C 439 17.99 25.57 -11.59
CA LEU C 439 19.36 25.85 -11.97
C LEU C 439 19.54 27.12 -12.78
N ILE C 440 18.48 27.75 -13.26
CA ILE C 440 18.57 28.78 -14.29
C ILE C 440 17.87 30.04 -13.81
N ASP C 441 18.47 31.19 -14.13
CA ASP C 441 17.86 32.49 -13.87
C ASP C 441 16.73 32.75 -14.85
N GLN C 442 15.79 33.60 -14.41
CA GLN C 442 14.84 34.18 -15.35
C GLN C 442 15.44 35.38 -16.05
N TYR C 443 14.92 35.67 -17.25
CA TYR C 443 15.26 36.92 -17.89
C TYR C 443 14.42 38.09 -17.40
N LEU C 444 13.48 37.85 -16.50
CA LEU C 444 12.73 38.92 -15.87
C LEU C 444 13.50 39.52 -14.70
N TYR C 445 13.17 40.78 -14.38
CA TYR C 445 13.74 41.52 -13.26
C TYR C 445 12.65 41.93 -12.29
N TYR C 446 13.05 42.13 -11.04
CA TYR C 446 12.13 42.58 -10.00
C TYR C 446 12.78 43.72 -9.23
N LEU C 447 11.99 44.40 -8.42
CA LEU C 447 12.45 45.59 -7.71
C LEU C 447 13.01 45.17 -6.36
N SER C 448 14.34 45.22 -6.23
CA SER C 448 15.01 44.72 -5.04
C SER C 448 15.11 45.76 -3.93
N LYS C 449 15.44 47.01 -4.24
CA LYS C 449 15.71 48.03 -3.24
C LYS C 449 14.98 49.32 -3.59
N THR C 450 14.28 49.89 -2.61
CA THR C 450 13.74 51.23 -2.75
C THR C 450 14.55 52.30 -2.03
N ILE C 451 15.62 51.94 -1.31
CA ILE C 451 16.48 52.91 -0.66
C ILE C 451 17.92 52.39 -0.68
N ASN C 452 18.87 53.32 -0.62
CA ASN C 452 20.28 52.93 -0.58
C ASN C 452 20.70 52.57 0.83
N GLY C 453 20.07 53.15 1.84
CA GLY C 453 20.44 52.89 3.20
C GLY C 453 19.69 53.79 4.16
N SER C 454 20.12 53.77 5.41
CA SER C 454 19.47 54.57 6.43
C SER C 454 19.87 56.04 6.30
N GLY C 455 18.89 56.91 6.44
CA GLY C 455 19.13 58.33 6.36
C GLY C 455 17.90 59.03 5.81
N GLN C 456 18.12 60.23 5.29
CA GLN C 456 17.08 61.00 4.64
C GLN C 456 17.35 61.05 3.13
N ASN C 457 16.28 61.10 2.36
CA ASN C 457 16.37 61.29 0.91
C ASN C 457 17.21 60.18 0.27
N GLN C 458 16.98 58.95 0.70
CA GLN C 458 17.72 57.79 0.20
C GLN C 458 16.99 57.05 -0.91
N GLN C 459 15.87 57.58 -1.40
CA GLN C 459 15.07 56.87 -2.40
C GLN C 459 15.93 56.44 -3.59
N THR C 460 15.67 55.23 -4.06
CA THR C 460 16.32 54.70 -5.25
C THR C 460 15.43 53.61 -5.82
N LEU C 461 15.74 53.20 -7.05
CA LEU C 461 15.11 52.05 -7.67
C LEU C 461 16.21 51.12 -8.15
N LYS C 462 16.31 49.95 -7.51
CA LYS C 462 17.26 48.93 -7.90
C LYS C 462 16.49 47.70 -8.37
N PHE C 463 17.12 46.92 -9.24
CA PHE C 463 16.46 45.79 -9.87
C PHE C 463 17.41 44.61 -9.89
N SER C 464 16.86 43.42 -9.78
CA SER C 464 17.67 42.21 -9.74
C SER C 464 17.04 41.15 -10.62
N VAL C 465 17.87 40.19 -11.02
CA VAL C 465 17.38 39.03 -11.75
C VAL C 465 16.67 38.09 -10.78
N ALA C 466 15.47 37.66 -11.13
CA ALA C 466 14.79 36.61 -10.39
C ALA C 466 15.41 35.27 -10.75
N GLY C 467 15.87 34.55 -9.75
CA GLY C 467 16.62 33.36 -9.98
C GLY C 467 16.54 32.37 -8.84
N PRO C 468 17.32 31.30 -8.94
CA PRO C 468 17.28 30.24 -7.91
C PRO C 468 17.43 30.72 -6.50
N SER C 469 18.15 31.81 -6.28
CA SER C 469 18.45 32.23 -4.91
C SER C 469 17.23 32.83 -4.24
N ASN C 470 16.45 33.64 -4.96
CA ASN C 470 15.19 34.16 -4.44
C ASN C 470 14.08 33.63 -5.33
N MET C 471 13.35 32.62 -4.86
CA MET C 471 12.30 32.03 -5.66
C MET C 471 10.94 32.64 -5.38
N ALA C 472 10.82 33.43 -4.32
CA ALA C 472 9.51 33.97 -3.98
C ALA C 472 9.07 35.04 -4.96
N VAL C 473 10.02 35.70 -5.62
CA VAL C 473 9.70 36.88 -6.41
C VAL C 473 9.58 36.57 -7.90
N GLN C 474 9.72 35.32 -8.31
CA GLN C 474 9.77 35.06 -9.74
C GLN C 474 8.40 35.24 -10.37
N GLY C 475 8.40 35.54 -11.67
CA GLY C 475 7.16 35.63 -12.40
C GLY C 475 6.58 34.26 -12.67
N ARG C 476 5.27 34.13 -12.46
CA ARG C 476 4.61 32.85 -12.57
C ARG C 476 3.37 32.98 -13.45
N ASN C 477 3.10 31.92 -14.19
CA ASN C 477 1.97 31.88 -15.10
C ASN C 477 0.65 31.55 -14.43
N TYR C 478 0.66 30.86 -13.29
CA TYR C 478 -0.59 30.40 -12.69
C TYR C 478 -0.53 30.59 -11.18
N ILE C 479 -1.69 30.82 -10.60
CA ILE C 479 -1.82 31.19 -9.19
C ILE C 479 -2.80 30.23 -8.53
N PRO C 480 -2.73 30.08 -7.21
CA PRO C 480 -3.63 29.14 -6.54
C PRO C 480 -5.08 29.57 -6.58
N GLY C 481 -5.96 28.60 -6.39
CA GLY C 481 -7.38 28.80 -6.54
C GLY C 481 -8.01 29.61 -5.44
N PRO C 482 -9.34 29.69 -5.47
CA PRO C 482 -10.05 30.62 -4.58
C PRO C 482 -10.10 30.12 -3.15
N SER C 483 -10.37 31.05 -2.24
CA SER C 483 -10.40 30.77 -0.82
C SER C 483 -11.56 31.51 -0.17
N TYR C 484 -12.16 30.88 0.84
CA TYR C 484 -13.11 31.53 1.73
C TYR C 484 -12.73 31.12 3.13
N ARG C 485 -12.21 32.05 3.92
CA ARG C 485 -11.42 31.67 5.08
C ARG C 485 -12.29 31.02 6.16
N GLN C 486 -11.74 30.01 6.82
CA GLN C 486 -12.37 29.27 7.90
C GLN C 486 -11.69 29.60 9.20
N GLN C 487 -12.41 29.49 10.30
CA GLN C 487 -11.78 29.59 11.61
C GLN C 487 -11.01 28.32 11.91
N ARG C 488 -9.92 28.45 12.66
CA ARG C 488 -9.01 27.35 12.91
C ARG C 488 -9.23 26.80 14.31
N VAL C 489 -9.47 25.50 14.40
CA VAL C 489 -9.76 24.84 15.66
C VAL C 489 -8.66 23.84 15.93
N SER C 490 -8.23 23.73 17.18
CA SER C 490 -7.16 22.79 17.55
C SER C 490 -7.68 21.50 18.19
N THR C 491 -7.05 20.38 17.86
CA THR C 491 -7.42 19.08 18.41
C THR C 491 -7.20 19.04 19.92
N THR C 492 -6.13 19.68 20.38
CA THR C 492 -5.84 19.79 21.81
C THR C 492 -6.73 20.90 22.32
N VAL C 493 -7.66 20.55 23.21
CA VAL C 493 -8.67 21.49 23.73
C VAL C 493 -8.24 22.75 24.47
N THR C 494 -7.20 22.70 25.29
CA THR C 494 -6.73 23.88 26.02
C THR C 494 -6.23 25.00 25.12
N GLN C 495 -5.67 24.64 23.98
CA GLN C 495 -5.18 25.60 22.98
C GLN C 495 -6.29 26.49 22.43
N ASN C 496 -7.50 25.96 22.30
CA ASN C 496 -8.67 26.70 21.85
C ASN C 496 -9.11 27.74 22.87
N ASN C 497 -9.77 28.79 22.41
CA ASN C 497 -10.27 29.86 23.27
C ASN C 497 -11.36 29.36 24.21
N ASN C 498 -11.45 29.94 25.41
CA ASN C 498 -12.48 29.54 26.36
C ASN C 498 -13.77 30.31 26.17
N SER C 499 -14.45 30.06 25.06
CA SER C 499 -15.71 30.73 24.76
C SER C 499 -16.47 29.86 23.77
N GLU C 500 -17.76 30.12 23.62
CA GLU C 500 -18.53 29.33 22.68
C GLU C 500 -18.49 30.01 21.33
N PHE C 501 -17.65 29.49 20.44
CA PHE C 501 -17.51 30.06 19.11
C PHE C 501 -17.92 29.11 17.99
N ALA C 502 -18.57 28.01 18.32
CA ALA C 502 -18.92 27.05 17.28
C ALA C 502 -19.81 27.66 16.21
N TRP C 503 -20.83 28.41 16.61
CA TRP C 503 -21.67 29.06 15.60
C TRP C 503 -21.30 30.53 15.39
N PRO C 504 -20.92 31.21 16.48
CA PRO C 504 -20.55 32.63 16.41
C PRO C 504 -19.32 32.91 15.57
N GLY C 505 -18.28 32.09 15.65
CA GLY C 505 -17.09 32.32 14.87
C GLY C 505 -17.06 31.58 13.55
N ALA C 506 -18.21 31.19 13.05
CA ALA C 506 -18.28 30.34 11.87
C ALA C 506 -18.44 31.15 10.60
N SER C 507 -17.82 30.66 9.52
CA SER C 507 -18.04 31.22 8.19
C SER C 507 -19.40 30.79 7.69
N SER C 508 -20.16 31.75 7.17
CA SER C 508 -21.52 31.46 6.75
C SER C 508 -21.82 32.18 5.45
N TRP C 509 -22.95 31.83 4.86
CA TRP C 509 -23.52 32.60 3.77
C TRP C 509 -25.00 32.84 4.06
N ALA C 510 -25.48 34.01 3.67
CA ALA C 510 -26.84 34.44 3.93
C ALA C 510 -27.66 34.38 2.65
N LEU C 511 -28.87 33.85 2.76
CA LEU C 511 -29.77 33.76 1.62
C LEU C 511 -31.16 34.17 2.09
N ASN C 512 -31.69 35.24 1.52
CA ASN C 512 -33.03 35.73 1.86
C ASN C 512 -33.18 35.98 3.35
N GLY C 513 -32.10 36.38 4.00
CA GLY C 513 -32.13 36.71 5.40
C GLY C 513 -31.86 35.57 6.35
N ARG C 514 -31.64 34.36 5.85
CA ARG C 514 -31.27 33.22 6.68
C ARG C 514 -29.80 32.89 6.50
N ASN C 515 -29.09 32.78 7.63
CA ASN C 515 -27.69 32.42 7.62
C ASN C 515 -27.54 30.91 7.60
N SER C 516 -26.80 30.40 6.62
CA SER C 516 -26.44 29.00 6.54
C SER C 516 -24.94 28.88 6.76
N LEU C 517 -24.53 27.90 7.54
CA LEU C 517 -23.12 27.63 7.72
C LEU C 517 -22.48 27.29 6.39
N MET C 518 -21.22 27.67 6.21
CA MET C 518 -20.51 27.31 4.99
C MET C 518 -19.84 25.98 5.28
N ASN C 519 -20.42 24.92 4.74
CA ASN C 519 -19.99 23.57 5.03
C ASN C 519 -20.15 22.69 3.80
N PRO C 520 -19.10 21.95 3.43
CA PRO C 520 -17.72 22.18 3.82
C PRO C 520 -17.13 23.42 3.14
N GLY C 521 -17.76 23.87 2.07
CA GLY C 521 -17.37 25.08 1.40
C GLY C 521 -16.43 24.84 0.23
N PRO C 522 -15.74 25.88 -0.21
CA PRO C 522 -14.72 25.69 -1.25
C PRO C 522 -13.66 24.71 -0.80
N ALA C 523 -13.05 24.04 -1.78
CA ALA C 523 -12.06 23.02 -1.48
C ALA C 523 -10.74 23.68 -1.16
N MET C 524 -10.25 23.49 0.05
CA MET C 524 -9.03 24.12 0.51
C MET C 524 -8.26 23.14 1.37
N ALA C 525 -6.95 23.28 1.38
CA ALA C 525 -6.12 22.45 2.23
C ALA C 525 -6.49 22.66 3.69
N SER C 526 -6.48 21.58 4.47
CA SER C 526 -7.01 21.65 5.82
C SER C 526 -6.04 22.33 6.76
N HIS C 527 -4.75 22.16 6.52
CA HIS C 527 -3.75 22.71 7.43
C HIS C 527 -2.44 22.88 6.68
N LYS C 528 -1.58 23.72 7.24
CA LYS C 528 -0.25 23.91 6.68
C LYS C 528 0.61 22.69 6.95
N GLU C 529 1.70 22.58 6.19
CA GLU C 529 2.63 21.49 6.37
C GLU C 529 3.17 21.57 7.79
N GLY C 530 3.18 20.45 8.48
CA GLY C 530 3.66 20.40 9.85
C GLY C 530 2.69 20.83 10.93
N GLU C 531 1.42 20.98 10.59
CA GLU C 531 0.41 21.39 11.57
C GLU C 531 -0.78 20.46 11.54
N ASP C 532 -0.58 19.22 11.97
CA ASP C 532 -1.60 18.20 11.99
C ASP C 532 -2.77 18.48 12.93
N ARG C 533 -2.51 19.08 14.08
CA ARG C 533 -3.55 19.35 15.05
C ARG C 533 -4.69 20.30 14.64
N PHE C 534 -4.39 21.36 13.91
CA PHE C 534 -5.43 22.29 13.50
C PHE C 534 -6.36 21.82 12.39
N PHE C 535 -7.63 22.17 12.47
CA PHE C 535 -8.60 21.81 11.45
C PHE C 535 -9.62 22.93 11.21
N PRO C 536 -10.10 23.09 9.97
CA PRO C 536 -11.06 24.16 9.72
C PRO C 536 -12.36 23.81 10.45
N LEU C 537 -13.02 24.81 11.02
CA LEU C 537 -14.22 24.54 11.80
C LEU C 537 -15.32 23.83 11.01
N SER C 538 -15.62 24.26 9.81
CA SER C 538 -16.63 23.57 9.00
C SER C 538 -16.10 23.09 7.67
N GLY C 539 -14.79 23.22 7.47
CA GLY C 539 -14.13 22.83 6.25
C GLY C 539 -14.09 21.37 5.80
N SER C 540 -13.91 20.47 6.75
CA SER C 540 -13.82 19.05 6.43
C SER C 540 -15.08 18.25 6.69
N LEU C 541 -15.22 17.13 6.01
CA LEU C 541 -16.33 16.23 6.22
C LEU C 541 -16.00 15.45 7.47
N ILE C 542 -16.96 15.33 8.38
CA ILE C 542 -16.76 14.63 9.63
C ILE C 542 -17.72 13.45 9.66
N PHE C 543 -17.18 12.25 9.84
CA PHE C 543 -17.95 11.04 9.90
C PHE C 543 -17.97 10.52 11.33
N GLY C 544 -19.02 9.79 11.68
CA GLY C 544 -19.12 9.15 12.97
C GLY C 544 -18.49 7.76 12.92
N LYS C 545 -17.92 7.35 14.03
CA LYS C 545 -17.49 5.98 14.19
C LYS C 545 -18.69 5.09 14.47
N GLN C 546 -18.51 3.79 14.27
CA GLN C 546 -19.59 2.85 14.52
C GLN C 546 -20.02 2.89 15.99
N GLY C 547 -21.31 3.14 16.21
CA GLY C 547 -21.87 3.22 17.53
C GLY C 547 -21.84 4.60 18.15
N THR C 548 -21.61 5.63 17.36
CA THR C 548 -21.48 6.99 17.87
C THR C 548 -22.86 7.59 18.09
N GLY C 549 -23.02 8.31 19.19
CA GLY C 549 -24.30 8.87 19.52
C GLY C 549 -24.72 9.97 18.57
N ARG C 550 -25.91 10.51 18.81
CA ARG C 550 -26.45 11.56 17.96
C ARG C 550 -25.95 12.95 18.35
N ASP C 551 -25.88 13.25 19.65
CA ASP C 551 -25.73 14.62 20.13
C ASP C 551 -24.56 14.76 21.09
N ASN C 552 -23.71 15.75 20.82
CA ASN C 552 -22.63 16.17 21.72
C ASN C 552 -21.67 15.03 22.06
N VAL C 553 -21.23 14.32 21.04
CA VAL C 553 -20.23 13.28 21.21
C VAL C 553 -18.83 13.88 21.22
N ASP C 554 -17.91 13.20 21.88
CA ASP C 554 -16.53 13.67 22.02
C ASP C 554 -15.75 13.50 20.72
N ALA C 555 -14.63 14.21 20.63
CA ALA C 555 -13.87 14.26 19.39
C ALA C 555 -13.28 12.90 19.02
N ASP C 556 -13.18 11.99 19.97
CA ASP C 556 -12.67 10.67 19.64
C ASP C 556 -13.77 9.73 19.17
N LYS C 557 -15.00 10.24 19.09
CA LYS C 557 -16.09 9.44 18.55
C LYS C 557 -16.33 9.73 17.07
N VAL C 558 -15.61 10.69 16.50
CA VAL C 558 -15.84 11.12 15.13
C VAL C 558 -14.54 10.99 14.35
N MET C 559 -14.67 11.00 13.03
CA MET C 559 -13.52 10.92 12.15
C MET C 559 -13.49 12.18 11.29
N ILE C 560 -12.51 13.04 11.52
CA ILE C 560 -12.40 14.31 10.84
C ILE C 560 -11.46 14.12 9.66
N THR C 561 -12.00 14.14 8.45
CA THR C 561 -11.16 13.94 7.28
C THR C 561 -10.37 15.20 7.00
N ASN C 562 -9.11 15.06 6.61
CA ASN C 562 -8.32 16.25 6.32
C ASN C 562 -7.76 16.22 4.91
N GLU C 563 -8.08 17.24 4.12
CA GLU C 563 -7.59 17.35 2.75
C GLU C 563 -6.25 18.05 2.65
N GLU C 564 -5.22 17.51 3.27
CA GLU C 564 -3.91 18.17 3.20
C GLU C 564 -3.19 17.94 1.87
N GLU C 565 -3.68 16.98 1.08
CA GLU C 565 -3.03 16.66 -0.19
C GLU C 565 -3.23 17.69 -1.30
N ILE C 566 -4.21 18.56 -1.14
CA ILE C 566 -4.47 19.60 -2.14
C ILE C 566 -3.74 20.91 -1.85
N LYS C 567 -2.84 20.91 -0.88
CA LYS C 567 -2.09 22.11 -0.52
C LYS C 567 -1.24 22.66 -1.67
N THR C 568 -0.69 21.77 -2.49
CA THR C 568 0.07 22.16 -3.67
C THR C 568 -0.62 23.25 -4.51
N THR C 569 -1.85 23.01 -4.97
CA THR C 569 -2.55 24.01 -5.75
C THR C 569 -3.58 24.84 -4.97
N ASN C 570 -3.87 24.52 -3.72
CA ASN C 570 -4.98 25.24 -3.12
C ASN C 570 -4.52 25.97 -1.87
N PRO C 571 -5.09 27.13 -1.58
CA PRO C 571 -4.73 27.84 -0.35
C PRO C 571 -5.20 27.08 0.88
N VAL C 572 -4.52 27.33 1.99
CA VAL C 572 -4.90 26.70 3.25
C VAL C 572 -6.21 27.32 3.73
N ALA C 573 -7.10 26.47 4.25
CA ALA C 573 -8.46 26.91 4.56
C ALA C 573 -8.48 27.93 5.68
N THR C 574 -7.53 27.88 6.60
CA THR C 574 -7.49 28.74 7.77
C THR C 574 -6.57 29.94 7.61
N GLU C 575 -6.03 30.17 6.42
CA GLU C 575 -5.09 31.24 6.16
C GLU C 575 -5.70 32.24 5.19
N SER C 576 -5.17 33.46 5.19
CA SER C 576 -5.55 34.42 4.18
C SER C 576 -5.00 34.01 2.81
N TYR C 577 -5.71 34.41 1.76
CA TYR C 577 -5.24 34.11 0.42
C TYR C 577 -3.92 34.84 0.14
N GLY C 578 -3.79 36.07 0.65
CA GLY C 578 -2.60 36.85 0.42
C GLY C 578 -2.82 38.29 0.86
N GLN C 579 -1.98 39.18 0.35
CA GLN C 579 -2.07 40.60 0.65
C GLN C 579 -2.28 41.40 -0.61
N VAL C 580 -2.96 42.54 -0.47
CA VAL C 580 -3.09 43.53 -1.53
C VAL C 580 -2.68 44.88 -0.99
N ALA C 581 -2.39 45.79 -1.90
CA ALA C 581 -2.04 47.15 -1.55
C ALA C 581 -3.30 47.96 -1.30
N THR C 582 -3.35 48.66 -0.17
CA THR C 582 -4.53 49.43 0.20
C THR C 582 -4.43 50.92 -0.06
N ASN C 583 -3.34 51.42 -0.62
CA ASN C 583 -3.24 52.87 -0.82
C ASN C 583 -2.22 53.17 -1.91
N HIS C 584 -1.99 54.46 -2.12
CA HIS C 584 -0.89 54.97 -2.93
C HIS C 584 0.18 55.49 -2.00
N GLN C 585 1.37 54.89 -2.05
CA GLN C 585 2.48 55.45 -1.31
C GLN C 585 2.88 56.80 -1.88
N SER C 586 3.59 57.56 -1.07
CA SER C 586 4.14 58.85 -1.49
C SER C 586 5.17 59.25 -0.44
N ALA C 587 5.77 60.42 -0.65
CA ALA C 587 6.74 60.91 0.32
C ALA C 587 6.15 61.01 1.72
N GLN C 588 4.86 61.32 1.83
CA GLN C 588 4.21 61.46 3.12
C GLN C 588 3.43 60.23 3.56
N ALA C 589 3.38 59.17 2.74
CA ALA C 589 2.56 58.02 3.06
C ALA C 589 3.35 56.74 2.81
N GLN C 590 3.44 55.89 3.84
CA GLN C 590 4.07 54.59 3.69
C GLN C 590 3.16 53.64 2.93
N ALA C 591 3.77 52.59 2.37
CA ALA C 591 3.01 51.57 1.69
C ALA C 591 2.21 50.74 2.68
N GLN C 592 0.92 50.60 2.41
CA GLN C 592 0.02 49.85 3.28
C GLN C 592 -0.55 48.66 2.54
N THR C 593 -0.71 47.55 3.26
CA THR C 593 -1.27 46.32 2.72
C THR C 593 -2.42 45.87 3.61
N GLY C 594 -3.19 44.93 3.09
CA GLY C 594 -4.28 44.35 3.85
C GLY C 594 -4.50 42.91 3.44
N TRP C 595 -5.11 42.15 4.33
CA TRP C 595 -5.23 40.71 4.13
C TRP C 595 -6.48 40.39 3.33
N VAL C 596 -6.35 39.43 2.42
CA VAL C 596 -7.48 38.99 1.60
C VAL C 596 -8.09 37.80 2.32
N GLN C 597 -9.26 38.00 2.91
CA GLN C 597 -9.88 36.91 3.66
C GLN C 597 -10.64 35.98 2.76
N ASN C 598 -11.19 36.49 1.67
CA ASN C 598 -11.86 35.69 0.66
C ASN C 598 -11.46 36.21 -0.71
N GLN C 599 -11.24 35.29 -1.64
CA GLN C 599 -10.85 35.65 -3.00
C GLN C 599 -11.65 34.80 -3.98
N GLY C 600 -12.36 35.46 -4.88
CA GLY C 600 -13.05 34.76 -5.94
C GLY C 600 -12.12 34.39 -7.07
N ILE C 601 -12.70 33.79 -8.11
CA ILE C 601 -11.92 33.31 -9.24
C ILE C 601 -11.24 34.47 -9.94
N LEU C 602 -9.96 34.27 -10.26
CA LEU C 602 -9.17 35.13 -11.13
C LEU C 602 -8.69 34.33 -12.33
N PRO C 603 -8.54 34.96 -13.49
CA PRO C 603 -7.95 34.25 -14.64
C PRO C 603 -6.54 33.79 -14.30
N GLY C 604 -6.25 32.55 -14.63
CA GLY C 604 -4.97 31.96 -14.30
C GLY C 604 -4.94 31.13 -13.02
N MET C 605 -6.06 30.97 -12.34
CA MET C 605 -6.12 30.10 -11.17
C MET C 605 -6.23 28.64 -11.59
N VAL C 606 -5.70 27.76 -10.73
CA VAL C 606 -5.86 26.33 -10.85
C VAL C 606 -6.14 25.77 -9.47
N TRP C 607 -6.96 24.73 -9.40
CA TRP C 607 -7.30 24.16 -8.11
C TRP C 607 -7.66 22.69 -8.30
N GLN C 608 -7.67 21.97 -7.19
CA GLN C 608 -8.15 20.60 -7.12
C GLN C 608 -9.51 20.59 -6.43
N ASP C 609 -10.36 19.66 -6.82
CA ASP C 609 -11.64 19.51 -6.15
C ASP C 609 -11.46 18.74 -4.84
N ARG C 610 -12.54 18.61 -4.10
CA ARG C 610 -12.49 17.88 -2.85
C ARG C 610 -12.46 16.39 -3.11
N ASP C 611 -11.83 15.66 -2.19
CA ASP C 611 -11.59 14.24 -2.35
C ASP C 611 -12.87 13.45 -2.07
N VAL C 612 -12.93 12.23 -2.60
CA VAL C 612 -14.04 11.33 -2.33
C VAL C 612 -13.55 10.26 -1.37
N TYR C 613 -14.44 9.78 -0.52
CA TYR C 613 -14.11 8.81 0.50
C TYR C 613 -14.92 7.55 0.33
N LEU C 614 -14.46 6.46 0.94
CA LEU C 614 -15.23 5.23 0.89
C LEU C 614 -16.62 5.43 1.49
N GLN C 615 -16.73 6.28 2.50
CA GLN C 615 -18.01 6.53 3.14
C GLN C 615 -18.78 7.68 2.49
N GLY C 616 -18.16 8.41 1.58
CA GLY C 616 -18.71 9.66 1.12
C GLY C 616 -19.71 9.52 0.00
N PRO C 617 -20.28 10.65 -0.42
CA PRO C 617 -21.27 10.62 -1.50
C PRO C 617 -20.62 10.41 -2.85
N ILE C 618 -21.42 9.95 -3.81
CA ILE C 618 -20.92 9.73 -5.16
C ILE C 618 -21.28 10.91 -6.05
N TRP C 619 -22.56 11.17 -6.24
CA TRP C 619 -23.00 12.21 -7.16
C TRP C 619 -23.87 13.22 -6.45
N ALA C 620 -24.08 14.35 -7.12
CA ALA C 620 -25.09 15.31 -6.73
C ALA C 620 -25.81 15.77 -7.99
N LYS C 621 -26.97 16.38 -7.81
CA LYS C 621 -27.70 16.95 -8.93
C LYS C 621 -27.36 18.44 -9.04
N ILE C 622 -26.84 18.83 -10.19
CA ILE C 622 -26.58 20.25 -10.43
C ILE C 622 -27.92 20.99 -10.46
N PRO C 623 -28.14 21.96 -9.58
CA PRO C 623 -29.42 22.66 -9.59
C PRO C 623 -29.70 23.26 -10.95
N HIS C 624 -30.98 23.40 -11.28
CA HIS C 624 -31.35 23.86 -12.61
C HIS C 624 -31.45 25.37 -12.57
N THR C 625 -30.48 26.03 -13.19
CA THR C 625 -30.31 27.47 -13.02
C THR C 625 -29.82 28.05 -14.33
N ASP C 626 -29.88 29.39 -14.41
CA ASP C 626 -29.34 30.09 -15.57
C ASP C 626 -27.85 29.82 -15.73
N GLY C 627 -27.12 29.87 -14.64
CA GLY C 627 -25.68 29.68 -14.72
C GLY C 627 -25.11 29.04 -13.48
N ASN C 628 -23.94 28.44 -13.66
CA ASN C 628 -23.17 27.86 -12.59
C ASN C 628 -21.71 27.96 -12.96
N PHE C 629 -20.84 27.83 -11.98
CA PHE C 629 -19.42 27.77 -12.26
C PHE C 629 -18.82 26.55 -11.58
N HIS C 630 -18.13 25.73 -12.37
CA HIS C 630 -17.46 24.52 -11.95
C HIS C 630 -18.42 23.71 -11.09
N PRO C 631 -19.46 23.16 -11.70
CA PRO C 631 -20.57 22.57 -10.94
C PRO C 631 -20.22 21.42 -10.01
N SER C 632 -18.99 20.94 -10.05
CA SER C 632 -18.57 19.84 -9.18
C SER C 632 -19.02 20.09 -7.74
N PRO C 633 -19.68 19.13 -7.10
CA PRO C 633 -20.31 19.40 -5.81
C PRO C 633 -19.31 19.52 -4.68
N LEU C 634 -19.65 20.32 -3.69
CA LEU C 634 -18.68 20.74 -2.69
C LEU C 634 -18.43 19.68 -1.63
N MET C 635 -19.32 18.72 -1.45
CA MET C 635 -19.02 17.62 -0.55
C MET C 635 -18.24 16.51 -1.22
N GLY C 636 -17.92 16.64 -2.49
CA GLY C 636 -17.17 15.64 -3.22
C GLY C 636 -18.07 14.82 -4.14
N GLY C 637 -17.47 14.31 -5.19
CA GLY C 637 -18.18 13.51 -6.14
C GLY C 637 -18.48 14.20 -7.45
N PHE C 638 -19.36 13.57 -8.22
CA PHE C 638 -19.61 13.90 -9.61
C PHE C 638 -20.90 14.69 -9.72
N GLY C 639 -20.81 15.93 -10.20
CA GLY C 639 -22.02 16.70 -10.43
C GLY C 639 -22.64 16.36 -11.78
N MET C 640 -23.96 16.30 -11.80
CA MET C 640 -24.67 15.85 -12.99
C MET C 640 -25.97 16.63 -13.12
N LYS C 641 -26.30 17.02 -14.36
CA LYS C 641 -27.60 17.64 -14.60
C LYS C 641 -28.72 16.62 -14.56
N HIS C 642 -28.46 15.40 -15.01
CA HIS C 642 -29.42 14.30 -14.93
C HIS C 642 -28.75 13.16 -14.19
N PRO C 643 -28.75 13.18 -12.87
CA PRO C 643 -28.12 12.12 -12.11
C PRO C 643 -28.96 10.86 -12.16
N PRO C 644 -28.53 9.78 -11.51
CA PRO C 644 -29.41 8.63 -11.36
C PRO C 644 -30.74 9.06 -10.77
N PRO C 645 -31.85 8.60 -11.35
CA PRO C 645 -33.15 9.10 -10.91
C PRO C 645 -33.54 8.55 -9.56
N GLN C 646 -34.45 9.25 -8.91
CA GLN C 646 -35.01 8.78 -7.65
C GLN C 646 -35.93 7.60 -7.89
N ILE C 647 -35.94 6.68 -6.93
CA ILE C 647 -36.72 5.45 -7.01
C ILE C 647 -37.64 5.44 -5.81
N LEU C 648 -38.94 5.60 -6.05
CA LEU C 648 -39.91 5.75 -4.99
C LEU C 648 -40.65 4.45 -4.79
N ILE C 649 -41.02 4.15 -3.56
CA ILE C 649 -41.67 2.88 -3.25
C ILE C 649 -42.59 3.06 -2.06
N LYS C 650 -43.73 2.35 -2.07
CA LYS C 650 -44.65 2.36 -0.95
C LYS C 650 -45.46 1.07 -0.96
N ASN C 651 -46.08 0.78 0.18
CA ASN C 651 -47.05 -0.30 0.27
C ASN C 651 -48.44 0.23 -0.07
N THR C 652 -49.11 -0.42 -1.01
CA THR C 652 -50.45 0.00 -1.39
C THR C 652 -51.40 -0.17 -0.21
N PRO C 653 -52.19 0.83 0.15
CA PRO C 653 -53.06 0.71 1.31
C PRO C 653 -54.15 -0.34 1.10
N VAL C 654 -54.31 -1.20 2.11
CA VAL C 654 -55.35 -2.22 2.10
C VAL C 654 -56.35 -1.89 3.19
N PRO C 655 -57.56 -1.46 2.85
CA PRO C 655 -58.51 -1.04 3.88
C PRO C 655 -59.05 -2.22 4.66
N ALA C 656 -59.25 -2.00 5.95
CA ALA C 656 -59.71 -3.06 6.84
C ALA C 656 -61.13 -3.49 6.50
N LEU C 667 -61.58 6.57 4.21
CA LEU C 667 -61.27 5.36 4.94
C LEU C 667 -59.96 5.50 5.70
N ASN C 668 -60.04 5.68 7.02
CA ASN C 668 -58.86 5.80 7.85
C ASN C 668 -58.48 4.52 8.57
N SER C 669 -59.16 3.40 8.30
CA SER C 669 -58.86 2.13 8.93
C SER C 669 -58.27 1.19 7.89
N PHE C 670 -57.10 0.62 8.20
CA PHE C 670 -56.36 -0.20 7.26
C PHE C 670 -55.78 -1.41 7.97
N ILE C 671 -55.36 -2.38 7.17
CA ILE C 671 -54.63 -3.55 7.68
C ILE C 671 -53.17 -3.15 7.91
N THR C 672 -52.66 -3.44 9.10
CA THR C 672 -51.27 -3.14 9.40
C THR C 672 -50.35 -4.06 8.60
N GLN C 673 -49.43 -3.47 7.86
CA GLN C 673 -48.83 -4.20 6.75
C GLN C 673 -47.44 -3.64 6.49
N TYR C 674 -46.52 -4.53 6.09
CA TYR C 674 -45.20 -4.11 5.67
C TYR C 674 -44.69 -5.08 4.63
N SER C 675 -43.65 -4.68 3.91
CA SER C 675 -43.07 -5.51 2.88
C SER C 675 -41.57 -5.63 3.08
N THR C 676 -40.99 -6.58 2.36
CA THR C 676 -39.56 -6.86 2.40
C THR C 676 -39.14 -7.40 1.03
N GLY C 677 -37.92 -7.08 0.61
CA GLY C 677 -37.42 -7.52 -0.69
C GLY C 677 -35.92 -7.44 -0.83
N GLN C 678 -35.40 -7.95 -1.93
CA GLN C 678 -33.97 -7.89 -2.22
C GLN C 678 -33.74 -6.85 -3.30
N VAL C 679 -32.75 -5.99 -3.11
CA VAL C 679 -32.44 -4.99 -4.13
C VAL C 679 -30.98 -5.10 -4.58
N SER C 680 -30.75 -5.15 -5.88
CA SER C 680 -29.40 -5.24 -6.40
C SER C 680 -29.09 -4.12 -7.38
N VAL C 681 -27.96 -3.46 -7.20
CA VAL C 681 -27.55 -2.39 -8.10
C VAL C 681 -26.20 -2.67 -8.72
N GLU C 682 -26.10 -2.53 -10.03
CA GLU C 682 -24.86 -2.78 -10.75
C GLU C 682 -24.37 -1.50 -11.42
N ILE C 683 -23.10 -1.16 -11.18
CA ILE C 683 -22.53 0.06 -11.76
C ILE C 683 -21.24 -0.24 -12.52
N GLU C 684 -21.11 0.34 -13.71
CA GLU C 684 -19.89 0.17 -14.48
C GLU C 684 -19.05 1.42 -14.33
N TRP C 685 -17.79 1.24 -13.93
CA TRP C 685 -16.88 2.34 -13.67
C TRP C 685 -15.77 2.29 -14.72
N GLU C 686 -15.38 3.45 -15.22
CA GLU C 686 -14.27 3.55 -16.16
C GLU C 686 -13.02 4.03 -15.42
N LEU C 687 -11.88 3.44 -15.75
CA LEU C 687 -10.64 3.69 -15.03
C LEU C 687 -9.67 4.48 -15.88
N GLN C 688 -8.85 5.28 -15.23
CA GLN C 688 -7.76 6.00 -15.87
C GLN C 688 -6.46 5.45 -15.28
N LYS C 689 -5.66 4.77 -16.10
CA LYS C 689 -4.52 4.04 -15.58
C LYS C 689 -3.35 4.97 -15.30
N GLU C 690 -2.50 4.55 -14.38
CA GLU C 690 -1.34 5.33 -13.97
C GLU C 690 -0.16 5.09 -14.92
N ASN C 691 0.32 6.16 -15.55
CA ASN C 691 1.31 6.12 -16.62
C ASN C 691 2.73 6.49 -16.14
N SER C 692 2.90 6.71 -14.84
CA SER C 692 4.01 7.50 -14.33
C SER C 692 5.39 6.91 -14.61
N LYS C 693 6.37 7.79 -14.80
CA LYS C 693 7.80 7.47 -14.93
C LYS C 693 8.58 7.66 -13.65
N ARG C 694 7.92 7.96 -12.55
CA ARG C 694 8.58 8.09 -11.26
C ARG C 694 9.45 6.88 -10.93
N TRP C 695 10.66 7.13 -10.45
CA TRP C 695 11.60 6.05 -10.16
C TRP C 695 11.32 5.40 -8.82
N ASN C 696 11.19 6.20 -7.78
CA ASN C 696 11.03 5.69 -6.43
C ASN C 696 9.59 5.24 -6.18
N PRO C 697 9.36 4.43 -5.15
CA PRO C 697 8.01 3.90 -4.93
C PRO C 697 7.03 4.93 -4.37
N GLU C 698 5.76 4.71 -4.68
CA GLU C 698 4.62 5.51 -4.27
C GLU C 698 4.25 5.28 -2.81
N ILE C 699 3.44 6.19 -2.29
CA ILE C 699 2.65 5.93 -1.09
C ILE C 699 1.44 5.12 -1.49
N GLN C 700 1.09 4.13 -0.67
CA GLN C 700 -0.02 3.23 -0.94
C GLN C 700 -0.87 3.14 0.30
N TYR C 701 -2.14 2.79 0.13
CA TYR C 701 -2.97 2.48 1.28
C TYR C 701 -2.68 1.04 1.69
N THR C 702 -2.45 0.83 2.98
CA THR C 702 -2.06 -0.48 3.46
C THR C 702 -2.68 -0.76 4.81
N SER C 703 -2.89 -2.05 5.09
CA SER C 703 -3.43 -2.48 6.38
C SER C 703 -2.28 -2.55 7.36
N ASN C 704 -2.58 -2.48 8.65
CA ASN C 704 -1.53 -2.56 9.64
C ASN C 704 -0.98 -3.97 9.77
N TYR C 705 0.33 -4.09 9.80
CA TYR C 705 1.02 -5.37 9.94
C TYR C 705 0.87 -6.12 11.26
N TYR C 706 0.89 -5.39 12.38
CA TYR C 706 0.83 -5.98 13.72
C TYR C 706 -0.50 -6.46 14.31
N LYS C 707 -0.40 -7.30 15.33
CA LYS C 707 -1.56 -7.88 16.01
C LYS C 707 -2.48 -6.87 16.68
N SER C 708 -3.74 -7.26 16.74
CA SER C 708 -4.83 -6.45 17.26
C SER C 708 -5.99 -7.37 17.63
N ASN C 709 -6.91 -6.84 18.43
CA ASN C 709 -8.03 -7.66 18.89
C ASN C 709 -8.97 -8.00 17.74
N ASN C 710 -9.19 -7.06 16.84
CA ASN C 710 -10.14 -7.26 15.75
C ASN C 710 -9.42 -7.03 14.43
N VAL C 711 -10.01 -7.55 13.37
CA VAL C 711 -9.57 -7.19 12.03
C VAL C 711 -10.28 -5.91 11.60
N GLU C 712 -9.53 -4.97 11.04
CA GLU C 712 -10.13 -3.75 10.54
C GLU C 712 -10.98 -4.03 9.32
N PHE C 713 -12.13 -3.40 9.27
CA PHE C 713 -13.13 -3.65 8.23
C PHE C 713 -13.63 -5.08 8.28
N ALA C 714 -13.96 -5.54 9.48
CA ALA C 714 -14.56 -6.85 9.70
C ALA C 714 -15.54 -6.73 10.86
N VAL C 715 -16.21 -7.83 11.18
CA VAL C 715 -17.13 -7.86 12.30
C VAL C 715 -16.37 -8.10 13.60
N ASN C 716 -16.95 -7.68 14.71
CA ASN C 716 -16.43 -7.98 16.02
C ASN C 716 -17.13 -9.23 16.57
N THR C 717 -16.96 -9.52 17.86
CA THR C 717 -17.53 -10.74 18.42
C THR C 717 -19.05 -10.69 18.47
N GLU C 718 -19.64 -9.49 18.62
CA GLU C 718 -21.09 -9.39 18.62
C GLU C 718 -21.67 -9.33 17.22
N GLY C 719 -20.84 -9.37 16.19
CA GLY C 719 -21.33 -9.36 14.84
C GLY C 719 -21.57 -8.00 14.26
N VAL C 720 -20.95 -6.95 14.81
CA VAL C 720 -21.15 -5.60 14.31
C VAL C 720 -20.03 -5.26 13.34
N TYR C 721 -20.39 -4.74 12.19
CA TYR C 721 -19.43 -4.33 11.18
C TYR C 721 -19.07 -2.87 11.38
N SER C 722 -17.78 -2.57 11.39
CA SER C 722 -17.33 -1.20 11.58
C SER C 722 -16.32 -0.83 10.51
N GLU C 723 -16.28 0.46 10.20
CA GLU C 723 -15.33 1.04 9.28
C GLU C 723 -14.50 1.87 10.22
N PRO C 724 -13.26 1.42 10.50
CA PRO C 724 -12.37 2.07 11.46
C PRO C 724 -11.96 3.50 11.14
N ARG C 725 -11.69 3.81 9.88
CA ARG C 725 -11.27 5.15 9.50
C ARG C 725 -11.77 5.51 8.12
N PRO C 726 -11.85 6.81 7.83
CA PRO C 726 -12.23 7.24 6.49
C PRO C 726 -11.09 6.99 5.52
N ILE C 727 -11.38 6.59 4.29
CA ILE C 727 -10.31 6.34 3.33
C ILE C 727 -10.48 7.20 2.08
N GLY C 728 -9.51 8.07 1.82
CA GLY C 728 -9.54 8.92 0.65
C GLY C 728 -9.00 8.19 -0.56
N THR C 729 -9.06 8.87 -1.70
CA THR C 729 -8.66 8.25 -2.94
C THR C 729 -7.29 8.67 -3.44
N ARG C 730 -6.55 9.55 -2.75
CA ARG C 730 -5.36 10.18 -3.34
C ARG C 730 -4.09 9.63 -2.70
N TYR C 731 -3.40 8.78 -3.44
CA TYR C 731 -2.17 8.12 -3.01
C TYR C 731 -1.09 8.26 -4.07
N LEU C 732 -1.38 7.81 -5.28
CA LEU C 732 -0.47 7.99 -6.40
C LEU C 732 -0.27 9.47 -6.68
N THR C 733 0.80 9.80 -7.39
CA THR C 733 1.17 11.18 -7.63
C THR C 733 1.24 11.49 -9.11
N ARG C 734 1.16 12.79 -9.42
CA ARG C 734 1.41 13.31 -10.76
C ARG C 734 2.25 14.57 -10.67
N ASN C 735 2.80 14.96 -11.81
CA ASN C 735 3.44 16.25 -11.93
C ASN C 735 2.41 17.34 -12.12
N LEU C 736 2.72 18.53 -11.63
CA LEU C 736 1.79 19.64 -11.71
C LEU C 736 1.87 20.32 -13.07
N VAL D 239 -18.75 -48.29 -11.49
CA VAL D 239 -19.85 -48.20 -10.52
C VAL D 239 -20.40 -46.79 -10.50
N ILE D 240 -21.71 -46.66 -10.47
CA ILE D 240 -22.37 -45.38 -10.30
C ILE D 240 -23.23 -45.46 -9.05
N THR D 241 -22.83 -44.71 -8.03
CA THR D 241 -23.55 -44.67 -6.76
C THR D 241 -24.39 -43.41 -6.69
N THR D 242 -25.55 -43.53 -6.05
CA THR D 242 -26.44 -42.39 -5.89
C THR D 242 -27.03 -42.43 -4.48
N SER D 243 -27.05 -41.29 -3.82
CA SER D 243 -27.60 -41.16 -2.49
C SER D 243 -28.57 -39.99 -2.46
N THR D 244 -29.73 -40.18 -1.84
CA THR D 244 -30.65 -39.10 -1.55
C THR D 244 -30.90 -39.06 -0.05
N ARG D 245 -30.99 -37.85 0.50
CA ARG D 245 -31.21 -37.66 1.92
C ARG D 245 -32.20 -36.51 2.11
N THR D 246 -32.68 -36.37 3.33
CA THR D 246 -33.49 -35.23 3.73
C THR D 246 -32.75 -34.45 4.79
N TRP D 247 -32.68 -33.12 4.60
CA TRP D 247 -31.92 -32.24 5.47
C TRP D 247 -32.82 -31.21 6.13
N ALA D 248 -32.36 -30.69 7.24
CA ALA D 248 -32.99 -29.57 7.92
C ALA D 248 -31.93 -28.50 8.16
N LEU D 249 -32.23 -27.27 7.77
CA LEU D 249 -31.31 -26.16 7.91
C LEU D 249 -31.86 -25.13 8.88
N PRO D 250 -31.22 -24.91 10.01
CA PRO D 250 -31.67 -23.86 10.94
C PRO D 250 -31.14 -22.51 10.51
N THR D 251 -31.40 -21.51 11.35
CA THR D 251 -30.74 -20.21 11.26
C THR D 251 -29.60 -20.17 12.26
N TYR D 252 -28.39 -19.91 11.79
CA TYR D 252 -27.21 -19.85 12.64
C TYR D 252 -26.85 -18.41 12.95
N ASN D 253 -26.40 -18.19 14.19
CA ASN D 253 -25.84 -16.90 14.63
C ASN D 253 -26.79 -15.74 14.47
N ASN D 254 -28.09 -15.99 14.36
CA ASN D 254 -29.07 -14.92 14.17
C ASN D 254 -28.74 -14.07 12.95
N HIS D 255 -28.30 -14.73 11.88
CA HIS D 255 -27.97 -14.08 10.61
C HIS D 255 -26.75 -13.17 10.73
N LEU D 256 -25.82 -13.53 11.60
CA LEU D 256 -24.66 -12.71 11.90
C LEU D 256 -23.37 -13.45 11.62
N TYR D 257 -22.36 -12.69 11.19
CA TYR D 257 -20.97 -13.12 11.23
C TYR D 257 -20.41 -12.73 12.58
N LYS D 258 -19.65 -13.61 13.20
CA LYS D 258 -19.11 -13.32 14.52
C LYS D 258 -17.66 -13.73 14.60
N GLN D 259 -16.83 -12.82 15.08
CA GLN D 259 -15.47 -13.17 15.45
C GLN D 259 -15.47 -14.17 16.60
N ILE D 260 -14.71 -15.23 16.43
CA ILE D 260 -14.52 -16.24 17.47
C ILE D 260 -13.03 -16.40 17.69
N SER D 261 -12.65 -16.82 18.89
CA SER D 261 -11.27 -17.14 19.18
C SER D 261 -11.25 -18.01 20.43
N ASN D 262 -10.06 -18.45 20.82
CA ASN D 262 -9.98 -19.22 22.06
C ASN D 262 -10.34 -18.36 23.26
N SER D 263 -10.19 -17.04 23.12
CA SER D 263 -10.57 -16.15 24.21
C SER D 263 -12.07 -16.17 24.45
N THR D 264 -12.86 -16.27 23.38
CA THR D 264 -14.30 -16.38 23.55
C THR D 264 -14.70 -17.71 24.17
N SER D 265 -13.85 -18.74 24.00
CA SER D 265 -14.11 -20.04 24.60
C SER D 265 -13.32 -20.25 25.89
N GLY D 266 -12.48 -19.30 26.28
CA GLY D 266 -11.68 -19.41 27.49
C GLY D 266 -10.20 -19.62 27.30
N GLY D 267 -9.77 -20.03 26.10
CA GLY D 267 -8.37 -20.05 25.71
C GLY D 267 -7.53 -21.21 26.19
N SER D 268 -6.74 -20.97 27.22
CA SER D 268 -6.24 -21.97 28.16
C SER D 268 -4.97 -22.71 27.74
N SER D 269 -4.53 -22.70 26.47
CA SER D 269 -3.13 -22.92 26.18
C SER D 269 -2.75 -22.39 24.80
N ASN D 270 -1.44 -22.21 24.59
CA ASN D 270 -0.94 -21.69 23.33
C ASN D 270 -1.13 -22.67 22.19
N ASP D 271 -0.98 -23.97 22.44
CA ASP D 271 -1.13 -24.93 21.36
C ASP D 271 -2.53 -24.96 20.81
N ASN D 272 -3.52 -24.56 21.60
CA ASN D 272 -4.92 -24.57 21.19
C ASN D 272 -5.45 -23.21 20.79
N ALA D 273 -4.62 -22.16 20.79
CA ALA D 273 -5.12 -20.83 20.47
C ALA D 273 -5.54 -20.71 19.02
N TYR D 274 -6.56 -19.91 18.76
CA TYR D 274 -7.05 -19.73 17.40
C TYR D 274 -7.78 -18.40 17.30
N PHE D 275 -7.99 -17.98 16.06
CA PHE D 275 -8.76 -16.79 15.73
C PHE D 275 -9.50 -17.07 14.43
N GLY D 276 -10.74 -16.64 14.34
CA GLY D 276 -11.50 -16.89 13.13
C GLY D 276 -12.88 -16.30 13.20
N TYR D 277 -13.74 -16.77 12.32
CA TYR D 277 -15.10 -16.25 12.19
C TYR D 277 -16.08 -17.39 12.04
N SER D 278 -17.27 -17.21 12.59
CA SER D 278 -18.40 -18.10 12.34
C SER D 278 -19.41 -17.38 11.47
N THR D 279 -20.04 -18.10 10.56
CA THR D 279 -20.92 -17.51 9.57
C THR D 279 -22.34 -17.98 9.78
N PRO D 280 -23.32 -17.22 9.30
CA PRO D 280 -24.70 -17.72 9.30
C PRO D 280 -24.94 -18.88 8.35
N TRP D 281 -23.99 -19.17 7.46
CA TRP D 281 -24.17 -20.14 6.41
C TRP D 281 -23.94 -21.57 6.89
N GLY D 282 -24.66 -22.51 6.28
CA GLY D 282 -24.39 -23.92 6.40
C GLY D 282 -23.78 -24.47 5.11
N TYR D 283 -23.37 -25.74 5.15
CA TYR D 283 -22.72 -26.32 4.00
C TYR D 283 -22.96 -27.82 3.94
N PHE D 284 -22.96 -28.37 2.72
CA PHE D 284 -23.14 -29.80 2.50
C PHE D 284 -21.80 -30.51 2.41
N ASP D 285 -21.72 -31.67 3.06
CA ASP D 285 -20.50 -32.48 3.05
C ASP D 285 -20.89 -33.94 2.78
N PHE D 286 -20.52 -34.46 1.62
CA PHE D 286 -20.65 -35.89 1.31
C PHE D 286 -19.32 -36.66 1.37
N ASN D 287 -18.30 -36.13 2.02
CA ASN D 287 -16.92 -36.57 1.85
C ASN D 287 -16.59 -37.89 2.57
N ARG D 288 -17.55 -38.58 3.18
CA ARG D 288 -17.30 -39.91 3.72
C ARG D 288 -17.83 -40.98 2.78
N PHE D 289 -17.16 -42.13 2.75
CA PHE D 289 -17.54 -43.18 1.79
C PHE D 289 -18.94 -43.73 2.06
N HIS D 290 -19.29 -43.97 3.33
CA HIS D 290 -20.60 -44.57 3.59
C HIS D 290 -21.74 -43.66 3.17
N CYS D 291 -21.47 -42.42 2.79
CA CYS D 291 -22.50 -41.62 2.15
C CYS D 291 -22.94 -42.27 0.84
N HIS D 292 -21.98 -42.74 0.04
CA HIS D 292 -22.25 -43.24 -1.29
C HIS D 292 -22.34 -44.75 -1.38
N PHE D 293 -21.95 -45.50 -0.35
CA PHE D 293 -21.84 -46.95 -0.44
C PHE D 293 -22.65 -47.61 0.66
N SER D 294 -23.43 -48.61 0.27
CA SER D 294 -24.01 -49.51 1.25
C SER D 294 -22.97 -50.54 1.68
N PRO D 295 -23.13 -51.14 2.85
CA PRO D 295 -22.18 -52.17 3.26
C PRO D 295 -22.06 -53.34 2.30
N ARG D 296 -23.12 -53.64 1.55
CA ARG D 296 -23.03 -54.66 0.52
C ARG D 296 -22.23 -54.15 -0.68
N ASP D 297 -22.54 -52.93 -1.15
CA ASP D 297 -21.77 -52.34 -2.24
C ASP D 297 -20.31 -52.21 -1.88
N TRP D 298 -20.02 -51.87 -0.63
CA TRP D 298 -18.62 -51.80 -0.20
C TRP D 298 -17.98 -53.18 -0.23
N GLN D 299 -18.73 -54.21 0.19
CA GLN D 299 -18.24 -55.58 0.10
C GLN D 299 -18.05 -55.98 -1.36
N ARG D 300 -19.02 -55.64 -2.21
CA ARG D 300 -18.91 -55.94 -3.62
C ARG D 300 -17.71 -55.25 -4.24
N LEU D 301 -17.36 -54.07 -3.73
CA LEU D 301 -16.26 -53.30 -4.29
C LEU D 301 -14.91 -53.88 -3.89
N ILE D 302 -14.71 -54.13 -2.61
CA ILE D 302 -13.36 -54.42 -2.12
C ILE D 302 -12.94 -55.85 -2.40
N ASN D 303 -13.90 -56.76 -2.58
CA ASN D 303 -13.54 -58.15 -2.85
C ASN D 303 -13.12 -58.37 -4.30
N ASN D 304 -13.73 -57.67 -5.24
CA ASN D 304 -13.55 -57.95 -6.66
C ASN D 304 -12.56 -57.04 -7.37
N ASN D 305 -12.03 -56.02 -6.71
CA ASN D 305 -11.31 -54.97 -7.42
C ASN D 305 -9.94 -54.71 -6.80
N TRP D 306 -8.96 -54.47 -7.66
CA TRP D 306 -7.64 -54.01 -7.23
C TRP D 306 -7.58 -52.51 -6.98
N GLY D 307 -8.49 -51.73 -7.55
CA GLY D 307 -8.41 -50.29 -7.37
C GLY D 307 -9.68 -49.61 -7.84
N PHE D 308 -9.86 -48.39 -7.35
CA PHE D 308 -11.01 -47.57 -7.72
C PHE D 308 -10.64 -46.11 -7.53
N ARG D 309 -11.45 -45.23 -8.10
CA ARG D 309 -11.21 -43.79 -8.03
C ARG D 309 -12.37 -43.03 -8.64
N PRO D 310 -12.74 -41.89 -8.08
CA PRO D 310 -13.89 -41.14 -8.60
C PRO D 310 -13.60 -40.52 -9.95
N LYS D 311 -14.67 -40.29 -10.70
CA LYS D 311 -14.60 -39.75 -12.05
C LYS D 311 -15.45 -38.50 -12.20
N ARG D 312 -16.75 -38.61 -12.01
CA ARG D 312 -17.69 -37.53 -12.19
C ARG D 312 -18.54 -37.38 -10.95
N LEU D 313 -19.22 -36.25 -10.86
CA LEU D 313 -20.05 -35.91 -9.72
C LEU D 313 -21.29 -35.20 -10.24
N ASN D 314 -22.41 -35.42 -9.59
CA ASN D 314 -23.62 -34.70 -9.92
C ASN D 314 -24.37 -34.45 -8.64
N PHE D 315 -24.88 -33.23 -8.48
CA PHE D 315 -25.45 -32.78 -7.22
C PHE D 315 -26.77 -32.11 -7.51
N LYS D 316 -27.78 -32.37 -6.68
CA LYS D 316 -29.08 -31.76 -6.84
C LYS D 316 -29.65 -31.38 -5.50
N LEU D 317 -30.40 -30.27 -5.49
CA LEU D 317 -31.06 -29.77 -4.30
C LEU D 317 -32.46 -29.37 -4.71
N PHE D 318 -33.47 -30.01 -4.13
CA PHE D 318 -34.82 -29.86 -4.64
C PHE D 318 -35.83 -30.06 -3.51
N ASN D 319 -37.10 -29.84 -3.83
CA ASN D 319 -38.21 -29.95 -2.87
C ASN D 319 -37.95 -29.08 -1.64
N ILE D 320 -37.70 -27.80 -1.87
CA ILE D 320 -37.35 -26.90 -0.77
C ILE D 320 -38.61 -26.50 -0.03
N GLN D 321 -38.56 -26.62 1.29
CA GLN D 321 -39.69 -26.24 2.15
C GLN D 321 -39.17 -25.33 3.25
N VAL D 322 -39.74 -24.14 3.36
CA VAL D 322 -39.34 -23.16 4.36
C VAL D 322 -40.45 -23.04 5.39
N LYS D 323 -40.14 -23.38 6.63
CA LYS D 323 -41.09 -23.33 7.73
C LYS D 323 -40.81 -22.10 8.58
N GLU D 324 -41.87 -21.50 9.12
CA GLU D 324 -41.73 -20.44 10.11
C GLU D 324 -42.25 -20.95 11.45
N VAL D 325 -41.65 -20.48 12.52
CA VAL D 325 -41.98 -20.91 13.88
C VAL D 325 -42.50 -19.71 14.64
N THR D 326 -43.73 -19.81 15.13
CA THR D 326 -44.33 -18.76 15.93
C THR D 326 -44.63 -19.32 17.32
N ASP D 327 -43.94 -18.80 18.33
CA ASP D 327 -44.16 -19.18 19.71
C ASP D 327 -45.12 -18.18 20.32
N ASN D 328 -46.33 -18.63 20.62
CA ASN D 328 -47.35 -17.81 21.25
C ASN D 328 -47.62 -18.39 22.63
N ASN D 329 -47.19 -17.66 23.66
CA ASN D 329 -47.35 -18.09 25.06
C ASN D 329 -46.62 -19.42 25.21
N GLY D 330 -47.31 -20.50 25.59
CA GLY D 330 -46.61 -21.74 25.91
C GLY D 330 -46.01 -22.43 24.70
N VAL D 331 -46.83 -22.71 23.68
CA VAL D 331 -46.49 -23.69 22.64
C VAL D 331 -46.22 -22.97 21.33
N LYS D 332 -45.40 -23.58 20.49
CA LYS D 332 -45.03 -22.99 19.21
C LYS D 332 -45.74 -23.68 18.05
N THR D 333 -46.12 -22.88 17.06
CA THR D 333 -46.81 -23.37 15.87
C THR D 333 -45.91 -23.22 14.66
N ILE D 334 -45.82 -24.28 13.86
CA ILE D 334 -45.02 -24.29 12.64
C ILE D 334 -45.96 -24.14 11.45
N ALA D 335 -45.63 -23.20 10.56
CA ALA D 335 -46.45 -22.94 9.38
C ALA D 335 -45.55 -22.72 8.17
N ASN D 336 -46.06 -23.07 7.00
CA ASN D 336 -45.32 -22.85 5.77
C ASN D 336 -45.17 -21.36 5.49
N ASN D 337 -44.00 -20.98 5.00
CA ASN D 337 -43.78 -19.65 4.45
C ASN D 337 -43.49 -19.85 2.97
N LEU D 338 -44.45 -19.47 2.12
CA LEU D 338 -44.34 -19.79 0.71
C LEU D 338 -43.41 -18.86 -0.06
N THR D 339 -43.30 -17.60 0.35
CA THR D 339 -42.52 -16.62 -0.37
C THR D 339 -41.07 -16.54 0.08
N SER D 340 -40.69 -17.23 1.15
CA SER D 340 -39.32 -17.19 1.61
C SER D 340 -38.39 -17.88 0.63
N THR D 341 -37.10 -17.57 0.76
CA THR D 341 -36.08 -18.10 -0.12
C THR D 341 -34.96 -18.76 0.67
N VAL D 342 -34.16 -19.54 -0.04
CA VAL D 342 -32.98 -20.21 0.48
C VAL D 342 -31.85 -20.03 -0.52
N GLN D 343 -30.74 -19.48 -0.08
CA GLN D 343 -29.62 -19.14 -0.93
C GLN D 343 -28.61 -20.27 -0.95
N VAL D 344 -28.04 -20.53 -2.13
CA VAL D 344 -27.07 -21.59 -2.28
C VAL D 344 -26.07 -21.18 -3.36
N PHE D 345 -24.79 -21.50 -3.14
CA PHE D 345 -23.80 -21.33 -4.19
C PHE D 345 -22.68 -22.32 -3.95
N THR D 346 -21.98 -22.64 -5.02
CA THR D 346 -20.76 -23.43 -4.95
C THR D 346 -19.57 -22.50 -5.07
N ASP D 347 -18.49 -22.84 -4.38
CA ASP D 347 -17.27 -22.06 -4.51
C ASP D 347 -16.42 -22.84 -5.50
N SER D 348 -16.50 -22.43 -6.77
CA SER D 348 -15.85 -23.15 -7.84
C SER D 348 -14.53 -22.52 -8.26
N ASP D 349 -14.20 -21.36 -7.72
CA ASP D 349 -12.88 -20.78 -7.85
C ASP D 349 -12.01 -21.04 -6.62
N TYR D 350 -12.55 -21.72 -5.61
CA TYR D 350 -11.80 -22.10 -4.42
C TYR D 350 -11.30 -20.86 -3.67
N GLN D 351 -12.16 -19.86 -3.59
CA GLN D 351 -11.83 -18.58 -3.00
C GLN D 351 -12.10 -18.50 -1.51
N LEU D 352 -12.88 -19.40 -0.95
CA LEU D 352 -13.13 -19.48 0.47
C LEU D 352 -12.17 -20.46 1.12
N PRO D 353 -11.95 -20.34 2.43
CA PRO D 353 -11.22 -21.38 3.14
C PRO D 353 -11.92 -22.72 3.04
N TYR D 354 -11.15 -23.77 2.80
CA TYR D 354 -11.69 -25.08 2.47
C TYR D 354 -11.62 -25.96 3.71
N VAL D 355 -12.78 -26.22 4.33
CA VAL D 355 -12.86 -26.94 5.59
C VAL D 355 -13.26 -28.40 5.41
N LEU D 356 -13.47 -28.87 4.18
CA LEU D 356 -13.98 -30.22 4.00
C LEU D 356 -12.92 -31.29 4.09
N GLY D 357 -11.67 -30.93 4.33
CA GLY D 357 -10.62 -31.92 4.43
C GLY D 357 -10.19 -32.24 5.84
N SER D 358 -10.96 -31.80 6.83
CA SER D 358 -10.59 -31.93 8.23
C SER D 358 -11.28 -33.09 8.94
N ALA D 359 -12.06 -33.89 8.21
CA ALA D 359 -12.75 -35.07 8.77
C ALA D 359 -13.71 -34.68 9.88
N HIS D 360 -14.78 -33.98 9.52
CA HIS D 360 -15.71 -33.41 10.46
C HIS D 360 -17.06 -34.11 10.42
N GLU D 361 -17.78 -33.99 11.53
CA GLU D 361 -19.17 -34.39 11.62
C GLU D 361 -20.02 -33.54 10.67
N GLY D 362 -21.20 -34.04 10.35
CA GLY D 362 -22.14 -33.29 9.55
C GLY D 362 -22.28 -33.76 8.13
N CYS D 363 -21.60 -34.84 7.75
CA CYS D 363 -21.78 -35.43 6.45
C CYS D 363 -23.15 -36.08 6.34
N LEU D 364 -23.55 -36.36 5.11
CA LEU D 364 -24.74 -37.15 4.86
C LEU D 364 -24.68 -38.45 5.66
N PRO D 365 -25.77 -38.83 6.33
CA PRO D 365 -25.71 -39.99 7.22
C PRO D 365 -25.63 -41.28 6.44
N PRO D 366 -25.08 -42.33 7.05
CA PRO D 366 -24.91 -43.59 6.30
C PRO D 366 -26.20 -44.31 5.98
N PHE D 367 -27.31 -43.97 6.65
CA PHE D 367 -28.55 -44.70 6.46
C PHE D 367 -29.55 -43.83 5.72
N PRO D 368 -30.07 -44.28 4.58
CA PRO D 368 -30.80 -43.38 3.68
C PRO D 368 -32.07 -42.79 4.27
N ALA D 369 -32.64 -43.36 5.31
CA ALA D 369 -33.85 -42.81 5.90
C ALA D 369 -33.57 -41.85 7.04
N ASP D 370 -32.31 -41.62 7.38
CA ASP D 370 -31.96 -40.67 8.41
C ASP D 370 -32.08 -39.25 7.89
N VAL D 371 -32.59 -38.37 8.76
CA VAL D 371 -32.68 -36.95 8.48
C VAL D 371 -31.60 -36.24 9.30
N PHE D 372 -30.78 -35.45 8.62
CA PHE D 372 -29.61 -34.87 9.26
C PHE D 372 -29.72 -33.35 9.29
N MET D 373 -29.03 -32.78 10.26
CA MET D 373 -28.89 -31.34 10.41
C MET D 373 -27.67 -30.88 9.62
N ILE D 374 -27.80 -29.75 8.95
CA ILE D 374 -26.70 -29.22 8.13
C ILE D 374 -25.72 -28.47 9.04
N PRO D 375 -24.42 -28.73 8.94
CA PRO D 375 -23.47 -28.09 9.86
C PRO D 375 -23.19 -26.64 9.50
N GLN D 376 -22.74 -25.90 10.51
CA GLN D 376 -22.47 -24.48 10.33
C GLN D 376 -21.08 -24.28 9.75
N TYR D 377 -20.96 -23.28 8.87
CA TYR D 377 -19.68 -22.96 8.26
C TYR D 377 -18.94 -21.93 9.07
N GLY D 378 -17.65 -22.17 9.28
CA GLY D 378 -16.78 -21.25 9.98
C GLY D 378 -15.38 -21.54 9.52
N TYR D 379 -14.49 -20.58 9.73
CA TYR D 379 -13.12 -20.72 9.25
C TYR D 379 -12.18 -20.02 10.22
N LEU D 380 -10.92 -20.42 10.15
CA LEU D 380 -9.86 -19.88 10.97
C LEU D 380 -8.90 -19.08 10.10
N THR D 381 -8.26 -18.09 10.72
CA THR D 381 -7.31 -17.25 10.02
C THR D 381 -6.03 -17.25 10.82
N LEU D 382 -5.07 -16.41 10.46
CA LEU D 382 -3.84 -16.28 11.22
C LEU D 382 -4.14 -15.64 12.56
N ASN D 383 -3.46 -16.11 13.60
CA ASN D 383 -3.60 -15.53 14.91
C ASN D 383 -2.25 -15.38 15.58
N ASP D 384 -2.20 -14.53 16.59
CA ASP D 384 -1.15 -14.55 17.60
C ASP D 384 -1.85 -14.60 18.94
N GLY D 385 -1.77 -15.73 19.62
CA GLY D 385 -2.63 -15.94 20.77
C GLY D 385 -4.07 -15.88 20.32
N SER D 386 -4.88 -15.10 21.02
CA SER D 386 -6.27 -14.88 20.65
C SER D 386 -6.45 -13.69 19.72
N GLN D 387 -5.38 -13.08 19.27
CA GLN D 387 -5.46 -11.86 18.49
C GLN D 387 -5.15 -12.13 17.03
N ALA D 388 -5.78 -11.34 16.17
CA ALA D 388 -5.51 -11.35 14.74
C ALA D 388 -4.26 -10.56 14.46
N VAL D 389 -3.59 -10.88 13.38
CA VAL D 389 -2.52 -10.03 12.87
C VAL D 389 -3.05 -9.31 11.63
N GLY D 390 -2.26 -8.42 11.08
CA GLY D 390 -2.75 -7.62 9.97
C GLY D 390 -2.91 -8.42 8.70
N ARG D 391 -2.32 -9.61 8.67
CA ARG D 391 -2.41 -10.46 7.51
C ARG D 391 -3.63 -11.36 7.55
N SER D 392 -4.40 -11.31 8.64
CA SER D 392 -5.61 -12.10 8.75
C SER D 392 -6.70 -11.57 7.83
N SER D 393 -7.46 -12.48 7.25
CA SER D 393 -8.47 -12.14 6.27
C SER D 393 -9.86 -12.45 6.78
N PHE D 394 -10.83 -11.65 6.35
CA PHE D 394 -12.23 -11.81 6.67
C PHE D 394 -13.00 -11.98 5.38
N TYR D 395 -13.87 -12.98 5.33
CA TYR D 395 -14.66 -13.27 4.14
C TYR D 395 -16.13 -13.06 4.45
N CYS D 396 -16.80 -12.29 3.61
CA CYS D 396 -18.25 -12.19 3.62
C CYS D 396 -18.80 -13.09 2.53
N LEU D 397 -19.50 -14.14 2.91
CA LEU D 397 -20.04 -15.05 1.92
C LEU D 397 -21.21 -14.45 1.17
N GLU D 398 -21.77 -13.35 1.66
CA GLU D 398 -22.78 -12.61 0.93
C GLU D 398 -22.20 -11.93 -0.29
N TYR D 399 -20.89 -11.91 -0.42
CA TYR D 399 -20.18 -11.17 -1.45
C TYR D 399 -19.83 -12.04 -2.65
N PHE D 400 -20.31 -13.21 -2.69
CA PHE D 400 -20.43 -14.25 -3.69
C PHE D 400 -21.82 -14.23 -4.31
N PRO D 401 -21.92 -14.29 -5.64
CA PRO D 401 -23.24 -14.46 -6.25
C PRO D 401 -23.82 -15.83 -5.95
N SER D 402 -25.07 -15.86 -5.52
CA SER D 402 -25.73 -17.10 -5.15
C SER D 402 -27.12 -17.16 -5.77
N GLN D 403 -27.61 -18.38 -5.92
CA GLN D 403 -28.93 -18.61 -6.47
C GLN D 403 -29.96 -18.68 -5.35
N MET D 404 -31.05 -17.94 -5.51
CA MET D 404 -32.09 -17.87 -4.50
C MET D 404 -33.27 -18.75 -4.90
N LEU D 405 -33.68 -19.65 -4.00
CA LEU D 405 -34.66 -20.69 -4.31
C LEU D 405 -35.89 -20.50 -3.44
N ARG D 406 -37.05 -20.37 -4.07
CA ARG D 406 -38.31 -20.55 -3.36
C ARG D 406 -38.73 -22.02 -3.41
N THR D 407 -39.94 -22.30 -2.97
CA THR D 407 -40.36 -23.69 -2.77
C THR D 407 -40.45 -24.48 -4.07
N GLY D 408 -40.63 -23.82 -5.22
CA GLY D 408 -40.69 -24.53 -6.47
C GLY D 408 -39.39 -24.66 -7.23
N ASN D 409 -38.38 -23.89 -6.85
CA ASN D 409 -37.10 -23.87 -7.53
C ASN D 409 -36.19 -25.01 -7.06
N ASN D 410 -35.27 -25.41 -7.93
CA ASN D 410 -34.26 -26.40 -7.61
C ASN D 410 -32.89 -25.94 -8.08
N PHE D 411 -31.87 -26.65 -7.62
CA PHE D 411 -30.47 -26.31 -7.85
C PHE D 411 -29.70 -27.57 -8.22
N GLN D 412 -28.80 -27.46 -9.20
CA GLN D 412 -27.94 -28.59 -9.53
C GLN D 412 -26.67 -28.10 -10.19
N PHE D 413 -25.62 -28.92 -10.11
CA PHE D 413 -24.40 -28.69 -10.85
C PHE D 413 -23.67 -30.01 -10.97
N SER D 414 -22.75 -30.08 -11.92
CA SER D 414 -21.93 -31.27 -12.10
C SER D 414 -20.46 -30.90 -11.98
N TYR D 415 -19.66 -31.89 -11.61
CA TYR D 415 -18.25 -31.70 -11.32
C TYR D 415 -17.43 -32.85 -11.88
N GLU D 416 -16.29 -32.50 -12.46
CA GLU D 416 -15.37 -33.48 -13.03
C GLU D 416 -14.16 -33.60 -12.12
N PHE D 417 -13.95 -34.78 -11.55
CA PHE D 417 -12.75 -35.01 -10.77
C PHE D 417 -11.51 -34.92 -11.63
N GLU D 418 -10.45 -34.33 -11.10
CA GLU D 418 -9.21 -34.32 -11.83
C GLU D 418 -8.52 -35.67 -11.69
N ASN D 419 -7.68 -35.97 -12.67
CA ASN D 419 -7.08 -37.31 -12.73
C ASN D 419 -6.25 -37.58 -11.49
N VAL D 420 -6.59 -38.67 -10.81
CA VAL D 420 -5.90 -39.08 -9.59
C VAL D 420 -5.59 -40.57 -9.72
N PRO D 421 -4.58 -41.05 -9.00
CA PRO D 421 -4.23 -42.47 -9.11
C PRO D 421 -5.28 -43.34 -8.42
N PHE D 422 -5.46 -44.54 -8.97
CA PHE D 422 -6.32 -45.52 -8.31
C PHE D 422 -5.85 -45.73 -6.89
N HIS D 423 -6.79 -45.82 -5.96
CA HIS D 423 -6.41 -46.12 -4.60
C HIS D 423 -6.18 -47.62 -4.57
N SER D 424 -5.03 -48.04 -4.07
CA SER D 424 -4.75 -49.46 -4.02
C SER D 424 -5.65 -50.16 -3.02
N SER D 425 -6.27 -51.24 -3.43
CA SER D 425 -7.15 -51.99 -2.54
C SER D 425 -6.73 -53.45 -2.65
N TYR D 426 -5.52 -53.69 -2.20
CA TYR D 426 -4.93 -55.02 -2.19
C TYR D 426 -3.80 -55.02 -1.19
N ALA D 427 -3.40 -56.21 -0.75
CA ALA D 427 -2.29 -56.34 0.17
C ALA D 427 -1.22 -57.14 -0.55
N HIS D 428 0.03 -56.70 -0.47
CA HIS D 428 1.12 -57.39 -1.15
C HIS D 428 1.30 -58.80 -0.63
N SER D 429 1.47 -59.75 -1.54
CA SER D 429 1.69 -61.15 -1.17
C SER D 429 3.18 -61.46 -1.02
N GLN D 430 4.01 -60.47 -1.32
CA GLN D 430 5.45 -60.60 -1.20
C GLN D 430 5.96 -59.45 -0.35
N SER D 431 7.02 -59.70 0.40
CA SER D 431 7.57 -58.64 1.24
C SER D 431 8.81 -58.06 0.59
N LEU D 432 9.15 -56.85 1.00
CA LEU D 432 10.19 -56.11 0.29
C LEU D 432 11.54 -56.80 0.37
N ASP D 433 11.86 -57.41 1.51
CA ASP D 433 13.14 -58.05 1.72
C ASP D 433 13.19 -59.50 1.25
N ARG D 434 12.04 -60.14 1.02
CA ARG D 434 12.00 -61.52 0.56
C ARG D 434 11.80 -61.65 -0.95
N LEU D 435 11.84 -60.56 -1.69
CA LEU D 435 11.79 -60.65 -3.15
C LEU D 435 12.92 -61.52 -3.68
N LEU D 444 27.59 -61.77 -5.87
CA LEU D 444 27.90 -60.69 -4.95
C LEU D 444 28.29 -61.23 -3.58
N TYR D 445 29.21 -60.53 -2.92
CA TYR D 445 29.81 -60.98 -1.68
C TYR D 445 29.57 -59.97 -0.57
N TYR D 446 29.75 -60.43 0.67
CA TYR D 446 29.60 -59.61 1.85
C TYR D 446 30.70 -59.99 2.83
N LEU D 447 30.88 -59.18 3.87
CA LEU D 447 31.95 -59.39 4.82
C LEU D 447 31.43 -60.28 5.95
N SER D 448 31.91 -61.52 5.98
CA SER D 448 31.46 -62.50 6.97
C SER D 448 32.19 -62.41 8.31
N LYS D 449 33.52 -62.24 8.29
CA LYS D 449 34.31 -62.33 9.51
C LYS D 449 35.33 -61.21 9.54
N THR D 450 35.38 -60.48 10.65
CA THR D 450 36.44 -59.51 10.86
C THR D 450 37.57 -60.02 11.75
N ILE D 451 37.42 -61.21 12.33
CA ILE D 451 38.47 -61.81 13.14
C ILE D 451 38.48 -63.32 12.90
N ASN D 452 39.68 -63.90 13.00
CA ASN D 452 39.81 -65.35 12.87
C ASN D 452 39.27 -66.07 14.10
N GLY D 453 39.64 -65.62 15.28
CA GLY D 453 39.17 -66.24 16.49
C GLY D 453 39.52 -65.37 17.69
N SER D 454 39.43 -65.98 18.86
CA SER D 454 39.73 -65.25 20.09
C SER D 454 41.24 -65.07 20.23
N GLY D 455 41.65 -63.88 20.62
CA GLY D 455 43.04 -63.60 20.89
C GLY D 455 43.38 -62.17 20.52
N GLN D 456 44.67 -61.90 20.45
CA GLN D 456 45.19 -60.60 20.08
C GLN D 456 45.65 -60.62 18.63
N ASN D 457 45.47 -59.49 17.95
CA ASN D 457 45.91 -59.31 16.57
C ASN D 457 45.30 -60.37 15.64
N GLN D 458 44.02 -60.66 15.86
CA GLN D 458 43.29 -61.65 15.06
C GLN D 458 42.55 -61.03 13.89
N GLN D 459 42.74 -59.74 13.63
CA GLN D 459 41.98 -59.05 12.59
C GLN D 459 42.16 -59.74 11.24
N THR D 460 41.06 -59.84 10.50
CA THR D 460 41.08 -60.45 9.17
C THR D 460 39.88 -59.91 8.39
N LEU D 461 39.91 -60.15 7.08
CA LEU D 461 38.78 -59.85 6.21
C LEU D 461 38.42 -61.10 5.42
N LYS D 462 37.23 -61.63 5.67
CA LYS D 462 36.74 -62.81 4.97
C LYS D 462 35.41 -62.48 4.31
N PHE D 463 35.24 -62.94 3.08
CA PHE D 463 34.05 -62.64 2.31
C PHE D 463 33.35 -63.93 1.92
N SER D 464 32.02 -63.90 1.98
CA SER D 464 31.20 -65.06 1.69
C SER D 464 30.12 -64.69 0.69
N VAL D 465 29.61 -65.69 0.00
CA VAL D 465 28.59 -65.47 -1.01
C VAL D 465 27.25 -65.21 -0.34
N ALA D 466 26.49 -64.27 -0.88
CA ALA D 466 25.13 -64.05 -0.42
C ALA D 466 24.19 -65.01 -1.12
N GLY D 467 23.50 -65.83 -0.34
CA GLY D 467 22.67 -66.88 -0.89
C GLY D 467 21.50 -67.20 0.00
N PRO D 468 20.68 -68.19 -0.41
CA PRO D 468 19.45 -68.48 0.33
C PRO D 468 19.68 -68.83 1.79
N SER D 469 20.87 -69.30 2.15
CA SER D 469 21.15 -69.63 3.54
C SER D 469 21.03 -68.40 4.42
N ASN D 470 21.65 -67.29 4.05
CA ASN D 470 21.54 -66.04 4.80
C ASN D 470 20.96 -64.98 3.87
N MET D 471 19.69 -64.64 4.09
CA MET D 471 19.00 -63.66 3.27
C MET D 471 19.05 -62.25 3.85
N ALA D 472 19.53 -62.09 5.07
CA ALA D 472 19.61 -60.76 5.66
C ALA D 472 20.63 -59.88 4.95
N VAL D 473 21.72 -60.49 4.45
CA VAL D 473 22.85 -59.73 3.94
C VAL D 473 22.83 -59.55 2.44
N GLN D 474 21.83 -60.08 1.74
CA GLN D 474 21.86 -60.01 0.30
C GLN D 474 21.64 -58.58 -0.18
N GLY D 475 22.21 -58.27 -1.35
CA GLY D 475 22.01 -56.97 -1.94
C GLY D 475 20.61 -56.84 -2.50
N ARG D 476 19.97 -55.69 -2.23
CA ARG D 476 18.62 -55.43 -2.68
C ARG D 476 18.57 -54.09 -3.40
N ASN D 477 17.66 -54.00 -4.37
CA ASN D 477 17.49 -52.79 -5.17
C ASN D 477 16.61 -51.74 -4.51
N TYR D 478 15.77 -52.12 -3.55
CA TYR D 478 14.82 -51.16 -3.00
C TYR D 478 14.72 -51.34 -1.50
N ILE D 479 14.31 -50.26 -0.83
CA ILE D 479 14.27 -50.22 0.63
C ILE D 479 12.90 -49.70 1.05
N PRO D 480 12.48 -49.99 2.28
CA PRO D 480 11.15 -49.56 2.71
C PRO D 480 11.06 -48.06 2.92
N GLY D 481 9.81 -47.58 2.95
CA GLY D 481 9.51 -46.18 2.98
C GLY D 481 9.84 -45.49 4.29
N PRO D 482 9.50 -44.21 4.37
CA PRO D 482 9.95 -43.39 5.50
C PRO D 482 9.19 -43.69 6.79
N SER D 483 9.78 -43.26 7.89
CA SER D 483 9.24 -43.53 9.22
C SER D 483 9.43 -42.32 10.11
N TYR D 484 8.43 -42.09 10.97
CA TYR D 484 8.52 -41.11 12.05
C TYR D 484 7.94 -41.81 13.26
N ARG D 485 8.76 -42.13 14.27
CA ARG D 485 8.32 -43.17 15.19
C ARG D 485 7.20 -42.70 16.11
N GLN D 486 6.26 -43.61 16.37
CA GLN D 486 5.17 -43.44 17.32
C GLN D 486 5.48 -44.24 18.59
N GLN D 487 4.96 -43.76 19.72
CA GLN D 487 5.03 -44.54 20.94
C GLN D 487 4.05 -45.70 20.90
N ARG D 488 4.43 -46.81 21.52
CA ARG D 488 3.66 -48.04 21.47
C ARG D 488 2.79 -48.18 22.71
N VAL D 489 1.50 -48.43 22.50
CA VAL D 489 0.53 -48.58 23.58
C VAL D 489 -0.08 -49.97 23.47
N SER D 490 -0.39 -50.59 24.61
CA SER D 490 -0.98 -51.91 24.65
C SER D 490 -2.46 -51.82 25.01
N THR D 491 -3.27 -52.66 24.37
CA THR D 491 -4.68 -52.75 24.69
C THR D 491 -4.93 -53.36 26.06
N THR D 492 -3.95 -54.07 26.63
CA THR D 492 -4.05 -54.57 28.00
C THR D 492 -3.43 -53.54 28.92
N VAL D 493 -4.26 -52.87 29.73
CA VAL D 493 -3.81 -51.67 30.41
C VAL D 493 -2.66 -51.95 31.39
N THR D 494 -2.62 -53.14 31.97
CA THR D 494 -1.56 -53.45 32.93
C THR D 494 -0.16 -53.40 32.31
N GLN D 495 -0.07 -53.72 31.03
CA GLN D 495 1.21 -53.69 30.32
C GLN D 495 1.83 -52.29 30.23
N ASN D 496 0.99 -51.29 30.05
CA ASN D 496 1.43 -49.89 29.95
C ASN D 496 1.96 -49.33 31.27
N ASN D 497 2.83 -48.34 31.16
CA ASN D 497 3.44 -47.68 32.31
C ASN D 497 2.40 -46.94 33.13
N ASN D 498 2.57 -46.93 34.45
CA ASN D 498 1.64 -46.23 35.34
C ASN D 498 2.00 -44.76 35.45
N SER D 499 1.75 -44.01 34.38
CA SER D 499 2.04 -42.59 34.31
C SER D 499 1.16 -41.94 33.24
N GLU D 500 1.07 -40.61 33.24
CA GLU D 500 0.27 -39.95 32.24
C GLU D 500 1.14 -39.54 31.05
N PHE D 501 1.01 -40.28 29.96
CA PHE D 501 1.80 -40.02 28.75
C PHE D 501 1.01 -39.79 27.46
N ALA D 502 -0.29 -39.51 27.55
CA ALA D 502 -1.08 -39.28 26.33
C ALA D 502 -0.46 -38.18 25.51
N TRP D 503 -0.26 -37.02 26.14
CA TRP D 503 0.41 -35.88 25.50
C TRP D 503 1.92 -35.93 25.68
N PRO D 504 2.47 -36.10 26.89
CA PRO D 504 3.93 -35.99 27.04
C PRO D 504 4.74 -37.01 26.26
N GLY D 505 4.15 -38.13 25.86
CA GLY D 505 4.91 -39.15 25.18
C GLY D 505 4.62 -39.23 23.70
N ALA D 506 3.97 -38.20 23.18
CA ALA D 506 3.44 -38.21 21.83
C ALA D 506 4.41 -37.58 20.84
N SER D 507 4.42 -38.12 19.63
CA SER D 507 5.20 -37.55 18.53
C SER D 507 4.47 -36.34 17.97
N SER D 508 5.19 -35.25 17.81
CA SER D 508 4.56 -33.99 17.44
C SER D 508 5.42 -33.26 16.42
N TRP D 509 4.83 -32.27 15.78
CA TRP D 509 5.56 -31.31 14.98
C TRP D 509 5.20 -29.91 15.41
N ALA D 510 6.18 -29.01 15.36
CA ALA D 510 6.04 -27.64 15.83
C ALA D 510 5.96 -26.69 14.64
N LEU D 511 4.99 -25.79 14.67
CA LEU D 511 4.83 -24.81 13.61
C LEU D 511 4.58 -23.46 14.25
N ASN D 512 5.50 -22.53 14.06
CA ASN D 512 5.38 -21.18 14.60
C ASN D 512 5.21 -21.19 16.12
N GLY D 513 5.90 -22.12 16.77
CA GLY D 513 5.89 -22.19 18.21
C GLY D 513 4.75 -22.98 18.83
N ARG D 514 3.83 -23.50 18.02
CA ARG D 514 2.74 -24.32 18.53
C ARG D 514 2.99 -25.78 18.15
N ASN D 515 2.80 -26.67 19.10
CA ASN D 515 2.96 -28.10 18.89
C ASN D 515 1.65 -28.71 18.45
N SER D 516 1.70 -29.53 17.42
CA SER D 516 0.57 -30.31 16.98
C SER D 516 0.94 -31.78 17.06
N LEU D 517 0.01 -32.59 17.55
CA LEU D 517 0.21 -34.02 17.56
C LEU D 517 0.44 -34.52 16.14
N MET D 518 1.28 -35.53 15.99
CA MET D 518 1.47 -36.11 14.66
C MET D 518 0.41 -37.18 14.51
N ASN D 519 -0.63 -36.85 13.77
CA ASN D 519 -1.80 -37.68 13.71
C ASN D 519 -2.46 -37.58 12.34
N PRO D 520 -2.80 -38.72 11.73
CA PRO D 520 -2.26 -40.04 12.05
C PRO D 520 -0.79 -40.16 11.67
N GLY D 521 -0.32 -39.24 10.83
CA GLY D 521 1.08 -39.18 10.47
C GLY D 521 1.38 -39.95 9.21
N PRO D 522 2.68 -40.19 8.96
CA PRO D 522 3.05 -40.98 7.79
C PRO D 522 2.51 -42.40 7.89
N ALA D 523 2.32 -43.03 6.74
CA ALA D 523 1.68 -44.34 6.69
C ALA D 523 2.67 -45.42 7.09
N MET D 524 2.37 -46.12 8.18
CA MET D 524 3.27 -47.13 8.70
C MET D 524 2.45 -48.31 9.20
N ALA D 525 3.12 -49.45 9.37
CA ALA D 525 2.45 -50.62 9.88
C ALA D 525 2.14 -50.45 11.36
N SER D 526 0.92 -50.84 11.76
CA SER D 526 0.47 -50.58 13.12
C SER D 526 1.24 -51.39 14.15
N HIS D 527 1.63 -52.62 13.80
CA HIS D 527 2.30 -53.49 14.75
C HIS D 527 3.10 -54.53 14.00
N LYS D 528 4.03 -55.16 14.71
CA LYS D 528 4.77 -56.28 14.15
C LYS D 528 3.86 -57.49 13.99
N GLU D 529 4.29 -58.43 13.15
CA GLU D 529 3.53 -59.66 12.97
C GLU D 529 3.53 -60.48 14.25
N GLY D 530 2.35 -60.85 14.70
CA GLY D 530 2.20 -61.62 15.91
C GLY D 530 1.79 -60.83 17.13
N GLU D 531 1.85 -59.50 17.08
CA GLU D 531 1.43 -58.66 18.19
C GLU D 531 0.21 -57.87 17.73
N ASP D 532 -0.97 -58.29 18.19
CA ASP D 532 -2.19 -57.55 17.89
C ASP D 532 -2.65 -56.68 19.05
N ARG D 533 -1.96 -56.73 20.18
CA ARG D 533 -2.40 -55.96 21.33
C ARG D 533 -1.76 -54.58 21.41
N PHE D 534 -0.78 -54.29 20.57
CA PHE D 534 -0.12 -52.99 20.55
C PHE D 534 -0.59 -52.16 19.37
N PHE D 535 -0.76 -50.86 19.62
CA PHE D 535 -1.12 -49.93 18.57
C PHE D 535 -0.37 -48.63 18.78
N PRO D 536 -0.02 -47.92 17.71
CA PRO D 536 0.68 -46.64 17.86
C PRO D 536 -0.21 -45.61 18.51
N LEU D 537 0.41 -44.75 19.31
CA LEU D 537 -0.33 -43.79 20.12
C LEU D 537 -1.28 -42.95 19.28
N SER D 538 -0.74 -42.09 18.43
CA SER D 538 -1.52 -41.27 17.52
C SER D 538 -1.55 -41.81 16.10
N GLY D 539 -0.94 -42.96 15.85
CA GLY D 539 -0.67 -43.38 14.48
C GLY D 539 -1.81 -44.00 13.70
N SER D 540 -2.99 -44.17 14.30
CA SER D 540 -4.09 -44.82 13.62
C SER D 540 -5.35 -43.96 13.69
N LEU D 541 -6.31 -44.28 12.83
CA LEU D 541 -7.62 -43.67 12.90
C LEU D 541 -8.48 -44.41 13.91
N ILE D 542 -9.25 -43.66 14.69
CA ILE D 542 -10.06 -44.22 15.76
C ILE D 542 -11.48 -43.70 15.62
N PHE D 543 -12.42 -44.60 15.34
CA PHE D 543 -13.81 -44.25 15.14
C PHE D 543 -14.62 -44.58 16.39
N GLY D 544 -15.64 -43.79 16.65
CA GLY D 544 -16.58 -44.09 17.71
C GLY D 544 -17.68 -45.03 17.25
N LYS D 545 -18.06 -45.93 18.15
CA LYS D 545 -19.21 -46.80 17.91
C LYS D 545 -20.49 -46.01 18.09
N GLN D 546 -21.58 -46.54 17.54
CA GLN D 546 -22.85 -45.85 17.61
C GLN D 546 -23.24 -45.58 19.06
N GLY D 547 -23.53 -44.32 19.36
CA GLY D 547 -23.89 -43.93 20.70
C GLY D 547 -22.74 -43.66 21.64
N THR D 548 -21.50 -43.77 21.16
CA THR D 548 -20.34 -43.50 22.00
C THR D 548 -20.32 -42.04 22.43
N GLY D 549 -19.90 -41.81 23.66
CA GLY D 549 -19.90 -40.46 24.20
C GLY D 549 -18.80 -39.60 23.60
N ARG D 550 -18.78 -38.34 24.03
CA ARG D 550 -17.82 -37.38 23.54
C ARG D 550 -16.49 -37.42 24.29
N ASP D 551 -16.50 -37.67 25.59
CA ASP D 551 -15.31 -37.47 26.42
C ASP D 551 -15.01 -38.70 27.27
N ASN D 552 -13.76 -39.14 27.25
CA ASN D 552 -13.22 -40.11 28.21
C ASN D 552 -14.02 -41.42 28.20
N VAL D 553 -14.11 -42.01 27.03
CA VAL D 553 -14.83 -43.26 26.83
C VAL D 553 -13.83 -44.39 26.83
N ASP D 554 -14.24 -45.55 27.31
CA ASP D 554 -13.30 -46.66 27.42
C ASP D 554 -12.98 -47.24 26.05
N ALA D 555 -12.04 -48.17 26.04
CA ALA D 555 -11.50 -48.68 24.78
C ALA D 555 -12.52 -49.54 24.04
N ASP D 556 -13.51 -50.06 24.75
CA ASP D 556 -14.55 -50.86 24.10
C ASP D 556 -15.62 -50.02 23.44
N LYS D 557 -15.58 -48.69 23.61
CA LYS D 557 -16.51 -47.79 22.95
C LYS D 557 -16.00 -47.27 21.61
N VAL D 558 -14.75 -47.54 21.26
CA VAL D 558 -14.14 -46.98 20.08
C VAL D 558 -13.58 -48.10 19.21
N MET D 559 -13.48 -47.82 17.91
CA MET D 559 -12.95 -48.76 16.93
C MET D 559 -11.60 -48.26 16.46
N ILE D 560 -10.54 -48.97 16.81
CA ILE D 560 -9.18 -48.58 16.48
C ILE D 560 -8.74 -49.37 15.26
N THR D 561 -8.57 -48.68 14.13
CA THR D 561 -8.13 -49.36 12.92
C THR D 561 -6.66 -49.79 13.06
N ASN D 562 -6.27 -50.77 12.24
CA ASN D 562 -4.89 -51.18 12.20
C ASN D 562 -4.42 -51.30 10.75
N GLU D 563 -3.20 -50.87 10.51
CA GLU D 563 -2.62 -50.77 9.18
C GLU D 563 -1.78 -51.98 8.80
N GLU D 564 -1.82 -53.05 9.59
CA GLU D 564 -0.86 -54.15 9.45
C GLU D 564 -0.73 -54.66 8.02
N GLU D 565 -1.71 -54.43 7.17
CA GLU D 565 -1.66 -54.92 5.79
C GLU D 565 -0.42 -54.43 5.05
N ILE D 566 0.08 -53.24 5.37
CA ILE D 566 1.12 -52.59 4.58
C ILE D 566 2.51 -52.89 5.13
N LYS D 567 2.60 -53.78 6.12
CA LYS D 567 3.89 -54.08 6.73
C LYS D 567 4.88 -54.69 5.75
N THR D 568 4.46 -55.05 4.54
CA THR D 568 5.39 -55.58 3.56
C THR D 568 6.34 -54.50 3.06
N THR D 569 5.81 -53.36 2.61
CA THR D 569 6.65 -52.28 2.12
C THR D 569 6.90 -51.16 3.11
N ASN D 570 6.26 -51.17 4.29
CA ASN D 570 6.42 -50.03 5.17
C ASN D 570 6.95 -50.47 6.52
N PRO D 571 7.73 -49.63 7.19
CA PRO D 571 8.19 -49.98 8.54
C PRO D 571 7.08 -49.91 9.56
N VAL D 572 7.31 -50.54 10.70
CA VAL D 572 6.33 -50.55 11.78
C VAL D 572 6.36 -49.21 12.49
N ALA D 573 5.17 -48.68 12.81
CA ALA D 573 5.07 -47.34 13.36
C ALA D 573 5.79 -47.21 14.69
N THR D 574 5.89 -48.28 15.46
CA THR D 574 6.45 -48.26 16.79
C THR D 574 7.90 -48.69 16.85
N GLU D 575 8.53 -48.91 15.70
CA GLU D 575 9.89 -49.41 15.64
C GLU D 575 10.81 -48.37 15.01
N SER D 576 12.10 -48.49 15.30
CA SER D 576 13.09 -47.71 14.59
C SER D 576 13.17 -48.13 13.14
N TYR D 577 13.68 -47.24 12.30
CA TYR D 577 13.84 -47.59 10.89
C TYR D 577 15.00 -48.56 10.71
N GLY D 578 16.04 -48.42 11.53
CA GLY D 578 17.23 -49.24 11.36
C GLY D 578 18.35 -48.72 12.23
N GLN D 579 19.58 -49.03 11.80
CA GLN D 579 20.78 -48.59 12.49
C GLN D 579 21.74 -47.96 11.52
N VAL D 580 22.57 -47.04 12.02
CA VAL D 580 23.61 -46.39 11.25
C VAL D 580 24.90 -46.44 12.06
N ALA D 581 26.01 -46.21 11.36
CA ALA D 581 27.30 -46.11 12.03
C ALA D 581 27.47 -44.71 12.60
N THR D 582 27.87 -44.63 13.86
CA THR D 582 28.09 -43.34 14.50
C THR D 582 29.55 -42.93 14.60
N ASN D 583 30.49 -43.73 14.11
CA ASN D 583 31.89 -43.38 14.33
C ASN D 583 32.75 -44.01 13.24
N HIS D 584 34.07 -43.92 13.43
CA HIS D 584 35.06 -44.68 12.68
C HIS D 584 35.70 -45.68 13.63
N GLN D 585 35.58 -46.96 13.30
CA GLN D 585 36.29 -47.97 14.07
C GLN D 585 37.79 -47.81 13.87
N SER D 586 38.54 -48.37 14.80
CA SER D 586 40.00 -48.33 14.72
C SER D 586 40.53 -49.40 15.65
N ALA D 587 41.84 -49.57 15.67
CA ALA D 587 42.43 -50.48 16.63
C ALA D 587 42.08 -50.08 18.06
N GLN D 588 41.83 -48.79 18.29
CA GLN D 588 41.49 -48.29 19.61
C GLN D 588 39.98 -48.13 19.84
N ALA D 589 39.14 -48.33 18.84
CA ALA D 589 37.74 -47.98 18.97
C ALA D 589 36.84 -49.03 18.32
N GLN D 590 35.86 -49.50 19.09
CA GLN D 590 34.89 -50.47 18.60
C GLN D 590 33.84 -49.77 17.74
N ALA D 591 33.26 -50.55 16.83
CA ALA D 591 32.19 -50.03 15.99
C ALA D 591 30.99 -49.65 16.83
N GLN D 592 30.53 -48.42 16.67
CA GLN D 592 29.38 -47.92 17.39
C GLN D 592 28.25 -47.67 16.41
N THR D 593 27.02 -47.91 16.87
CA THR D 593 25.83 -47.71 16.05
C THR D 593 24.81 -46.91 16.85
N GLY D 594 23.79 -46.44 16.13
CA GLY D 594 22.71 -45.72 16.76
C GLY D 594 21.43 -45.98 16.00
N TRP D 595 20.32 -45.78 16.68
CA TRP D 595 19.02 -46.12 16.12
C TRP D 595 18.44 -44.95 15.37
N VAL D 596 17.84 -45.22 14.23
CA VAL D 596 17.23 -44.19 13.40
C VAL D 596 15.76 -44.10 13.81
N GLN D 597 15.41 -43.03 14.51
CA GLN D 597 14.04 -42.88 14.97
C GLN D 597 13.14 -42.31 13.91
N ASN D 598 13.66 -41.45 13.05
CA ASN D 598 12.93 -40.89 11.93
C ASN D 598 13.82 -40.90 10.71
N GLN D 599 13.22 -41.16 9.55
CA GLN D 599 13.95 -41.24 8.30
C GLN D 599 13.12 -40.58 7.22
N GLY D 600 13.72 -39.64 6.50
CA GLY D 600 13.08 -39.05 5.36
C GLY D 600 13.30 -39.88 4.12
N ILE D 601 12.75 -39.39 3.02
CA ILE D 601 12.84 -40.11 1.75
C ILE D 601 14.29 -40.32 1.35
N LEU D 602 14.60 -41.52 0.88
CA LEU D 602 15.87 -41.83 0.23
C LEU D 602 15.59 -42.37 -1.16
N PRO D 603 16.50 -42.17 -2.10
CA PRO D 603 16.31 -42.76 -3.44
C PRO D 603 16.29 -44.28 -3.34
N GLY D 604 15.26 -44.88 -3.94
CA GLY D 604 15.08 -46.32 -3.87
C GLY D 604 14.03 -46.79 -2.89
N MET D 605 13.33 -45.88 -2.22
CA MET D 605 12.23 -46.26 -1.33
C MET D 605 10.96 -46.55 -2.11
N VAL D 606 10.18 -47.50 -1.59
CA VAL D 606 8.83 -47.74 -2.05
C VAL D 606 7.95 -47.84 -0.81
N TRP D 607 6.68 -47.44 -0.95
CA TRP D 607 5.79 -47.45 0.20
C TRP D 607 4.35 -47.56 -0.26
N GLN D 608 3.49 -47.92 0.68
CA GLN D 608 2.05 -47.92 0.50
C GLN D 608 1.42 -46.76 1.25
N ASP D 609 0.33 -46.24 0.69
CA ASP D 609 -0.44 -45.21 1.36
C ASP D 609 -1.31 -45.84 2.45
N ARG D 610 -2.09 -45.00 3.11
CA ARG D 610 -3.00 -45.48 4.13
C ARG D 610 -4.29 -45.97 3.50
N ASP D 611 -4.88 -46.99 4.10
CA ASP D 611 -6.09 -47.59 3.56
C ASP D 611 -7.28 -46.68 3.81
N VAL D 612 -8.32 -46.86 3.01
CA VAL D 612 -9.55 -46.11 3.15
C VAL D 612 -10.61 -47.02 3.76
N TYR D 613 -11.54 -46.44 4.51
CA TYR D 613 -12.54 -47.19 5.23
C TYR D 613 -13.94 -46.74 4.84
N GLY D 616 -14.58 -43.65 6.49
CA GLY D 616 -13.51 -42.69 6.39
C GLY D 616 -13.68 -41.67 5.28
N PRO D 617 -12.77 -40.72 5.21
CA PRO D 617 -12.88 -39.65 4.23
C PRO D 617 -12.52 -40.11 2.83
N ILE D 618 -12.97 -39.34 1.84
CA ILE D 618 -12.76 -39.66 0.44
C ILE D 618 -11.62 -38.83 -0.13
N TRP D 619 -11.78 -37.51 -0.14
CA TRP D 619 -10.79 -36.63 -0.76
C TRP D 619 -10.33 -35.58 0.24
N ALA D 620 -9.23 -34.92 -0.12
CA ALA D 620 -8.74 -33.73 0.57
C ALA D 620 -8.29 -32.73 -0.47
N LYS D 621 -8.16 -31.48 -0.05
CA LYS D 621 -7.61 -30.44 -0.92
C LYS D 621 -6.12 -30.31 -0.67
N ILE D 622 -5.33 -30.40 -1.72
CA ILE D 622 -3.89 -30.17 -1.59
C ILE D 622 -3.67 -28.69 -1.35
N PRO D 623 -3.00 -28.30 -0.26
CA PRO D 623 -2.77 -26.88 -0.01
C PRO D 623 -2.04 -26.25 -1.18
N HIS D 624 -2.30 -24.96 -1.41
CA HIS D 624 -1.73 -24.28 -2.56
C HIS D 624 -0.38 -23.71 -2.13
N THR D 625 0.70 -24.30 -2.62
CA THR D 625 2.04 -24.07 -2.11
C THR D 625 3.04 -24.22 -3.24
N ASP D 626 4.27 -23.79 -2.98
CA ASP D 626 5.33 -23.92 -3.97
C ASP D 626 5.68 -25.38 -4.21
N GLY D 627 5.66 -26.18 -3.16
CA GLY D 627 6.05 -27.57 -3.31
C GLY D 627 5.31 -28.47 -2.35
N ASN D 628 5.25 -29.74 -2.73
CA ASN D 628 4.65 -30.79 -1.93
C ASN D 628 5.28 -32.09 -2.38
N PHE D 629 5.21 -33.11 -1.53
CA PHE D 629 5.71 -34.42 -1.92
C PHE D 629 4.66 -35.47 -1.62
N HIS D 630 4.34 -36.27 -2.63
CA HIS D 630 3.36 -37.34 -2.57
C HIS D 630 2.09 -36.81 -1.93
N PRO D 631 1.38 -35.93 -2.62
CA PRO D 631 0.30 -35.16 -2.01
C PRO D 631 -0.85 -35.97 -1.42
N SER D 632 -0.86 -37.28 -1.62
CA SER D 632 -1.90 -38.12 -1.04
C SER D 632 -2.10 -37.81 0.44
N PRO D 633 -3.33 -37.55 0.88
CA PRO D 633 -3.54 -37.05 2.24
C PRO D 633 -3.26 -38.11 3.29
N LEU D 634 -2.86 -37.65 4.47
CA LEU D 634 -2.37 -38.56 5.49
C LEU D 634 -3.48 -39.28 6.24
N MET D 635 -4.70 -38.77 6.20
CA MET D 635 -5.80 -39.53 6.77
C MET D 635 -6.43 -40.50 5.78
N GLY D 636 -5.91 -40.57 4.56
CA GLY D 636 -6.42 -41.49 3.57
C GLY D 636 -7.27 -40.78 2.53
N GLY D 637 -7.33 -41.38 1.36
CA GLY D 637 -8.13 -40.85 0.27
C GLY D 637 -7.31 -40.20 -0.83
N PHE D 638 -8.02 -39.50 -1.69
CA PHE D 638 -7.47 -38.91 -2.91
C PHE D 638 -7.19 -37.44 -2.69
N GLY D 639 -5.93 -37.03 -2.80
CA GLY D 639 -5.59 -35.62 -2.74
C GLY D 639 -5.79 -34.95 -4.09
N MET D 640 -6.29 -33.72 -4.05
CA MET D 640 -6.67 -33.01 -5.26
C MET D 640 -6.38 -31.54 -5.08
N LYS D 641 -5.89 -30.89 -6.13
CA LYS D 641 -5.74 -29.43 -6.09
C LYS D 641 -7.06 -28.72 -6.34
N HIS D 642 -7.95 -29.29 -7.15
CA HIS D 642 -9.30 -28.78 -7.34
C HIS D 642 -10.26 -29.86 -6.93
N PRO D 643 -10.49 -30.03 -5.63
CA PRO D 643 -11.43 -31.04 -5.16
C PRO D 643 -12.85 -30.63 -5.48
N PRO D 644 -13.84 -31.46 -5.15
CA PRO D 644 -15.23 -31.02 -5.28
C PRO D 644 -15.47 -29.74 -4.50
N PRO D 645 -16.09 -28.75 -5.11
CA PRO D 645 -16.25 -27.45 -4.46
C PRO D 645 -17.14 -27.54 -3.24
N GLN D 646 -17.00 -26.54 -2.38
CA GLN D 646 -17.89 -26.40 -1.25
C GLN D 646 -19.24 -25.90 -1.72
N ILE D 647 -20.30 -26.29 -1.00
CA ILE D 647 -21.65 -25.92 -1.35
C ILE D 647 -22.25 -25.25 -0.13
N LEU D 648 -22.52 -23.96 -0.23
CA LEU D 648 -22.91 -23.15 0.91
C LEU D 648 -24.38 -22.79 0.81
N ILE D 649 -25.07 -22.82 1.95
CA ILE D 649 -26.52 -22.62 1.95
C ILE D 649 -26.92 -21.90 3.22
N LYS D 650 -27.86 -20.96 3.10
CA LYS D 650 -28.43 -20.29 4.26
C LYS D 650 -29.87 -19.92 3.97
N ASN D 651 -30.61 -19.66 5.04
CA ASN D 651 -31.95 -19.10 4.93
C ASN D 651 -31.88 -17.60 4.78
N THR D 652 -32.53 -17.07 3.76
CA THR D 652 -32.56 -15.64 3.57
C THR D 652 -33.30 -14.99 4.74
N PRO D 653 -32.70 -14.01 5.41
CA PRO D 653 -33.38 -13.41 6.57
C PRO D 653 -34.64 -12.67 6.16
N VAL D 654 -35.71 -12.92 6.90
CA VAL D 654 -36.97 -12.21 6.71
C VAL D 654 -37.22 -11.39 7.96
N PRO D 655 -37.17 -10.06 7.88
CA PRO D 655 -37.33 -9.26 9.09
C PRO D 655 -38.76 -9.25 9.60
N ALA D 656 -38.89 -8.95 10.88
CA ALA D 656 -40.20 -8.68 11.47
C ALA D 656 -40.64 -7.28 11.06
N ASP D 657 -41.72 -6.81 11.66
CA ASP D 657 -42.21 -5.50 11.28
C ASP D 657 -41.25 -4.41 11.76
N PRO D 658 -40.75 -3.57 10.86
CA PRO D 658 -39.91 -2.46 11.27
C PRO D 658 -40.73 -1.38 11.93
N PRO D 659 -40.09 -0.46 12.65
CA PRO D 659 -40.84 0.67 13.22
C PRO D 659 -41.44 1.57 12.17
N THR D 660 -42.37 2.43 12.57
CA THR D 660 -43.07 3.34 11.68
C THR D 660 -42.25 4.58 11.36
N ALA D 661 -41.31 4.97 12.21
CA ALA D 661 -40.40 6.08 11.93
C ALA D 661 -39.04 5.50 11.55
N PHE D 662 -38.37 6.16 10.60
CA PHE D 662 -37.11 5.64 10.08
C PHE D 662 -36.05 5.57 11.17
N ASN D 663 -35.24 4.52 11.10
CA ASN D 663 -34.11 4.32 12.01
C ASN D 663 -32.99 3.70 11.20
N LYS D 664 -31.76 4.20 11.41
CA LYS D 664 -30.66 3.84 10.51
C LYS D 664 -29.98 2.54 10.93
N ASP D 665 -30.30 2.02 12.10
CA ASP D 665 -29.66 0.81 12.58
C ASP D 665 -30.04 -0.37 11.69
N LYS D 666 -29.22 -1.41 11.70
CA LYS D 666 -29.59 -2.62 11.00
C LYS D 666 -30.68 -3.33 11.79
N LEU D 667 -31.46 -4.15 11.10
CA LEU D 667 -32.59 -4.80 11.74
C LEU D 667 -32.10 -6.02 12.50
N ASN D 668 -32.36 -6.05 13.81
CA ASN D 668 -32.05 -7.20 14.65
C ASN D 668 -33.25 -8.08 14.94
N SER D 669 -34.44 -7.74 14.46
CA SER D 669 -35.66 -8.45 14.77
C SER D 669 -36.15 -9.22 13.55
N PHE D 670 -36.09 -10.55 13.61
CA PHE D 670 -36.38 -11.39 12.47
C PHE D 670 -37.43 -12.43 12.83
N ILE D 671 -38.01 -13.01 11.77
CA ILE D 671 -38.99 -14.08 11.91
C ILE D 671 -38.26 -15.40 12.10
N THR D 672 -38.61 -16.13 13.15
CA THR D 672 -38.00 -17.43 13.40
C THR D 672 -38.37 -18.39 12.29
N GLN D 673 -37.38 -19.06 11.73
CA GLN D 673 -37.58 -19.72 10.46
C GLN D 673 -36.55 -20.82 10.28
N TYR D 674 -36.88 -21.82 9.47
CA TYR D 674 -35.95 -22.85 9.07
C TYR D 674 -36.46 -23.48 7.80
N SER D 675 -35.58 -24.23 7.13
CA SER D 675 -35.94 -24.86 5.87
C SER D 675 -35.58 -26.33 5.89
N THR D 676 -36.16 -27.06 4.96
CA THR D 676 -35.89 -28.49 4.80
C THR D 676 -36.12 -28.87 3.35
N GLY D 677 -35.54 -29.99 2.96
CA GLY D 677 -35.62 -30.41 1.58
C GLY D 677 -34.85 -31.68 1.33
N GLN D 678 -34.52 -31.93 0.06
CA GLN D 678 -33.89 -33.16 -0.37
C GLN D 678 -32.57 -32.85 -1.07
N VAL D 679 -31.60 -33.74 -0.89
CA VAL D 679 -30.30 -33.65 -1.56
C VAL D 679 -29.97 -35.01 -2.16
N SER D 680 -29.58 -35.00 -3.44
CA SER D 680 -29.11 -36.19 -4.11
C SER D 680 -27.73 -35.93 -4.70
N VAL D 681 -26.82 -36.85 -4.48
CA VAL D 681 -25.45 -36.76 -4.97
C VAL D 681 -25.07 -38.06 -5.67
N GLU D 682 -24.65 -37.94 -6.92
CA GLU D 682 -24.32 -39.08 -7.77
C GLU D 682 -22.85 -39.02 -8.13
N ILE D 683 -22.11 -40.08 -7.83
CA ILE D 683 -20.70 -40.17 -8.19
C ILE D 683 -20.48 -41.37 -9.09
N GLU D 684 -19.78 -41.15 -10.20
CA GLU D 684 -19.33 -42.22 -11.06
C GLU D 684 -17.92 -42.64 -10.67
N TRP D 685 -17.73 -43.93 -10.42
CA TRP D 685 -16.46 -44.47 -9.99
C TRP D 685 -15.88 -45.35 -11.10
N GLU D 686 -14.57 -45.32 -11.23
CA GLU D 686 -13.86 -46.17 -12.17
C GLU D 686 -13.15 -47.28 -11.41
N LEU D 687 -13.20 -48.49 -11.95
CA LEU D 687 -12.69 -49.68 -11.28
C LEU D 687 -11.45 -50.20 -11.98
N GLN D 688 -10.57 -50.83 -11.22
CA GLN D 688 -9.37 -51.40 -11.82
C GLN D 688 -9.48 -52.92 -11.85
N GLU E 418 10.93 -49.86 -22.14
CA GLU E 418 10.17 -48.62 -22.05
C GLU E 418 11.09 -47.45 -21.77
N ASN E 419 10.53 -46.24 -21.83
CA ASN E 419 11.35 -45.04 -21.75
C ASN E 419 12.02 -44.95 -20.38
N VAL E 420 13.34 -44.83 -20.41
CA VAL E 420 14.15 -44.71 -19.19
C VAL E 420 15.24 -43.68 -19.46
N PRO E 421 15.73 -43.01 -18.43
CA PRO E 421 16.78 -42.02 -18.64
C PRO E 421 18.10 -42.67 -18.99
N PHE E 422 18.88 -41.97 -19.82
CA PHE E 422 20.20 -42.41 -20.24
C PHE E 422 21.06 -42.59 -19.01
N HIS E 423 21.67 -43.75 -18.84
CA HIS E 423 22.54 -43.92 -17.70
C HIS E 423 23.71 -42.99 -17.92
N SER E 424 24.12 -42.26 -16.90
CA SER E 424 25.23 -41.35 -17.06
C SER E 424 26.56 -42.08 -16.99
N SER E 425 27.42 -41.83 -17.97
CA SER E 425 28.72 -42.48 -17.98
C SER E 425 29.79 -41.42 -18.15
N TYR E 426 29.94 -40.63 -17.10
CA TYR E 426 30.91 -39.57 -17.03
C TYR E 426 31.15 -39.23 -15.57
N ALA E 427 32.27 -38.57 -15.29
CA ALA E 427 32.57 -38.16 -13.94
C ALA E 427 32.60 -36.65 -14.00
N HIS E 428 31.93 -35.98 -13.07
CA HIS E 428 31.91 -34.53 -13.07
C HIS E 428 33.30 -33.98 -12.85
N SER E 429 33.63 -32.92 -13.58
CA SER E 429 34.93 -32.29 -13.44
C SER E 429 34.88 -31.10 -12.47
N GLN E 430 33.70 -30.89 -11.88
CA GLN E 430 33.52 -29.83 -10.90
C GLN E 430 32.80 -30.36 -9.68
N SER E 431 33.14 -29.85 -8.51
CA SER E 431 32.49 -30.28 -7.29
C SER E 431 31.27 -29.39 -7.03
N LEU E 432 30.35 -29.83 -6.18
CA LEU E 432 29.15 -29.06 -5.91
C LEU E 432 29.43 -27.80 -5.12
N ASP E 433 30.53 -27.76 -4.39
CA ASP E 433 30.87 -26.62 -3.56
C ASP E 433 31.84 -25.65 -4.23
N ARG E 434 32.33 -25.97 -5.43
CA ARG E 434 33.25 -25.10 -6.15
C ARG E 434 32.62 -24.37 -7.35
N LEU E 435 31.31 -24.40 -7.53
CA LEU E 435 30.69 -23.88 -8.74
C LEU E 435 30.88 -22.38 -8.96
N MET E 436 31.45 -21.65 -8.01
CA MET E 436 31.58 -20.20 -8.04
C MET E 436 32.65 -19.73 -9.03
N ASN E 437 32.58 -18.45 -9.36
CA ASN E 437 33.67 -17.74 -10.04
C ASN E 437 34.74 -17.35 -9.02
N PRO E 438 35.96 -17.89 -9.12
CA PRO E 438 36.96 -17.63 -8.08
C PRO E 438 37.48 -16.22 -8.03
N LEU E 439 37.18 -15.38 -9.02
CA LEU E 439 37.78 -14.06 -9.10
C LEU E 439 36.94 -12.96 -8.47
N ILE E 440 35.68 -13.24 -8.13
CA ILE E 440 34.70 -12.20 -7.85
C ILE E 440 34.08 -12.45 -6.48
N ASP E 441 33.73 -11.37 -5.80
CA ASP E 441 32.98 -11.45 -4.55
C ASP E 441 31.51 -11.76 -4.80
N GLN E 442 30.87 -12.31 -3.78
CA GLN E 442 29.43 -12.28 -3.70
C GLN E 442 28.95 -10.94 -3.15
N TYR E 443 27.69 -10.60 -3.47
CA TYR E 443 27.06 -9.45 -2.85
C TYR E 443 26.39 -9.81 -1.53
N LEU E 444 26.62 -11.02 -1.05
CA LEU E 444 26.05 -11.51 0.19
C LEU E 444 27.09 -11.49 1.30
N TYR E 445 26.62 -11.28 2.51
CA TYR E 445 27.45 -11.21 3.70
C TYR E 445 27.21 -12.42 4.58
N TYR E 446 28.21 -12.73 5.41
CA TYR E 446 28.09 -13.77 6.39
C TYR E 446 28.57 -13.21 7.72
N LEU E 447 28.30 -13.93 8.80
CA LEU E 447 28.64 -13.45 10.14
C LEU E 447 30.03 -13.94 10.48
N SER E 448 30.98 -13.00 10.50
CA SER E 448 32.38 -13.38 10.68
C SER E 448 32.77 -13.50 12.15
N LYS E 449 32.34 -12.57 13.00
CA LYS E 449 32.76 -12.55 14.40
C LYS E 449 31.59 -12.34 15.32
N THR E 450 31.51 -13.16 16.37
CA THR E 450 30.56 -12.91 17.46
C THR E 450 31.17 -12.30 18.71
N ILE E 451 32.49 -12.15 18.80
CA ILE E 451 33.10 -11.54 19.99
C ILE E 451 34.30 -10.70 19.64
N ASN E 452 34.47 -9.59 20.34
CA ASN E 452 35.64 -8.73 20.15
C ASN E 452 36.91 -9.48 20.58
N GLY E 453 36.79 -10.24 21.66
CA GLY E 453 37.90 -11.04 22.17
C GLY E 453 38.33 -10.86 23.61
N SER E 454 38.97 -11.91 24.12
CA SER E 454 39.50 -12.00 25.49
C SER E 454 38.49 -12.04 26.65
N GLY E 455 37.25 -12.42 26.37
CA GLY E 455 36.25 -12.58 27.41
C GLY E 455 35.73 -11.33 28.09
N GLN E 456 35.05 -11.51 29.21
CA GLN E 456 34.48 -10.40 29.96
C GLN E 456 33.57 -9.44 29.19
N ASN E 457 32.41 -9.95 28.79
CA ASN E 457 31.37 -9.19 28.08
C ASN E 457 31.73 -8.58 26.74
N GLN E 458 32.52 -9.29 25.95
CA GLN E 458 32.86 -8.81 24.62
C GLN E 458 31.92 -9.53 23.70
N GLN E 459 30.94 -8.84 23.15
CA GLN E 459 29.97 -9.46 22.27
C GLN E 459 29.68 -8.49 21.16
N THR E 460 29.68 -8.98 19.94
CA THR E 460 29.43 -8.11 18.82
C THR E 460 28.81 -8.94 17.72
N LEU E 461 28.44 -8.27 16.64
CA LEU E 461 28.08 -8.91 15.39
C LEU E 461 28.87 -8.21 14.31
N LYS E 462 29.79 -8.94 13.70
CA LYS E 462 30.57 -8.43 12.58
C LYS E 462 30.26 -9.27 11.35
N PHE E 463 30.16 -8.62 10.21
CA PHE E 463 29.80 -9.26 8.97
C PHE E 463 30.86 -8.99 7.92
N SER E 464 31.06 -9.95 7.02
CA SER E 464 32.06 -9.81 5.98
C SER E 464 31.47 -10.30 4.67
N VAL E 465 32.03 -9.81 3.57
CA VAL E 465 31.64 -10.28 2.25
C VAL E 465 32.19 -11.68 2.03
N ALA E 466 31.33 -12.57 1.58
CA ALA E 466 31.78 -13.90 1.16
C ALA E 466 32.43 -13.79 -0.21
N GLY E 467 33.66 -14.27 -0.31
CA GLY E 467 34.44 -14.07 -1.51
C GLY E 467 35.51 -15.13 -1.69
N PRO E 468 36.38 -14.92 -2.68
CA PRO E 468 37.37 -15.95 -3.01
C PRO E 468 38.23 -16.40 -1.84
N SER E 469 38.55 -15.50 -0.93
CA SER E 469 39.43 -15.86 0.18
C SER E 469 38.79 -16.91 1.08
N ASN E 470 37.49 -16.82 1.31
CA ASN E 470 36.76 -17.82 2.10
C ASN E 470 35.65 -18.39 1.23
N MET E 471 35.84 -19.62 0.74
CA MET E 471 34.84 -20.22 -0.12
C MET E 471 33.91 -21.15 0.63
N ALA E 472 34.16 -21.38 1.91
CA ALA E 472 33.30 -22.28 2.66
C ALA E 472 32.00 -21.61 3.03
N VAL E 473 32.03 -20.29 3.28
CA VAL E 473 30.89 -19.61 3.87
C VAL E 473 30.00 -18.99 2.82
N GLN E 474 30.30 -19.18 1.54
CA GLN E 474 29.47 -18.56 0.52
C GLN E 474 28.10 -19.20 0.45
N GLY E 475 27.13 -18.45 -0.05
CA GLY E 475 25.82 -19.00 -0.26
C GLY E 475 25.78 -19.85 -1.52
N ARG E 476 25.04 -20.95 -1.46
CA ARG E 476 24.97 -21.86 -2.57
C ARG E 476 23.53 -22.24 -2.84
N ASN E 477 23.23 -22.49 -4.11
CA ASN E 477 21.89 -22.82 -4.54
C ASN E 477 21.56 -24.30 -4.44
N TYR E 478 22.55 -25.16 -4.28
CA TYR E 478 22.30 -26.60 -4.32
C TYR E 478 23.23 -27.29 -3.33
N ILE E 479 22.78 -28.42 -2.82
CA ILE E 479 23.45 -29.11 -1.72
C ILE E 479 23.58 -30.58 -2.09
N PRO E 480 24.51 -31.30 -1.48
CA PRO E 480 24.74 -32.69 -1.86
C PRO E 480 23.61 -33.60 -1.42
N GLY E 481 23.55 -34.77 -2.07
CA GLY E 481 22.47 -35.70 -1.91
C GLY E 481 22.43 -36.39 -0.57
N PRO E 482 21.49 -37.32 -0.42
CA PRO E 482 21.21 -37.91 0.89
C PRO E 482 22.23 -38.97 1.28
N SER E 483 22.31 -39.21 2.58
CA SER E 483 23.31 -40.11 3.13
C SER E 483 22.69 -41.00 4.19
N TYR E 484 23.19 -42.24 4.27
CA TYR E 484 22.89 -43.17 5.34
C TYR E 484 24.21 -43.82 5.71
N ARG E 485 24.75 -43.54 6.89
CA ARG E 485 26.19 -43.77 7.06
C ARG E 485 26.51 -45.27 7.14
N GLN E 486 27.64 -45.64 6.55
CA GLN E 486 28.23 -46.97 6.60
C GLN E 486 29.42 -46.96 7.55
N GLN E 487 29.68 -48.11 8.17
CA GLN E 487 30.90 -48.26 8.95
C GLN E 487 32.11 -48.44 8.04
N ARG E 488 33.21 -47.81 8.41
CA ARG E 488 34.40 -47.76 7.57
C ARG E 488 35.34 -48.92 7.89
N VAL E 489 35.78 -49.62 6.85
CA VAL E 489 36.60 -50.80 7.01
C VAL E 489 37.86 -50.65 6.16
N SER E 490 39.02 -50.81 6.79
CA SER E 490 40.31 -50.67 6.12
C SER E 490 40.74 -51.99 5.50
N THR E 491 41.36 -51.92 4.33
CA THR E 491 41.93 -53.11 3.70
C THR E 491 43.16 -53.62 4.43
N THR E 492 43.86 -52.75 5.15
CA THR E 492 44.95 -53.16 6.04
C THR E 492 44.30 -53.68 7.32
N VAL E 493 44.54 -54.95 7.63
CA VAL E 493 43.93 -55.60 8.78
C VAL E 493 44.39 -55.14 10.17
N THR E 494 45.60 -54.61 10.28
CA THR E 494 46.11 -54.14 11.56
C THR E 494 45.28 -52.97 12.09
N GLN E 495 44.88 -52.10 11.18
CA GLN E 495 44.10 -50.92 11.50
C GLN E 495 42.72 -51.23 12.09
N ASN E 496 42.07 -52.27 11.59
CA ASN E 496 40.75 -52.67 12.06
C ASN E 496 40.77 -53.12 13.51
N ASN E 497 39.66 -52.88 14.20
CA ASN E 497 39.51 -53.25 15.60
C ASN E 497 39.52 -54.76 15.78
N ASN E 498 40.06 -55.22 16.91
CA ASN E 498 40.15 -56.63 17.21
C ASN E 498 38.86 -57.16 17.81
N SER E 499 37.81 -57.25 17.00
CA SER E 499 36.51 -57.73 17.43
C SER E 499 35.66 -58.13 16.23
N GLU E 500 34.54 -58.78 16.48
CA GLU E 500 33.66 -59.18 15.37
C GLU E 500 32.59 -58.10 15.18
N PHE E 501 32.76 -57.26 14.17
CA PHE E 501 31.81 -56.20 13.88
C PHE E 501 31.09 -56.30 12.54
N ALA E 502 31.25 -57.43 11.85
CA ALA E 502 30.64 -57.57 10.54
C ALA E 502 29.13 -57.45 10.56
N TRP E 503 28.48 -58.07 11.54
CA TRP E 503 27.03 -57.96 11.63
C TRP E 503 26.57 -56.95 12.67
N PRO E 504 27.25 -56.92 13.83
CA PRO E 504 26.93 -56.01 14.93
C PRO E 504 27.08 -54.53 14.62
N GLY E 505 28.14 -54.16 13.90
CA GLY E 505 28.40 -52.77 13.58
C GLY E 505 27.84 -52.26 12.26
N ALA E 506 27.17 -53.14 11.52
CA ALA E 506 26.63 -52.76 10.23
C ALA E 506 25.36 -51.93 10.27
N SER E 507 25.07 -51.31 9.13
CA SER E 507 23.89 -50.49 8.90
C SER E 507 22.79 -51.34 8.30
N SER E 508 21.60 -51.27 8.90
CA SER E 508 20.51 -52.16 8.54
C SER E 508 19.20 -51.40 8.52
N TRP E 509 18.18 -52.05 7.95
CA TRP E 509 16.82 -51.56 8.01
C TRP E 509 15.88 -52.69 8.41
N ALA E 510 14.99 -52.39 9.35
CA ALA E 510 14.07 -53.36 9.92
C ALA E 510 12.74 -53.33 9.19
N LEU E 511 12.21 -54.51 8.90
CA LEU E 511 10.91 -54.64 8.26
C LEU E 511 10.15 -55.75 8.95
N ASN E 512 9.00 -55.42 9.54
CA ASN E 512 8.13 -56.41 10.18
C ASN E 512 8.86 -57.18 11.27
N GLY E 513 9.86 -56.56 11.87
CA GLY E 513 10.64 -57.17 12.91
C GLY E 513 11.86 -57.92 12.44
N ARG E 514 12.12 -57.96 11.15
CA ARG E 514 13.31 -58.62 10.60
C ARG E 514 14.27 -57.59 10.05
N ASN E 515 15.54 -57.71 10.43
CA ASN E 515 16.57 -56.78 10.01
C ASN E 515 17.22 -57.26 8.73
N SER E 516 17.23 -56.40 7.72
CA SER E 516 17.99 -56.61 6.51
C SER E 516 19.20 -55.70 6.52
N LEU E 517 20.36 -56.25 6.19
CA LEU E 517 21.55 -55.44 5.96
C LEU E 517 21.24 -54.41 4.87
N MET E 518 21.87 -53.24 4.97
CA MET E 518 21.66 -52.21 3.96
C MET E 518 22.73 -52.44 2.90
N ASN E 519 22.33 -53.01 1.78
CA ASN E 519 23.28 -53.37 0.74
C ASN E 519 22.65 -53.14 -0.63
N PRO E 520 23.39 -52.51 -1.55
CA PRO E 520 24.58 -51.71 -1.29
C PRO E 520 24.22 -50.40 -0.60
N GLY E 521 22.96 -50.00 -0.68
CA GLY E 521 22.48 -48.81 -0.02
C GLY E 521 22.34 -47.64 -0.96
N PRO E 522 22.00 -46.47 -0.42
CA PRO E 522 21.99 -45.25 -1.23
C PRO E 522 23.37 -44.98 -1.81
N ALA E 523 23.39 -44.42 -3.01
CA ALA E 523 24.65 -44.19 -3.70
C ALA E 523 25.43 -43.09 -3.01
N MET E 524 26.64 -43.40 -2.58
CA MET E 524 27.51 -42.46 -1.90
C MET E 524 28.94 -42.72 -2.29
N ALA E 525 29.80 -41.72 -2.06
CA ALA E 525 31.21 -41.87 -2.37
C ALA E 525 31.85 -42.86 -1.41
N SER E 526 32.64 -43.79 -1.98
CA SER E 526 33.21 -44.87 -1.17
C SER E 526 34.18 -44.34 -0.14
N HIS E 527 34.94 -43.30 -0.48
CA HIS E 527 35.96 -42.79 0.42
C HIS E 527 36.31 -41.36 0.04
N LYS E 528 36.94 -40.67 0.98
CA LYS E 528 37.43 -39.33 0.72
C LYS E 528 38.59 -39.37 -0.29
N GLU E 529 38.83 -38.22 -0.91
CA GLU E 529 40.00 -38.08 -1.77
C GLU E 529 41.27 -38.21 -0.93
N GLY E 530 42.15 -39.10 -1.36
CA GLY E 530 43.39 -39.33 -0.67
C GLY E 530 43.43 -40.58 0.19
N GLU E 531 42.29 -41.15 0.55
CA GLU E 531 42.24 -42.39 1.30
C GLU E 531 41.62 -43.44 0.41
N ASP E 532 42.45 -44.32 -0.15
CA ASP E 532 41.99 -45.43 -0.97
C ASP E 532 41.95 -46.75 -0.21
N ARG E 533 42.38 -46.76 1.05
CA ARG E 533 42.47 -48.02 1.78
C ARG E 533 41.22 -48.30 2.60
N PHE E 534 40.20 -47.46 2.52
CA PHE E 534 38.98 -47.63 3.27
C PHE E 534 37.81 -47.86 2.33
N PHE E 535 36.89 -48.73 2.75
CA PHE E 535 35.71 -49.03 1.99
C PHE E 535 34.52 -49.19 2.93
N PRO E 536 33.33 -48.80 2.46
CA PRO E 536 32.10 -48.94 3.26
C PRO E 536 31.85 -50.42 3.53
N LEU E 537 31.37 -50.74 4.73
CA LEU E 537 31.15 -52.14 5.08
C LEU E 537 30.13 -52.83 4.17
N SER E 538 29.03 -52.16 3.87
CA SER E 538 28.02 -52.73 2.99
C SER E 538 27.80 -51.84 1.77
N GLY E 539 28.60 -50.79 1.66
CA GLY E 539 28.51 -49.80 0.60
C GLY E 539 28.76 -50.15 -0.86
N SER E 540 29.71 -51.03 -1.14
CA SER E 540 30.06 -51.34 -2.53
C SER E 540 29.76 -52.77 -2.96
N LEU E 541 29.58 -52.94 -4.26
CA LEU E 541 29.34 -54.25 -4.84
C LEU E 541 30.66 -55.02 -4.81
N ILE E 542 30.64 -56.21 -4.23
CA ILE E 542 31.84 -57.02 -4.14
C ILE E 542 31.67 -58.25 -5.03
N PHE E 543 32.47 -58.33 -6.09
CA PHE E 543 32.39 -59.46 -7.00
C PHE E 543 33.35 -60.57 -6.57
N ILE E 560 36.17 -55.65 -5.00
CA ILE E 560 35.52 -54.60 -4.22
C ILE E 560 35.52 -53.31 -5.01
N THR E 561 34.39 -52.97 -5.61
CA THR E 561 34.29 -51.76 -6.42
C THR E 561 34.27 -50.52 -5.52
N ASN E 562 34.65 -49.38 -6.10
CA ASN E 562 34.62 -48.11 -5.39
C ASN E 562 33.88 -47.07 -6.22
N GLU E 563 33.07 -46.27 -5.54
CA GLU E 563 32.21 -45.27 -6.16
C GLU E 563 32.84 -43.88 -6.21
N GLU E 564 34.13 -43.75 -5.91
CA GLU E 564 34.75 -42.45 -5.67
C GLU E 564 34.47 -41.42 -6.75
N GLU E 565 34.07 -41.84 -7.95
CA GLU E 565 33.78 -40.89 -9.03
C GLU E 565 32.72 -39.88 -8.62
N ILE E 566 31.78 -40.26 -7.76
CA ILE E 566 30.61 -39.44 -7.47
C ILE E 566 30.83 -38.56 -6.26
N LYS E 567 32.05 -38.53 -5.74
CA LYS E 567 32.33 -37.71 -4.56
C LYS E 567 32.09 -36.23 -4.80
N THR E 568 31.86 -35.83 -6.05
CA THR E 568 31.63 -34.43 -6.36
C THR E 568 30.25 -33.97 -5.90
N THR E 569 29.19 -34.70 -6.28
CA THR E 569 27.85 -34.34 -5.85
C THR E 569 27.32 -35.19 -4.69
N ASN E 570 28.04 -36.21 -4.25
CA ASN E 570 27.49 -37.09 -3.23
C ASN E 570 28.38 -37.12 -2.00
N PRO E 571 27.80 -37.25 -0.81
CA PRO E 571 28.63 -37.34 0.39
C PRO E 571 29.36 -38.67 0.46
N VAL E 572 30.42 -38.70 1.27
CA VAL E 572 31.16 -39.94 1.48
C VAL E 572 30.33 -40.87 2.34
N ALA E 573 30.35 -42.16 2.01
CA ALA E 573 29.51 -43.14 2.68
C ALA E 573 29.89 -43.30 4.15
N THR E 574 31.16 -43.11 4.48
CA THR E 574 31.64 -43.37 5.83
C THR E 574 31.68 -42.12 6.69
N GLU E 575 31.14 -41.00 6.21
CA GLU E 575 31.20 -39.73 6.91
C GLU E 575 29.80 -39.26 7.26
N SER E 576 29.73 -38.36 8.23
CA SER E 576 28.49 -37.67 8.53
C SER E 576 28.07 -36.79 7.36
N TYR E 577 26.79 -36.50 7.27
CA TYR E 577 26.33 -35.58 6.24
C TYR E 577 26.76 -34.16 6.58
N GLY E 578 26.79 -33.81 7.86
CA GLY E 578 27.11 -32.46 8.26
C GLY E 578 26.81 -32.28 9.72
N GLN E 579 26.56 -31.02 10.10
CA GLN E 579 26.22 -30.66 11.46
C GLN E 579 24.95 -29.82 11.49
N VAL E 580 24.21 -29.93 12.59
CA VAL E 580 23.07 -29.08 12.87
C VAL E 580 23.23 -28.56 14.29
N ALA E 581 22.59 -27.43 14.56
CA ALA E 581 22.55 -26.91 15.92
C ALA E 581 21.61 -27.75 16.75
N THR E 582 21.99 -28.02 18.00
CA THR E 582 21.11 -28.76 18.90
C THR E 582 20.42 -27.91 19.95
N ASN E 583 20.69 -26.61 20.02
CA ASN E 583 20.13 -25.82 21.12
C ASN E 583 19.99 -24.37 20.69
N HIS E 584 19.29 -23.61 21.51
CA HIS E 584 19.33 -22.16 21.49
C HIS E 584 20.47 -21.70 22.38
N GLN E 585 21.45 -21.05 21.80
CA GLN E 585 22.49 -20.42 22.60
C GLN E 585 21.90 -19.25 23.37
N SER E 586 22.63 -18.82 24.38
CA SER E 586 22.26 -17.63 25.12
C SER E 586 23.49 -17.17 25.88
N ALA E 587 23.34 -16.09 26.65
CA ALA E 587 24.44 -15.65 27.49
C ALA E 587 24.86 -16.74 28.46
N GLN E 588 23.92 -17.60 28.85
CA GLN E 588 24.23 -18.72 29.74
C GLN E 588 24.76 -19.93 28.99
N ALA E 589 24.17 -20.26 27.83
CA ALA E 589 24.42 -21.53 27.17
C ALA E 589 25.24 -21.33 25.90
N GLN E 590 26.29 -22.13 25.76
CA GLN E 590 27.11 -22.10 24.54
C GLN E 590 26.41 -22.82 23.41
N ALA E 591 26.80 -22.48 22.19
CA ALA E 591 26.20 -23.11 21.02
C ALA E 591 26.68 -24.56 20.90
N GLN E 592 25.74 -25.46 20.69
CA GLN E 592 26.03 -26.88 20.58
C GLN E 592 25.57 -27.39 19.23
N THR E 593 26.39 -28.25 18.63
CA THR E 593 26.05 -28.87 17.36
C THR E 593 25.90 -30.37 17.56
N GLY E 594 25.52 -31.04 16.49
CA GLY E 594 25.38 -32.49 16.52
C GLY E 594 25.59 -33.04 15.13
N TRP E 595 26.01 -34.29 15.07
CA TRP E 595 26.38 -34.89 13.79
C TRP E 595 25.16 -35.51 13.14
N VAL E 596 25.00 -35.25 11.84
CA VAL E 596 23.88 -35.82 11.10
C VAL E 596 24.38 -37.12 10.49
N GLN E 597 23.91 -38.24 11.03
CA GLN E 597 24.39 -39.52 10.55
C GLN E 597 23.64 -39.95 9.30
N ASN E 598 22.34 -39.77 9.27
CA ASN E 598 21.54 -40.01 8.08
C ASN E 598 20.76 -38.75 7.74
N GLN E 599 20.60 -38.51 6.44
CA GLN E 599 19.85 -37.36 5.95
C GLN E 599 18.98 -37.78 4.79
N GLY E 600 17.68 -37.52 4.88
CA GLY E 600 16.78 -37.77 3.79
C GLY E 600 16.83 -36.66 2.77
N ILE E 601 15.93 -36.76 1.79
CA ILE E 601 15.87 -35.77 0.73
C ILE E 601 15.46 -34.41 1.28
N LEU E 602 16.16 -33.38 0.82
CA LEU E 602 15.80 -31.98 1.02
C LEU E 602 15.58 -31.33 -0.33
N PRO E 603 14.78 -30.27 -0.40
CA PRO E 603 14.68 -29.51 -1.64
C PRO E 603 16.01 -28.87 -1.98
N GLY E 604 16.39 -28.95 -3.23
CA GLY E 604 17.66 -28.42 -3.68
C GLY E 604 18.83 -29.37 -3.59
N MET E 605 18.59 -30.66 -3.36
CA MET E 605 19.64 -31.66 -3.44
C MET E 605 19.84 -32.12 -4.88
N VAL E 606 21.08 -32.44 -5.21
CA VAL E 606 21.39 -33.16 -6.43
C VAL E 606 22.29 -34.34 -6.05
N TRP E 607 22.26 -35.38 -6.86
CA TRP E 607 23.03 -36.57 -6.59
C TRP E 607 23.25 -37.33 -7.89
N GLN E 608 24.23 -38.22 -7.86
CA GLN E 608 24.48 -39.19 -8.92
C GLN E 608 24.01 -40.57 -8.47
N ASP E 609 23.51 -41.34 -9.41
CA ASP E 609 23.14 -42.72 -9.14
C ASP E 609 24.39 -43.59 -9.12
N ARG E 610 24.21 -44.87 -8.84
CA ARG E 610 25.34 -45.78 -8.79
C ARG E 610 25.77 -46.17 -10.19
N ASP E 611 27.06 -46.45 -10.33
CA ASP E 611 27.63 -46.80 -11.62
C ASP E 611 27.30 -48.24 -11.99
N VAL E 612 27.27 -48.51 -13.28
CA VAL E 612 27.05 -49.87 -13.79
C VAL E 612 28.39 -50.47 -14.19
N TYR E 613 28.50 -51.78 -13.98
CA TYR E 613 29.73 -52.50 -14.28
C TYR E 613 29.48 -53.57 -15.31
N LEU E 614 30.55 -53.98 -15.99
CA LEU E 614 30.45 -55.00 -17.02
C LEU E 614 29.78 -56.26 -16.48
N GLN E 615 30.26 -56.76 -15.34
CA GLN E 615 29.70 -57.93 -14.68
C GLN E 615 28.38 -57.66 -14.00
N GLY E 616 27.95 -56.40 -13.90
CA GLY E 616 26.86 -56.02 -13.03
C GLY E 616 25.48 -56.15 -13.68
N PRO E 617 24.45 -55.86 -12.90
CA PRO E 617 23.09 -56.00 -13.42
C PRO E 617 22.74 -54.87 -14.38
N ILE E 618 21.68 -55.08 -15.14
CA ILE E 618 21.27 -54.11 -16.15
C ILE E 618 20.00 -53.41 -15.73
N TRP E 619 18.92 -54.16 -15.56
CA TRP E 619 17.63 -53.58 -15.23
C TRP E 619 17.06 -54.25 -13.99
N ALA E 620 16.07 -53.58 -13.40
CA ALA E 620 15.29 -54.14 -12.30
C ALA E 620 13.84 -53.77 -12.51
N LYS E 621 12.96 -54.54 -11.90
CA LYS E 621 11.54 -54.22 -11.92
C LYS E 621 11.22 -53.31 -10.75
N ILE E 622 10.55 -52.20 -11.03
CA ILE E 622 10.06 -51.33 -9.96
C ILE E 622 8.89 -52.02 -9.27
N PRO E 623 8.92 -52.20 -7.94
CA PRO E 623 7.79 -52.80 -7.26
C PRO E 623 6.51 -52.03 -7.55
N HIS E 624 5.38 -52.73 -7.48
CA HIS E 624 4.09 -52.13 -7.78
C HIS E 624 3.53 -51.59 -6.48
N THR E 625 3.52 -50.27 -6.33
CA THR E 625 3.21 -49.63 -5.07
C THR E 625 2.47 -48.32 -5.32
N ASP E 626 1.91 -47.78 -4.25
CA ASP E 626 1.27 -46.47 -4.31
C ASP E 626 2.29 -45.38 -4.61
N GLY E 627 3.49 -45.50 -4.04
CA GLY E 627 4.49 -44.47 -4.27
C GLY E 627 5.90 -45.00 -4.20
N ASN E 628 6.79 -44.28 -4.88
CA ASN E 628 8.21 -44.54 -4.87
C ASN E 628 8.92 -43.25 -5.19
N PHE E 629 10.20 -43.19 -4.87
CA PHE E 629 10.98 -42.00 -5.18
C PHE E 629 12.28 -42.39 -5.86
N HIS E 630 12.53 -41.79 -7.02
CA HIS E 630 13.72 -42.00 -7.83
C HIS E 630 13.92 -43.51 -7.99
N PRO E 631 13.05 -44.16 -8.74
CA PRO E 631 12.98 -45.63 -8.74
C PRO E 631 14.24 -46.35 -9.18
N SER E 632 15.22 -45.63 -9.71
CA SER E 632 16.45 -46.25 -10.18
C SER E 632 17.00 -47.24 -9.13
N PRO E 633 17.28 -48.48 -9.51
CA PRO E 633 17.62 -49.50 -8.51
C PRO E 633 18.98 -49.24 -7.88
N LEU E 634 19.13 -49.69 -6.63
CA LEU E 634 20.29 -49.35 -5.85
C LEU E 634 21.53 -50.17 -6.21
N MET E 635 21.36 -51.35 -6.81
CA MET E 635 22.54 -52.08 -7.27
C MET E 635 23.01 -51.59 -8.64
N GLY E 636 22.32 -50.62 -9.23
CA GLY E 636 22.71 -50.06 -10.50
C GLY E 636 21.81 -50.50 -11.62
N GLY E 637 21.77 -49.68 -12.66
CA GLY E 637 20.99 -49.99 -13.84
C GLY E 637 19.66 -49.27 -13.91
N PHE E 638 18.78 -49.81 -14.74
CA PHE E 638 17.57 -49.15 -15.18
C PHE E 638 16.37 -49.74 -14.46
N GLY E 639 15.65 -48.90 -13.72
CA GLY E 639 14.40 -49.34 -13.13
C GLY E 639 13.26 -49.21 -14.13
N MET E 640 12.33 -50.17 -14.08
CA MET E 640 11.24 -50.23 -15.04
C MET E 640 10.00 -50.77 -14.36
N LYS E 641 8.84 -50.21 -14.69
CA LYS E 641 7.59 -50.77 -14.20
C LYS E 641 7.23 -52.04 -14.94
N HIS E 642 7.95 -52.34 -16.01
CA HIS E 642 7.75 -53.58 -16.75
C HIS E 642 9.09 -54.22 -17.08
N ASP F 219 28.90 -0.84 -40.13
CA ASP F 219 28.31 -0.03 -41.19
C ASP F 219 29.09 1.25 -41.43
N GLY F 220 29.58 1.86 -40.34
CA GLY F 220 30.34 3.09 -40.46
C GLY F 220 30.89 3.53 -39.12
N VAL F 221 31.90 4.39 -39.19
CA VAL F 221 32.50 4.92 -37.97
C VAL F 221 31.63 6.02 -37.39
N GLY F 222 30.98 6.80 -38.25
CA GLY F 222 30.18 7.92 -37.81
C GLY F 222 28.69 7.68 -37.79
N SER F 223 28.25 6.44 -37.74
CA SER F 223 26.85 6.08 -37.66
C SER F 223 26.61 5.19 -36.45
N SER F 224 25.64 5.57 -35.63
CA SER F 224 25.31 4.81 -34.43
C SER F 224 24.72 3.46 -34.80
N SER F 225 25.10 2.44 -34.04
CA SER F 225 24.64 1.08 -34.29
C SER F 225 23.45 0.68 -33.42
N GLY F 226 22.93 1.57 -32.59
CA GLY F 226 21.76 1.25 -31.79
C GLY F 226 21.35 2.45 -30.96
N ASN F 227 20.16 2.32 -30.36
CA ASN F 227 19.58 3.40 -29.57
C ASN F 227 19.50 2.99 -28.11
N TRP F 228 19.06 3.93 -27.29
CA TRP F 228 18.96 3.72 -25.85
C TRP F 228 17.53 3.29 -25.54
N HIS F 229 17.36 2.10 -24.98
CA HIS F 229 16.05 1.62 -24.59
C HIS F 229 16.05 1.31 -23.10
N CYS F 230 15.32 2.10 -22.32
CA CYS F 230 14.98 1.77 -20.95
C CYS F 230 13.53 2.16 -20.73
N ASP F 231 12.71 1.20 -20.32
CA ASP F 231 11.37 1.44 -19.80
C ASP F 231 10.69 0.12 -19.49
N SER F 232 9.49 0.18 -18.96
CA SER F 232 8.66 -0.99 -18.77
C SER F 232 7.31 -0.76 -19.44
N GLN F 233 6.80 -1.81 -20.06
CA GLN F 233 5.49 -1.78 -20.69
C GLN F 233 4.61 -2.78 -19.95
N TRP F 234 3.58 -2.28 -19.29
CA TRP F 234 2.63 -3.12 -18.58
C TRP F 234 1.46 -3.37 -19.52
N LEU F 235 1.36 -4.61 -20.00
CA LEU F 235 0.31 -4.98 -20.95
C LEU F 235 -0.41 -6.19 -20.40
N GLY F 236 -1.64 -6.00 -19.92
CA GLY F 236 -2.42 -7.12 -19.48
C GLY F 236 -1.71 -8.00 -18.46
N ASP F 237 -1.53 -9.25 -18.83
CA ASP F 237 -0.88 -10.25 -18.01
C ASP F 237 0.63 -10.32 -18.21
N ARG F 238 1.20 -9.38 -18.94
CA ARG F 238 2.63 -9.41 -19.24
C ARG F 238 3.27 -8.09 -18.86
N VAL F 239 4.56 -8.16 -18.54
CA VAL F 239 5.40 -7.00 -18.34
C VAL F 239 6.62 -7.16 -19.25
N ILE F 240 7.01 -6.09 -19.90
CA ILE F 240 8.23 -6.09 -20.70
C ILE F 240 9.14 -5.02 -20.14
N THR F 241 10.25 -5.42 -19.57
CA THR F 241 11.23 -4.50 -19.04
C THR F 241 12.43 -4.43 -19.96
N THR F 242 12.95 -3.24 -20.16
CA THR F 242 14.12 -3.03 -20.99
C THR F 242 15.11 -2.18 -20.20
N SER F 243 16.37 -2.59 -20.19
CA SER F 243 17.41 -1.86 -19.50
C SER F 243 18.60 -1.66 -20.41
N THR F 244 19.15 -0.46 -20.45
CA THR F 244 20.34 -0.16 -21.22
C THR F 244 21.38 0.46 -20.31
N ARG F 245 22.60 -0.06 -20.39
CA ARG F 245 23.70 0.40 -19.55
C ARG F 245 24.92 0.68 -20.42
N THR F 246 25.83 1.48 -19.89
CA THR F 246 27.13 1.72 -20.48
C THR F 246 28.19 0.95 -19.71
N TRP F 247 29.00 0.18 -20.44
CA TRP F 247 29.99 -0.69 -19.84
C TRP F 247 31.39 -0.28 -20.28
N ALA F 248 32.37 -0.74 -19.52
CA ALA F 248 33.78 -0.56 -19.85
C ALA F 248 34.51 -1.86 -19.60
N LEU F 249 35.17 -2.37 -20.63
CA LEU F 249 35.90 -3.63 -20.55
C LEU F 249 37.40 -3.38 -20.59
N PRO F 250 38.15 -3.74 -19.57
CA PRO F 250 39.60 -3.63 -19.64
C PRO F 250 40.22 -4.83 -20.34
N THR F 251 41.54 -4.91 -20.28
CA THR F 251 42.23 -6.14 -20.64
C THR F 251 42.64 -6.86 -19.37
N TYR F 252 42.22 -8.12 -19.25
CA TYR F 252 42.49 -8.91 -18.06
C TYR F 252 43.65 -9.86 -18.31
N ASN F 253 44.50 -10.02 -17.29
CA ASN F 253 45.61 -10.96 -17.29
C ASN F 253 46.61 -10.74 -18.41
N ASN F 254 46.66 -9.53 -18.96
CA ASN F 254 47.52 -9.24 -20.11
C ASN F 254 47.37 -10.28 -21.21
N HIS F 255 46.11 -10.60 -21.52
CA HIS F 255 45.74 -11.53 -22.58
C HIS F 255 46.16 -12.97 -22.29
N LEU F 256 46.32 -13.35 -21.03
CA LEU F 256 46.82 -14.66 -20.67
C LEU F 256 45.79 -15.49 -19.91
N TYR F 257 45.87 -16.80 -20.09
CA TYR F 257 45.25 -17.73 -19.17
C TYR F 257 46.24 -18.06 -18.06
N LYS F 258 45.79 -18.02 -16.81
CA LYS F 258 46.71 -18.27 -15.72
C LYS F 258 46.08 -19.24 -14.72
N GLN F 259 46.80 -20.32 -14.43
CA GLN F 259 46.40 -21.24 -13.37
C GLN F 259 46.39 -20.51 -12.03
N ILE F 260 45.30 -20.66 -11.29
CA ILE F 260 45.14 -20.07 -9.97
C ILE F 260 44.78 -21.18 -9.00
N SER F 261 45.24 -21.04 -7.77
CA SER F 261 44.88 -21.97 -6.70
C SER F 261 45.01 -21.26 -5.37
N ASN F 262 44.81 -22.01 -4.30
CA ASN F 262 44.78 -21.41 -2.97
C ASN F 262 46.19 -21.13 -2.45
N SER F 263 47.14 -21.99 -2.80
CA SER F 263 48.49 -21.87 -2.24
C SER F 263 49.20 -20.64 -2.76
N THR F 264 48.80 -20.13 -3.92
CA THR F 264 49.29 -18.84 -4.37
C THR F 264 48.95 -17.76 -3.35
N SER F 265 47.75 -17.83 -2.78
CA SER F 265 47.33 -16.92 -1.71
C SER F 265 47.67 -17.46 -0.33
N GLY F 266 48.35 -18.60 -0.24
CA GLY F 266 48.80 -19.18 1.00
C GLY F 266 48.00 -20.36 1.49
N GLY F 267 46.71 -20.47 1.11
CA GLY F 267 45.93 -21.68 1.31
C GLY F 267 45.97 -22.28 2.70
N SER F 268 45.65 -21.49 3.73
CA SER F 268 45.88 -21.97 5.09
C SER F 268 44.84 -22.98 5.53
N SER F 269 43.72 -23.08 4.83
CA SER F 269 42.60 -23.91 5.28
C SER F 269 42.21 -24.90 4.19
N ASN F 270 41.89 -26.13 4.61
CA ASN F 270 41.53 -27.16 3.66
C ASN F 270 40.09 -27.00 3.17
N ASP F 271 39.24 -26.39 3.99
CA ASP F 271 37.88 -26.12 3.54
C ASP F 271 37.86 -25.07 2.44
N ASN F 272 38.88 -24.23 2.39
CA ASN F 272 38.95 -23.16 1.41
C ASN F 272 39.82 -23.52 0.20
N ALA F 273 40.29 -24.75 0.11
CA ALA F 273 41.23 -25.11 -0.95
C ALA F 273 40.55 -25.17 -2.31
N TYR F 274 41.19 -24.56 -3.31
CA TYR F 274 40.62 -24.56 -4.65
C TYR F 274 41.72 -24.66 -5.69
N PHE F 275 41.30 -24.96 -6.92
CA PHE F 275 42.16 -25.01 -8.08
C PHE F 275 41.36 -24.63 -9.31
N GLY F 276 41.96 -23.87 -10.22
CA GLY F 276 41.23 -23.45 -11.39
C GLY F 276 42.04 -22.50 -12.24
N TYR F 277 41.34 -21.75 -13.10
CA TYR F 277 41.98 -20.91 -14.09
C TYR F 277 41.27 -19.57 -14.18
N SER F 278 42.04 -18.50 -14.35
CA SER F 278 41.51 -17.18 -14.67
C SER F 278 41.79 -16.88 -16.13
N THR F 279 40.83 -16.26 -16.81
CA THR F 279 40.87 -16.08 -18.24
C THR F 279 40.93 -14.61 -18.60
N PRO F 280 41.44 -14.28 -19.80
CA PRO F 280 41.41 -12.88 -20.26
C PRO F 280 40.01 -12.37 -20.56
N TRP F 281 39.01 -13.23 -20.66
CA TRP F 281 37.67 -12.85 -21.06
C TRP F 281 36.88 -12.22 -19.91
N GLY F 282 35.95 -11.33 -20.29
CA GLY F 282 34.94 -10.84 -19.38
C GLY F 282 33.57 -11.43 -19.74
N TYR F 283 32.57 -11.07 -18.93
CA TYR F 283 31.23 -11.58 -19.18
C TYR F 283 30.19 -10.60 -18.67
N PHE F 284 28.99 -10.69 -19.23
CA PHE F 284 27.86 -9.87 -18.81
C PHE F 284 26.94 -10.64 -17.88
N ASP F 285 26.54 -9.99 -16.79
CA ASP F 285 25.65 -10.60 -15.82
C ASP F 285 24.49 -9.65 -15.54
N PHE F 286 23.29 -10.00 -15.99
CA PHE F 286 22.05 -9.30 -15.68
C PHE F 286 21.17 -10.02 -14.65
N ASN F 287 21.71 -10.97 -13.90
CA ASN F 287 20.97 -11.95 -13.12
C ASN F 287 20.40 -11.41 -11.79
N ARG F 288 20.40 -10.11 -11.52
CA ARG F 288 19.71 -9.58 -10.36
C ARG F 288 18.46 -8.83 -10.78
N PHE F 289 17.46 -8.76 -9.89
CA PHE F 289 16.18 -8.15 -10.28
C PHE F 289 16.26 -6.65 -10.47
N HIS F 290 17.03 -5.94 -9.64
CA HIS F 290 17.06 -4.50 -9.85
C HIS F 290 17.73 -4.11 -11.16
N CYS F 291 18.34 -5.05 -11.86
CA CYS F 291 18.77 -4.76 -13.23
C CYS F 291 17.58 -4.43 -14.11
N HIS F 292 16.49 -5.19 -13.98
CA HIS F 292 15.35 -5.07 -14.86
C HIS F 292 14.19 -4.24 -14.33
N PHE F 293 14.16 -3.94 -13.03
CA PHE F 293 13.01 -3.30 -12.41
C PHE F 293 13.44 -2.06 -11.66
N SER F 294 12.76 -0.94 -11.91
CA SER F 294 12.87 0.19 -11.03
C SER F 294 12.15 -0.13 -9.73
N PRO F 295 12.42 0.62 -8.67
CA PRO F 295 11.67 0.40 -7.43
C PRO F 295 10.18 0.61 -7.56
N ARG F 296 9.75 1.51 -8.45
CA ARG F 296 8.32 1.70 -8.67
C ARG F 296 7.72 0.53 -9.45
N ASP F 297 8.43 0.03 -10.45
CA ASP F 297 7.94 -1.13 -11.18
C ASP F 297 7.90 -2.36 -10.30
N TRP F 298 8.82 -2.46 -9.34
CA TRP F 298 8.79 -3.59 -8.42
C TRP F 298 7.61 -3.47 -7.48
N GLN F 299 7.32 -2.27 -7.01
CA GLN F 299 6.12 -2.04 -6.21
C GLN F 299 4.86 -2.36 -7.00
N ARG F 300 4.80 -1.88 -8.24
CA ARG F 300 3.65 -2.13 -9.10
C ARG F 300 3.46 -3.63 -9.31
N LEU F 301 4.56 -4.39 -9.27
CA LEU F 301 4.49 -5.83 -9.45
C LEU F 301 3.95 -6.54 -8.21
N ILE F 302 4.55 -6.26 -7.05
CA ILE F 302 4.33 -7.10 -5.88
C ILE F 302 3.02 -6.78 -5.19
N ASN F 303 2.50 -5.57 -5.36
CA ASN F 303 1.25 -5.24 -4.72
C ASN F 303 0.06 -5.79 -5.47
N ASN F 304 0.17 -5.97 -6.78
CA ASN F 304 -0.97 -6.34 -7.60
C ASN F 304 -0.98 -7.79 -8.07
N ASN F 305 0.06 -8.56 -7.83
CA ASN F 305 0.18 -9.84 -8.53
C ASN F 305 0.52 -10.96 -7.58
N TRP F 306 -0.09 -12.12 -7.82
CA TRP F 306 0.20 -13.34 -7.10
C TRP F 306 1.41 -14.10 -7.62
N GLY F 307 1.83 -13.86 -8.86
CA GLY F 307 2.97 -14.61 -9.36
C GLY F 307 3.47 -14.02 -10.66
N PHE F 308 4.71 -14.39 -10.98
CA PHE F 308 5.36 -13.94 -12.20
C PHE F 308 6.45 -14.94 -12.55
N ARG F 309 6.96 -14.81 -13.77
CA ARG F 309 8.01 -15.68 -14.28
C ARG F 309 8.47 -15.16 -15.62
N PRO F 310 9.74 -15.35 -15.98
CA PRO F 310 10.23 -14.85 -17.26
C PRO F 310 9.81 -15.72 -18.43
N LYS F 311 9.69 -15.09 -19.59
CA LYS F 311 9.28 -15.76 -20.81
C LYS F 311 10.33 -15.66 -21.90
N ARG F 312 10.63 -14.46 -22.38
CA ARG F 312 11.57 -14.25 -23.48
C ARG F 312 12.67 -13.30 -23.03
N LEU F 313 13.81 -13.44 -23.67
CA LEU F 313 14.98 -12.62 -23.39
C LEU F 313 15.52 -12.10 -24.72
N ASN F 314 15.89 -10.83 -24.74
CA ASN F 314 16.42 -10.20 -25.95
C ASN F 314 17.61 -9.34 -25.55
N PHE F 315 18.77 -9.61 -26.15
CA PHE F 315 20.02 -9.02 -25.72
C PHE F 315 20.66 -8.31 -26.90
N LYS F 316 21.25 -7.14 -26.64
CA LYS F 316 21.90 -6.35 -27.68
C LYS F 316 23.15 -5.70 -27.13
N LEU F 317 24.18 -5.66 -27.97
CA LEU F 317 25.47 -5.08 -27.64
C LEU F 317 25.90 -4.21 -28.81
N PHE F 318 26.10 -2.91 -28.57
CA PHE F 318 26.22 -1.98 -29.69
C PHE F 318 27.03 -0.76 -29.27
N ASN F 319 27.23 0.15 -30.23
CA ASN F 319 28.04 1.35 -30.08
C ASN F 319 29.40 1.06 -29.46
N ILE F 320 30.09 0.07 -30.04
CA ILE F 320 31.39 -0.34 -29.52
C ILE F 320 32.42 0.75 -29.79
N GLN F 321 33.27 0.99 -28.79
CA GLN F 321 34.34 1.97 -28.91
C GLN F 321 35.59 1.37 -28.28
N VAL F 322 36.68 1.28 -29.04
CA VAL F 322 37.94 0.77 -28.52
C VAL F 322 38.91 1.93 -28.41
N LYS F 323 39.62 1.99 -27.29
CA LYS F 323 40.55 3.06 -27.01
C LYS F 323 41.95 2.47 -26.87
N GLU F 324 42.96 3.31 -27.09
CA GLU F 324 44.34 2.94 -26.84
C GLU F 324 44.94 3.92 -25.83
N VAL F 325 45.77 3.39 -24.93
CA VAL F 325 46.34 4.16 -23.85
C VAL F 325 47.85 4.22 -24.04
N THR F 326 48.40 5.43 -23.95
CA THR F 326 49.83 5.64 -24.08
C THR F 326 50.33 6.41 -22.87
N ASP F 327 51.39 5.91 -22.24
CA ASP F 327 52.03 6.59 -21.13
C ASP F 327 53.38 7.14 -21.60
N ASN F 328 53.46 8.45 -21.73
CA ASN F 328 54.70 9.13 -22.12
C ASN F 328 55.13 9.99 -20.94
N ASN F 329 56.22 9.59 -20.30
CA ASN F 329 56.66 10.16 -19.03
C ASN F 329 55.49 10.02 -18.04
N GLY F 330 55.01 11.10 -17.43
CA GLY F 330 53.95 10.95 -16.44
C GLY F 330 52.56 11.01 -17.03
N VAL F 331 52.40 11.69 -18.17
CA VAL F 331 51.08 11.98 -18.71
C VAL F 331 50.60 10.81 -19.57
N LYS F 332 49.42 10.30 -19.24
CA LYS F 332 48.72 9.34 -20.07
C LYS F 332 47.96 10.06 -21.17
N THR F 333 47.76 9.36 -22.28
CA THR F 333 47.00 9.90 -23.40
C THR F 333 46.15 8.78 -24.00
N ILE F 334 44.89 9.08 -24.24
CA ILE F 334 43.92 8.10 -24.73
C ILE F 334 43.37 8.60 -26.05
N ALA F 335 43.31 7.70 -27.04
CA ALA F 335 42.75 8.05 -28.34
C ALA F 335 42.02 6.83 -28.90
N ASN F 336 41.19 7.08 -29.90
CA ASN F 336 40.45 6.02 -30.54
C ASN F 336 41.36 5.14 -31.36
N ASN F 337 41.12 3.83 -31.32
CA ASN F 337 41.72 2.89 -32.25
C ASN F 337 40.58 2.34 -33.08
N LEU F 338 40.47 2.79 -34.32
CA LEU F 338 39.25 2.52 -35.10
C LEU F 338 39.25 1.14 -35.71
N THR F 339 40.40 0.51 -35.85
CA THR F 339 40.51 -0.79 -36.50
C THR F 339 40.53 -1.95 -35.53
N SER F 340 40.43 -1.68 -34.23
CA SER F 340 40.45 -2.73 -33.23
C SER F 340 39.12 -3.47 -33.18
N THR F 341 39.18 -4.72 -32.71
CA THR F 341 38.00 -5.56 -32.60
C THR F 341 37.75 -5.97 -31.15
N VAL F 342 36.49 -6.31 -30.90
CA VAL F 342 36.07 -6.95 -29.67
C VAL F 342 35.44 -8.28 -30.05
N GLN F 343 35.76 -9.32 -29.30
CA GLN F 343 35.21 -10.65 -29.52
C GLN F 343 34.11 -10.95 -28.50
N VAL F 344 33.00 -11.48 -28.98
CA VAL F 344 31.87 -11.80 -28.11
C VAL F 344 31.22 -13.08 -28.61
N PHE F 345 30.90 -13.98 -27.68
CA PHE F 345 30.12 -15.15 -28.03
C PHE F 345 29.27 -15.53 -26.82
N THR F 346 28.20 -16.25 -27.10
CA THR F 346 27.39 -16.85 -26.05
C THR F 346 27.62 -18.35 -26.06
N ASP F 347 27.54 -18.97 -24.88
CA ASP F 347 27.64 -20.41 -24.80
C ASP F 347 26.22 -20.93 -24.70
N SER F 348 25.68 -21.37 -25.82
CA SER F 348 24.31 -21.85 -25.88
C SER F 348 24.21 -23.37 -25.85
N ASP F 349 25.33 -24.06 -25.89
CA ASP F 349 25.37 -25.49 -25.61
C ASP F 349 25.81 -25.79 -24.19
N TYR F 350 26.11 -24.75 -23.41
CA TYR F 350 26.41 -24.88 -21.98
C TYR F 350 27.66 -25.73 -21.77
N GLN F 351 28.68 -25.47 -22.58
CA GLN F 351 29.90 -26.24 -22.54
C GLN F 351 30.96 -25.66 -21.62
N LEU F 352 30.82 -24.43 -21.21
CA LEU F 352 31.70 -23.84 -20.23
C LEU F 352 31.15 -24.01 -18.83
N PRO F 353 32.01 -23.98 -17.82
CA PRO F 353 31.52 -23.85 -16.44
C PRO F 353 30.65 -22.63 -16.29
N TYR F 354 29.53 -22.80 -15.59
CA TYR F 354 28.49 -21.78 -15.51
C TYR F 354 28.63 -21.09 -14.15
N VAL F 355 29.10 -19.84 -14.17
CA VAL F 355 29.38 -19.09 -12.95
C VAL F 355 28.29 -18.08 -12.61
N LEU F 356 27.21 -18.02 -13.38
CA LEU F 356 26.22 -16.96 -13.19
C LEU F 356 25.27 -17.23 -12.04
N GLY F 357 25.18 -18.45 -11.53
CA GLY F 357 24.22 -18.73 -10.48
C GLY F 357 24.81 -18.74 -9.09
N SER F 358 25.90 -18.03 -8.90
CA SER F 358 26.57 -18.02 -7.60
C SER F 358 26.43 -16.71 -6.84
N ALA F 359 25.42 -15.91 -7.18
CA ALA F 359 25.18 -14.63 -6.51
C ALA F 359 26.39 -13.72 -6.50
N HIS F 360 27.07 -13.64 -7.64
CA HIS F 360 28.25 -12.79 -7.77
C HIS F 360 28.00 -11.33 -8.06
N GLU F 361 29.00 -10.53 -7.76
CA GLU F 361 29.01 -9.09 -8.01
C GLU F 361 29.37 -8.85 -9.48
N GLY F 362 29.20 -7.63 -9.98
CA GLY F 362 29.53 -7.37 -11.37
C GLY F 362 28.39 -7.35 -12.38
N CYS F 363 27.16 -7.42 -11.88
CA CYS F 363 25.97 -7.34 -12.72
C CYS F 363 25.68 -5.87 -13.09
N LEU F 364 24.79 -5.64 -14.04
CA LEU F 364 24.47 -4.26 -14.42
C LEU F 364 23.94 -3.49 -13.23
N PRO F 365 24.37 -2.23 -13.08
CA PRO F 365 23.97 -1.42 -11.94
C PRO F 365 22.47 -1.16 -11.92
N PRO F 366 21.88 -1.11 -10.72
CA PRO F 366 20.45 -0.87 -10.57
C PRO F 366 20.03 0.49 -11.09
N PHE F 367 20.88 1.50 -11.01
CA PHE F 367 20.48 2.81 -11.46
C PHE F 367 21.00 3.07 -12.86
N PRO F 368 20.15 3.46 -13.81
CA PRO F 368 20.56 3.44 -15.21
C PRO F 368 21.68 4.39 -15.55
N ALA F 369 21.95 5.40 -14.74
CA ALA F 369 22.97 6.37 -15.09
C ALA F 369 24.37 5.94 -14.67
N ASP F 370 24.50 4.77 -14.08
CA ASP F 370 25.80 4.30 -13.63
C ASP F 370 26.51 3.54 -14.74
N VAL F 371 27.82 3.75 -14.84
CA VAL F 371 28.66 3.07 -15.81
C VAL F 371 29.45 2.01 -15.06
N PHE F 372 29.41 0.78 -15.53
CA PHE F 372 29.96 -0.32 -14.75
C PHE F 372 31.09 -1.02 -15.51
N MET F 373 31.91 -1.69 -14.73
CA MET F 373 33.05 -2.45 -15.23
C MET F 373 32.68 -3.91 -15.37
N ILE F 374 33.04 -4.50 -16.49
CA ILE F 374 32.70 -5.90 -16.76
C ILE F 374 33.59 -6.80 -15.92
N PRO F 375 33.04 -7.81 -15.25
CA PRO F 375 33.86 -8.68 -14.41
C PRO F 375 34.64 -9.70 -15.21
N GLN F 376 35.73 -10.18 -14.61
CA GLN F 376 36.59 -11.14 -15.25
C GLN F 376 36.08 -12.56 -15.05
N TYR F 377 36.07 -13.32 -16.13
CA TYR F 377 35.60 -14.69 -16.10
C TYR F 377 36.71 -15.60 -15.57
N GLY F 378 36.32 -16.58 -14.78
CA GLY F 378 37.21 -17.57 -14.23
C GLY F 378 36.38 -18.76 -13.83
N TYR F 379 37.05 -19.87 -13.54
CA TYR F 379 36.30 -21.06 -13.17
C TYR F 379 37.19 -21.96 -12.33
N LEU F 380 36.55 -22.92 -11.69
CA LEU F 380 37.20 -23.89 -10.83
C LEU F 380 36.96 -25.29 -11.36
N THR F 381 37.92 -26.18 -11.10
CA THR F 381 37.76 -27.58 -11.46
C THR F 381 38.18 -28.42 -10.27
N LEU F 382 38.27 -29.73 -10.43
CA LEU F 382 38.56 -30.61 -9.30
C LEU F 382 39.91 -30.28 -8.71
N ASN F 383 40.08 -30.59 -7.42
CA ASN F 383 41.37 -30.44 -6.78
C ASN F 383 41.52 -31.45 -5.67
N ASP F 384 42.78 -31.66 -5.26
CA ASP F 384 43.13 -32.26 -3.99
C ASP F 384 44.13 -31.33 -3.34
N GLY F 385 43.73 -30.68 -2.26
CA GLY F 385 44.53 -29.57 -1.77
C GLY F 385 44.55 -28.50 -2.84
N SER F 386 45.73 -27.94 -3.10
CA SER F 386 45.88 -27.00 -4.21
C SER F 386 46.29 -27.68 -5.51
N GLN F 387 46.62 -28.97 -5.48
CA GLN F 387 47.03 -29.68 -6.68
C GLN F 387 45.81 -30.11 -7.48
N ALA F 388 46.03 -30.33 -8.77
CA ALA F 388 44.99 -30.83 -9.65
C ALA F 388 44.91 -32.35 -9.57
N VAL F 389 43.96 -32.92 -10.31
CA VAL F 389 43.85 -34.36 -10.46
C VAL F 389 43.70 -34.65 -11.94
N GLY F 390 43.84 -35.92 -12.30
CA GLY F 390 43.77 -36.29 -13.70
C GLY F 390 42.45 -35.94 -14.36
N ARG F 391 41.38 -35.87 -13.59
CA ARG F 391 40.06 -35.61 -14.15
C ARG F 391 39.80 -34.12 -14.35
N SER F 392 40.63 -33.25 -13.78
CA SER F 392 40.43 -31.82 -13.92
C SER F 392 40.45 -31.41 -15.39
N SER F 393 39.60 -30.44 -15.74
CA SER F 393 39.45 -30.00 -17.11
C SER F 393 39.98 -28.58 -17.27
N PHE F 394 40.53 -28.30 -18.44
CA PHE F 394 40.98 -26.97 -18.82
C PHE F 394 40.18 -26.53 -20.03
N TYR F 395 39.75 -25.28 -20.03
CA TYR F 395 38.94 -24.74 -21.11
C TYR F 395 39.62 -23.52 -21.71
N CYS F 396 39.91 -23.60 -23.00
CA CYS F 396 40.36 -22.45 -23.78
C CYS F 396 39.14 -21.83 -24.44
N LEU F 397 38.81 -20.61 -24.04
CA LEU F 397 37.65 -19.95 -24.59
C LEU F 397 37.87 -19.45 -26.01
N GLU F 398 39.10 -19.52 -26.50
CA GLU F 398 39.36 -19.23 -27.90
C GLU F 398 38.93 -20.35 -28.82
N TYR F 399 38.60 -21.51 -28.26
CA TYR F 399 38.29 -22.71 -29.00
C TYR F 399 36.81 -22.81 -29.34
N PHE F 400 36.07 -21.78 -29.08
CA PHE F 400 34.70 -21.38 -29.35
C PHE F 400 34.66 -20.34 -30.46
N PRO F 401 33.85 -20.55 -31.48
CA PRO F 401 33.64 -19.50 -32.48
C PRO F 401 32.98 -18.29 -31.87
N SER F 402 33.51 -17.11 -32.20
CA SER F 402 33.02 -15.87 -31.63
C SER F 402 32.98 -14.79 -32.69
N GLN F 403 31.91 -14.02 -32.67
CA GLN F 403 31.73 -12.89 -33.56
C GLN F 403 32.68 -11.77 -33.17
N MET F 404 33.36 -11.20 -34.16
CA MET F 404 34.30 -10.11 -33.95
C MET F 404 33.66 -8.81 -34.42
N LEU F 405 33.90 -7.73 -33.69
CA LEU F 405 33.17 -6.48 -33.89
C LEU F 405 34.14 -5.32 -33.92
N ARG F 406 34.04 -4.48 -34.95
CA ARG F 406 34.66 -3.17 -34.90
C ARG F 406 33.62 -2.12 -34.51
N THR F 407 34.03 -0.87 -34.51
CA THR F 407 33.21 0.17 -33.91
C THR F 407 31.90 0.41 -34.64
N GLY F 408 31.70 -0.20 -35.81
CA GLY F 408 30.43 -0.08 -36.49
C GLY F 408 29.53 -1.28 -36.39
N ASN F 409 30.06 -2.40 -35.90
CA ASN F 409 29.29 -3.63 -35.75
C ASN F 409 28.49 -3.62 -34.45
N ASN F 410 27.44 -4.44 -34.42
CA ASN F 410 26.68 -4.68 -33.20
C ASN F 410 26.36 -6.17 -33.08
N PHE F 411 25.93 -6.56 -31.89
CA PHE F 411 25.67 -7.96 -31.57
C PHE F 411 24.32 -8.08 -30.87
N GLN F 412 23.56 -9.11 -31.23
CA GLN F 412 22.28 -9.36 -30.59
C GLN F 412 21.96 -10.84 -30.65
N PHE F 413 21.18 -11.30 -29.68
CA PHE F 413 20.62 -12.64 -29.74
C PHE F 413 19.36 -12.66 -28.88
N SER F 414 18.52 -13.65 -29.13
CA SER F 414 17.27 -13.79 -28.40
C SER F 414 17.21 -15.15 -27.73
N TYR F 415 16.53 -15.19 -26.59
CA TYR F 415 16.48 -16.39 -25.76
C TYR F 415 15.05 -16.63 -25.30
N GLU F 416 14.69 -17.90 -25.20
CA GLU F 416 13.38 -18.34 -24.74
C GLU F 416 13.56 -19.07 -23.42
N PHE F 417 13.06 -18.49 -22.34
CA PHE F 417 13.09 -19.18 -21.04
C PHE F 417 12.32 -20.49 -21.12
N GLU F 418 12.89 -21.52 -20.51
CA GLU F 418 12.14 -22.77 -20.45
C GLU F 418 11.09 -22.70 -19.37
N ASN F 419 10.06 -23.53 -19.51
CA ASN F 419 8.89 -23.43 -18.66
C ASN F 419 9.26 -23.62 -17.20
N VAL F 420 8.92 -22.64 -16.38
CA VAL F 420 9.15 -22.71 -14.94
C VAL F 420 7.84 -22.36 -14.24
N PRO F 421 7.65 -22.81 -13.02
CA PRO F 421 6.47 -22.40 -12.26
C PRO F 421 6.56 -20.94 -11.84
N PHE F 422 5.40 -20.29 -11.74
CA PHE F 422 5.35 -18.94 -11.22
C PHE F 422 5.99 -18.87 -9.85
N HIS F 423 6.73 -17.81 -9.58
CA HIS F 423 7.25 -17.60 -8.25
C HIS F 423 6.03 -17.15 -7.46
N SER F 424 5.85 -17.65 -6.25
CA SER F 424 4.68 -17.27 -5.49
C SER F 424 4.86 -16.03 -4.64
N SER F 425 4.43 -14.89 -5.19
CA SER F 425 4.52 -13.63 -4.46
C SER F 425 3.28 -13.31 -3.65
N TYR F 426 3.02 -14.12 -2.64
CA TYR F 426 1.88 -13.94 -1.76
C TYR F 426 2.17 -14.64 -0.45
N ALA F 427 1.45 -14.28 0.59
CA ALA F 427 1.63 -14.92 1.89
C ALA F 427 0.32 -15.59 2.26
N HIS F 428 0.39 -16.82 2.75
CA HIS F 428 -0.82 -17.53 3.13
C HIS F 428 -1.51 -16.86 4.31
N SER F 429 -2.84 -16.82 4.27
CA SER F 429 -3.63 -16.23 5.34
C SER F 429 -4.13 -17.26 6.34
N GLN F 430 -3.73 -18.51 6.15
CA GLN F 430 -4.09 -19.59 7.05
C GLN F 430 -2.86 -20.41 7.34
N SER F 431 -2.76 -20.99 8.53
CA SER F 431 -1.62 -21.83 8.85
C SER F 431 -1.95 -23.27 8.53
N LEU F 432 -0.93 -24.12 8.45
CA LEU F 432 -1.12 -25.52 8.10
C LEU F 432 -1.89 -26.27 9.16
N ASP F 433 -1.83 -25.83 10.40
CA ASP F 433 -2.49 -26.52 11.50
C ASP F 433 -3.84 -25.94 11.87
N ARG F 434 -4.27 -24.86 11.23
CA ARG F 434 -5.59 -24.27 11.46
C ARG F 434 -6.60 -24.50 10.34
N LEU F 435 -6.33 -25.39 9.39
CA LEU F 435 -7.20 -25.56 8.23
C LEU F 435 -8.61 -26.05 8.56
N MET F 436 -8.89 -26.42 9.80
CA MET F 436 -10.15 -27.03 10.23
C MET F 436 -11.29 -26.03 10.32
N ASN F 437 -12.50 -26.57 10.35
CA ASN F 437 -13.70 -25.81 10.72
C ASN F 437 -13.76 -25.66 12.23
N PRO F 438 -13.69 -24.45 12.78
CA PRO F 438 -13.66 -24.30 14.24
C PRO F 438 -14.95 -24.64 14.94
N LEU F 439 -16.06 -24.81 14.23
CA LEU F 439 -17.35 -25.01 14.86
C LEU F 439 -17.75 -26.47 15.04
N ILE F 440 -17.03 -27.42 14.43
CA ILE F 440 -17.52 -28.78 14.29
C ILE F 440 -16.48 -29.75 14.83
N ASP F 441 -16.94 -30.79 15.52
CA ASP F 441 -16.10 -31.88 15.99
C ASP F 441 -15.66 -32.77 14.83
N GLN F 442 -14.53 -33.43 15.00
CA GLN F 442 -14.18 -34.52 14.14
C GLN F 442 -14.86 -35.81 14.57
N TYR F 443 -15.05 -36.72 13.62
CA TYR F 443 -15.48 -38.06 13.98
C TYR F 443 -14.34 -38.96 14.41
N LEU F 444 -13.11 -38.46 14.40
CA LEU F 444 -11.98 -39.20 14.92
C LEU F 444 -11.86 -39.03 16.43
N TYR F 445 -11.21 -40.00 17.07
CA TYR F 445 -10.94 -40.00 18.50
C TYR F 445 -9.45 -40.05 18.76
N TYR F 446 -9.05 -39.55 19.92
CA TYR F 446 -7.65 -39.57 20.34
C TYR F 446 -7.57 -40.07 21.77
N LEU F 447 -6.36 -40.38 22.22
CA LEU F 447 -6.16 -41.00 23.53
C LEU F 447 -5.93 -39.89 24.54
N SER F 448 -6.95 -39.65 25.39
CA SER F 448 -6.91 -38.53 26.32
C SER F 448 -6.22 -38.87 27.64
N LYS F 449 -6.47 -40.05 28.22
CA LYS F 449 -5.96 -40.40 29.54
C LYS F 449 -5.34 -41.78 29.52
N THR F 450 -4.14 -41.91 30.08
CA THR F 450 -3.57 -43.22 30.34
C THR F 450 -3.66 -43.65 31.80
N ILE F 451 -4.18 -42.81 32.69
CA ILE F 451 -4.38 -43.20 34.09
C ILE F 451 -5.64 -42.53 34.60
N ASN F 452 -6.24 -43.16 35.63
CA ASN F 452 -7.43 -42.57 36.25
C ASN F 452 -7.06 -41.51 37.26
N GLY F 453 -5.89 -41.63 37.87
CA GLY F 453 -5.48 -40.66 38.88
C GLY F 453 -4.19 -41.11 39.54
N SER F 454 -3.86 -40.40 40.62
CA SER F 454 -2.63 -40.70 41.34
C SER F 454 -2.79 -41.95 42.18
N GLY F 455 -1.77 -42.80 42.17
CA GLY F 455 -1.78 -44.02 42.93
C GLY F 455 -0.98 -45.09 42.22
N GLN F 456 -1.25 -46.33 42.57
CA GLN F 456 -0.63 -47.48 41.94
C GLN F 456 -1.68 -48.20 41.09
N ASN F 457 -1.21 -48.80 40.00
CA ASN F 457 -2.06 -49.65 39.17
C ASN F 457 -3.29 -48.88 38.65
N GLN F 458 -3.06 -47.65 38.22
CA GLN F 458 -4.12 -46.78 37.73
C GLN F 458 -4.26 -46.80 36.21
N GLN F 459 -3.54 -47.67 35.52
CA GLN F 459 -3.54 -47.68 34.05
C GLN F 459 -4.97 -47.74 33.52
N THR F 460 -5.21 -46.98 32.46
CA THR F 460 -6.49 -47.00 31.76
C THR F 460 -6.26 -46.49 30.35
N LEU F 461 -7.25 -46.69 29.49
CA LEU F 461 -7.27 -46.09 28.17
C LEU F 461 -8.58 -45.35 27.99
N LYS F 462 -8.51 -44.03 27.92
CA LYS F 462 -9.67 -43.18 27.68
C LYS F 462 -9.49 -42.48 26.34
N PHE F 463 -10.61 -42.14 25.72
CA PHE F 463 -10.60 -41.59 24.38
C PHE F 463 -11.58 -40.43 24.32
N SER F 464 -11.26 -39.43 23.51
CA SER F 464 -12.09 -38.25 23.40
C SER F 464 -12.24 -37.86 21.94
N VAL F 465 -13.29 -37.10 21.66
CA VAL F 465 -13.48 -36.53 20.33
C VAL F 465 -12.52 -35.37 20.14
N ALA F 466 -11.81 -35.37 19.02
CA ALA F 466 -11.01 -34.22 18.64
C ALA F 466 -11.92 -33.15 18.09
N GLY F 467 -11.86 -31.95 18.68
CA GLY F 467 -12.81 -30.93 18.35
C GLY F 467 -12.26 -29.54 18.59
N PRO F 468 -13.13 -28.54 18.44
CA PRO F 468 -12.70 -27.14 18.59
C PRO F 468 -11.95 -26.84 19.87
N SER F 469 -12.26 -27.55 20.95
CA SER F 469 -11.67 -27.20 22.24
C SER F 469 -10.20 -27.58 22.31
N ASN F 470 -9.84 -28.75 21.79
CA ASN F 470 -8.44 -29.15 21.70
C ASN F 470 -8.11 -29.30 20.22
N MET F 471 -7.41 -28.32 19.65
CA MET F 471 -7.09 -28.37 18.23
C MET F 471 -5.73 -28.98 17.97
N ALA F 472 -4.91 -29.17 19.00
CA ALA F 472 -3.57 -29.67 18.77
C ALA F 472 -3.58 -31.14 18.38
N VAL F 473 -4.62 -31.87 18.79
CA VAL F 473 -4.60 -33.32 18.64
C VAL F 473 -5.37 -33.81 17.43
N GLN F 474 -5.92 -32.90 16.62
CA GLN F 474 -6.79 -33.37 15.55
C GLN F 474 -6.00 -34.04 14.44
N GLY F 475 -6.66 -34.94 13.73
CA GLY F 475 -6.03 -35.58 12.58
C GLY F 475 -5.93 -34.62 11.41
N ARG F 476 -4.77 -34.62 10.78
CA ARG F 476 -4.49 -33.68 9.70
C ARG F 476 -3.94 -34.41 8.48
N ASN F 477 -4.31 -33.90 7.32
CA ASN F 477 -3.89 -34.49 6.06
C ASN F 477 -2.49 -34.09 5.63
N TYR F 478 -1.98 -32.94 6.07
CA TYR F 478 -0.71 -32.46 5.55
C TYR F 478 0.11 -31.87 6.70
N ILE F 479 1.42 -31.97 6.56
CA ILE F 479 2.36 -31.62 7.62
C ILE F 479 3.38 -30.63 7.06
N PRO F 480 4.03 -29.85 7.91
CA PRO F 480 4.98 -28.86 7.42
C PRO F 480 6.21 -29.49 6.80
N GLY F 481 6.88 -28.71 5.97
CA GLY F 481 7.98 -29.17 5.18
C GLY F 481 9.24 -29.44 5.97
N PRO F 482 10.32 -29.73 5.25
CA PRO F 482 11.54 -30.21 5.92
C PRO F 482 12.31 -29.09 6.61
N SER F 483 13.17 -29.49 7.53
CA SER F 483 13.94 -28.56 8.33
C SER F 483 15.37 -29.07 8.49
N TYR F 484 16.32 -28.14 8.54
CA TYR F 484 17.68 -28.41 8.92
C TYR F 484 18.08 -27.31 9.89
N ARG F 485 18.26 -27.64 11.17
CA ARG F 485 18.20 -26.62 12.20
C ARG F 485 19.39 -25.68 12.13
N GLN F 486 19.13 -24.41 12.39
CA GLN F 486 20.13 -23.34 12.40
C GLN F 486 20.34 -22.88 13.84
N GLN F 487 21.52 -22.37 14.12
CA GLN F 487 21.75 -21.72 15.40
C GLN F 487 21.08 -20.35 15.42
N ARG F 488 20.63 -19.93 16.59
CA ARG F 488 19.84 -18.71 16.73
C ARG F 488 20.71 -17.59 17.28
N VAL F 489 20.75 -16.48 16.58
CA VAL F 489 21.57 -15.35 16.95
C VAL F 489 20.66 -14.17 17.26
N SER F 490 20.98 -13.42 18.29
CA SER F 490 20.19 -12.27 18.70
C SER F 490 20.79 -10.99 18.16
N THR F 491 19.93 -10.06 17.77
CA THR F 491 20.37 -8.76 17.29
C THR F 491 20.83 -7.87 18.43
N THR F 492 20.34 -8.12 19.64
CA THR F 492 20.86 -7.53 20.85
C THR F 492 22.02 -8.39 21.32
N VAL F 493 23.22 -7.81 21.38
CA VAL F 493 24.42 -8.64 21.40
C VAL F 493 24.67 -9.21 22.78
N THR F 494 24.13 -8.59 23.82
CA THR F 494 24.39 -9.10 25.16
C THR F 494 23.51 -10.31 25.47
N GLN F 495 22.61 -10.65 24.56
CA GLN F 495 21.77 -11.83 24.74
C GLN F 495 22.51 -13.05 24.19
N ASN F 496 23.48 -12.81 23.32
CA ASN F 496 24.29 -13.86 22.73
C ASN F 496 25.33 -14.38 23.71
N ASN F 497 25.79 -15.60 23.50
CA ASN F 497 26.81 -16.19 24.35
C ASN F 497 28.13 -15.48 24.16
N ASN F 498 28.90 -15.38 25.23
CA ASN F 498 30.20 -14.72 25.19
C ASN F 498 31.30 -15.63 24.67
N SER F 499 31.18 -16.05 23.42
CA SER F 499 32.16 -16.92 22.78
C SER F 499 32.07 -16.77 21.28
N GLU F 500 33.09 -17.24 20.56
CA GLU F 500 33.06 -17.15 19.12
C GLU F 500 32.43 -18.44 18.61
N PHE F 501 31.19 -18.34 18.16
CA PHE F 501 30.45 -19.47 17.65
C PHE F 501 30.03 -19.32 16.21
N ALA F 502 30.57 -18.32 15.51
CA ALA F 502 30.17 -18.10 14.14
C ALA F 502 30.49 -19.30 13.25
N TRP F 503 31.66 -19.89 13.43
CA TRP F 503 32.01 -21.06 12.64
C TRP F 503 31.77 -22.38 13.37
N PRO F 504 32.10 -22.43 14.66
CA PRO F 504 31.93 -23.63 15.48
C PRO F 504 30.48 -24.07 15.64
N GLY F 505 29.57 -23.13 15.83
CA GLY F 505 28.17 -23.44 16.00
C GLY F 505 27.34 -23.49 14.74
N ALA F 506 27.95 -23.17 13.60
CA ALA F 506 27.26 -23.15 12.32
C ALA F 506 26.84 -24.51 11.77
N SER F 507 25.72 -24.54 11.06
CA SER F 507 25.26 -25.76 10.42
C SER F 507 26.07 -25.87 9.16
N SER F 508 26.49 -27.07 8.82
CA SER F 508 27.33 -27.25 7.64
C SER F 508 26.97 -28.54 6.94
N TRP F 509 27.50 -28.71 5.75
CA TRP F 509 27.50 -29.99 5.08
C TRP F 509 28.90 -30.29 4.56
N ALA F 510 29.26 -31.57 4.61
CA ALA F 510 30.59 -32.02 4.24
C ALA F 510 30.55 -32.73 2.89
N LEU F 511 31.51 -32.41 2.04
CA LEU F 511 31.60 -33.04 0.72
C LEU F 511 33.07 -33.38 0.46
N ASN F 512 33.36 -34.67 0.31
CA ASN F 512 34.72 -35.14 0.04
C ASN F 512 35.71 -34.64 1.08
N GLY F 513 35.24 -34.50 2.32
CA GLY F 513 36.10 -34.11 3.41
C GLY F 513 36.23 -32.62 3.64
N ARG F 514 35.57 -31.78 2.84
CA ARG F 514 35.55 -30.34 3.05
C ARG F 514 34.19 -29.91 3.58
N ASN F 515 34.21 -29.16 4.68
CA ASN F 515 33.01 -28.63 5.28
C ASN F 515 32.63 -27.32 4.61
N SER F 516 31.40 -27.25 4.12
CA SER F 516 30.84 -26.02 3.59
C SER F 516 29.71 -25.57 4.50
N LEU F 517 29.65 -24.27 4.77
CA LEU F 517 28.55 -23.73 5.55
C LEU F 517 27.23 -23.99 4.84
N MET F 518 26.17 -24.21 5.60
CA MET F 518 24.85 -24.37 4.99
C MET F 518 24.25 -22.98 4.90
N ASN F 519 24.26 -22.42 3.70
CA ASN F 519 23.85 -21.06 3.48
C ASN F 519 23.15 -20.93 2.14
N PRO F 520 21.97 -20.31 2.10
CA PRO F 520 21.10 -20.10 3.25
C PRO F 520 20.44 -21.40 3.72
N GLY F 521 20.44 -22.41 2.86
CA GLY F 521 19.94 -23.71 3.22
C GLY F 521 18.49 -23.92 2.82
N PRO F 522 17.85 -24.91 3.42
CA PRO F 522 16.42 -25.10 3.18
C PRO F 522 15.64 -23.87 3.59
N ALA F 523 14.49 -23.67 2.94
CA ALA F 523 13.69 -22.49 3.20
C ALA F 523 12.89 -22.70 4.48
N MET F 524 13.13 -21.86 5.47
CA MET F 524 12.48 -21.99 6.76
C MET F 524 12.18 -20.61 7.29
N ALA F 525 11.12 -20.50 8.10
CA ALA F 525 10.78 -19.24 8.72
C ALA F 525 11.93 -18.78 9.61
N SER F 526 12.17 -17.48 9.60
CA SER F 526 13.36 -16.96 10.26
C SER F 526 13.20 -16.93 11.77
N HIS F 527 11.98 -16.70 12.25
CA HIS F 527 11.77 -16.57 13.67
C HIS F 527 10.31 -16.87 13.97
N LYS F 528 10.05 -17.17 15.23
CA LYS F 528 8.68 -17.40 15.69
C LYS F 528 7.92 -16.08 15.75
N GLU F 529 6.60 -16.19 15.72
CA GLU F 529 5.75 -15.01 15.91
C GLU F 529 6.07 -14.33 17.23
N GLY F 530 6.38 -13.05 17.15
CA GLY F 530 6.66 -12.29 18.35
C GLY F 530 8.13 -12.07 18.64
N GLU F 531 9.02 -12.81 18.00
CA GLU F 531 10.45 -12.67 18.24
C GLU F 531 11.08 -12.12 16.96
N ASP F 532 11.34 -10.81 16.92
CA ASP F 532 11.95 -10.25 15.71
C ASP F 532 13.44 -10.06 15.88
N ARG F 533 13.95 -10.29 17.09
CA ARG F 533 15.34 -9.95 17.34
C ARG F 533 16.26 -11.13 17.06
N PHE F 534 15.69 -12.28 16.75
CA PHE F 534 16.52 -13.45 16.48
C PHE F 534 16.56 -13.76 14.99
N PHE F 535 17.70 -14.22 14.51
CA PHE F 535 17.86 -14.63 13.13
C PHE F 535 18.73 -15.88 13.06
N PRO F 536 18.51 -16.75 12.07
CA PRO F 536 19.30 -17.96 11.90
C PRO F 536 20.75 -17.59 11.59
N LEU F 537 21.72 -18.34 12.08
CA LEU F 537 23.11 -17.95 11.87
C LEU F 537 23.50 -17.84 10.39
N SER F 538 23.13 -18.83 9.59
CA SER F 538 23.41 -18.76 8.15
C SER F 538 22.13 -18.92 7.34
N GLY F 539 21.00 -18.85 8.02
CA GLY F 539 19.70 -19.02 7.42
C GLY F 539 19.22 -18.05 6.36
N SER F 540 19.51 -16.76 6.51
CA SER F 540 19.02 -15.79 5.55
C SER F 540 20.06 -15.13 4.67
N LEU F 541 19.55 -14.44 3.65
CA LEU F 541 20.36 -13.63 2.75
C LEU F 541 20.63 -12.29 3.41
N ILE F 542 21.89 -11.88 3.42
CA ILE F 542 22.31 -10.63 4.03
C ILE F 542 22.92 -9.76 2.96
N PHE F 543 22.38 -8.56 2.79
CA PHE F 543 22.85 -7.60 1.81
C PHE F 543 23.57 -6.47 2.51
N GLY F 544 24.50 -5.84 1.82
CA GLY F 544 25.20 -4.67 2.32
C GLY F 544 24.45 -3.41 1.95
N LYS F 545 24.51 -2.42 2.83
CA LYS F 545 24.03 -1.09 2.50
C LYS F 545 25.02 -0.38 1.59
N GLN F 546 24.55 0.67 0.93
CA GLN F 546 25.43 1.42 0.04
C GLN F 546 26.59 2.02 0.82
N GLY F 547 27.81 1.72 0.37
CA GLY F 547 29.01 2.21 1.00
C GLY F 547 29.54 1.33 2.11
N THR F 548 29.10 0.08 2.20
CA THR F 548 29.50 -0.81 3.28
C THR F 548 30.83 -1.45 2.95
N GLY F 549 31.69 -1.55 3.96
CA GLY F 549 33.02 -2.08 3.76
C GLY F 549 33.00 -3.55 3.41
N ARG F 550 34.20 -4.08 3.18
CA ARG F 550 34.34 -5.48 2.81
C ARG F 550 34.37 -6.41 4.03
N ASP F 551 35.08 -6.02 5.10
CA ASP F 551 35.44 -6.94 6.17
C ASP F 551 35.03 -6.41 7.53
N ASN F 552 34.36 -7.25 8.30
CA ASN F 552 34.04 -7.00 9.71
C ASN F 552 33.26 -5.71 9.91
N VAL F 553 32.21 -5.52 9.12
CA VAL F 553 31.33 -4.39 9.29
C VAL F 553 30.29 -4.68 10.37
N ASP F 554 29.79 -3.62 10.99
CA ASP F 554 28.81 -3.74 12.07
C ASP F 554 27.43 -4.10 11.54
N ALA F 555 26.58 -4.57 12.45
CA ALA F 555 25.28 -5.09 12.05
C ALA F 555 24.37 -4.03 11.46
N ASP F 556 24.68 -2.75 11.72
CA ASP F 556 23.87 -1.69 11.14
C ASP F 556 24.35 -1.30 9.76
N LYS F 557 25.39 -1.96 9.27
CA LYS F 557 25.86 -1.72 7.91
C LYS F 557 25.29 -2.73 6.92
N VAL F 558 24.53 -3.72 7.40
CA VAL F 558 24.03 -4.78 6.55
C VAL F 558 22.52 -4.86 6.69
N MET F 559 21.90 -5.52 5.73
CA MET F 559 20.45 -5.70 5.73
C MET F 559 20.16 -7.19 5.77
N ILE F 560 19.63 -7.66 6.89
CA ILE F 560 19.36 -9.08 7.10
C ILE F 560 17.92 -9.32 6.72
N THR F 561 17.69 -10.05 5.64
CA THR F 561 16.34 -10.38 5.25
C THR F 561 15.75 -11.40 6.21
N ASN F 562 14.43 -11.54 6.21
CA ASN F 562 13.76 -12.51 7.07
C ASN F 562 12.52 -13.09 6.41
N GLU F 563 12.49 -14.42 6.27
CA GLU F 563 11.35 -15.11 5.69
C GLU F 563 10.29 -15.48 6.72
N GLU F 564 9.64 -14.51 7.33
CA GLU F 564 8.61 -14.82 8.31
C GLU F 564 7.25 -15.07 7.66
N GLU F 565 7.14 -14.78 6.38
CA GLU F 565 5.89 -14.98 5.66
C GLU F 565 5.52 -16.46 5.61
N ILE F 566 6.52 -17.32 5.45
CA ILE F 566 6.31 -18.77 5.33
C ILE F 566 6.18 -19.58 6.62
N LYS F 567 6.06 -18.92 7.76
CA LYS F 567 5.88 -19.62 9.03
C LYS F 567 4.54 -20.34 9.08
N THR F 568 3.70 -20.15 8.07
CA THR F 568 2.45 -20.89 8.00
C THR F 568 2.67 -22.33 7.57
N THR F 569 3.40 -22.55 6.49
CA THR F 569 3.71 -23.91 6.06
C THR F 569 5.11 -24.40 6.41
N ASN F 570 5.99 -23.56 6.94
CA ASN F 570 7.34 -24.07 7.08
C ASN F 570 7.78 -24.01 8.55
N PRO F 571 8.59 -24.96 8.99
CA PRO F 571 9.09 -24.91 10.37
C PRO F 571 10.02 -23.73 10.57
N VAL F 572 10.14 -23.30 11.82
CA VAL F 572 11.04 -22.21 12.14
C VAL F 572 12.47 -22.71 12.05
N ALA F 573 13.35 -21.87 11.50
CA ALA F 573 14.70 -22.32 11.18
C ALA F 573 15.51 -22.66 12.42
N THR F 574 15.22 -22.00 13.53
CA THR F 574 15.98 -22.17 14.77
C THR F 574 15.33 -23.13 15.75
N GLU F 575 14.27 -23.82 15.36
CA GLU F 575 13.53 -24.72 16.22
C GLU F 575 13.66 -26.15 15.72
N SER F 576 13.41 -27.11 16.60
CA SER F 576 13.33 -28.50 16.17
C SER F 576 12.06 -28.71 15.35
N TYR F 577 12.12 -29.68 14.45
CA TYR F 577 10.94 -30.01 13.66
C TYR F 577 9.84 -30.55 14.55
N GLY F 578 10.20 -31.34 15.55
CA GLY F 578 9.23 -31.93 16.44
C GLY F 578 9.89 -32.99 17.32
N GLN F 579 9.07 -33.88 17.87
CA GLN F 579 9.53 -34.95 18.72
C GLN F 579 9.12 -36.29 18.15
N VAL F 580 9.94 -37.31 18.41
CA VAL F 580 9.63 -38.69 18.10
C VAL F 580 9.81 -39.52 19.35
N ALA F 581 9.21 -40.72 19.34
CA ALA F 581 9.34 -41.65 20.44
C ALA F 581 10.65 -42.42 20.29
N THR F 582 11.42 -42.48 21.37
CA THR F 582 12.72 -43.15 21.35
C THR F 582 12.73 -44.54 21.95
N ASN F 583 11.60 -45.07 22.43
CA ASN F 583 11.65 -46.40 23.04
C ASN F 583 10.26 -47.02 23.02
N HIS F 584 10.17 -48.20 23.63
CA HIS F 584 8.90 -48.85 23.94
C HIS F 584 8.62 -48.67 25.42
N GLN F 585 7.53 -48.00 25.75
CA GLN F 585 7.13 -47.93 27.14
C GLN F 585 6.71 -49.31 27.63
N SER F 586 6.69 -49.46 28.94
CA SER F 586 6.21 -50.67 29.59
C SER F 586 6.02 -50.35 31.06
N ALA F 587 5.61 -51.36 31.82
CA ALA F 587 5.42 -51.16 33.25
C ALA F 587 6.68 -50.65 33.92
N GLN F 588 7.85 -51.07 33.44
CA GLN F 588 9.12 -50.66 34.01
C GLN F 588 9.80 -49.51 33.27
N ALA F 589 9.23 -49.02 32.18
CA ALA F 589 9.89 -47.99 31.38
C ALA F 589 8.90 -46.89 31.03
N GLN F 590 9.25 -45.65 31.36
CA GLN F 590 8.44 -44.51 30.97
C GLN F 590 8.61 -44.21 29.49
N ALA F 591 7.64 -43.49 28.95
CA ALA F 591 7.72 -43.05 27.56
C ALA F 591 8.80 -41.99 27.40
N GLN F 592 9.67 -42.21 26.43
CA GLN F 592 10.77 -41.29 26.16
C GLN F 592 10.63 -40.72 24.76
N THR F 593 10.98 -39.44 24.62
CA THR F 593 10.95 -38.74 23.34
C THR F 593 12.30 -38.10 23.09
N GLY F 594 12.50 -37.66 21.86
CA GLY F 594 13.72 -36.97 21.48
C GLY F 594 13.42 -35.97 20.39
N TRP F 595 14.30 -34.98 20.29
CA TRP F 595 14.06 -33.86 19.37
C TRP F 595 14.58 -34.18 17.99
N VAL F 596 13.82 -33.78 16.98
CA VAL F 596 14.21 -33.97 15.59
C VAL F 596 14.92 -32.70 15.16
N GLN F 597 16.23 -32.77 15.00
CA GLN F 597 16.98 -31.57 14.65
C GLN F 597 16.96 -31.33 13.15
N ASN F 598 16.89 -32.39 12.37
CA ASN F 598 16.75 -32.30 10.92
C ASN F 598 15.75 -33.35 10.47
N GLN F 599 14.90 -32.99 9.51
CA GLN F 599 13.90 -33.88 8.98
C GLN F 599 13.86 -33.76 7.47
N GLY F 600 14.05 -34.87 6.78
CA GLY F 600 13.92 -34.90 5.35
C GLY F 600 12.47 -34.98 4.91
N ILE F 601 12.29 -35.06 3.60
CA ILE F 601 10.94 -35.09 3.03
C ILE F 601 10.17 -36.31 3.50
N LEU F 602 8.92 -36.11 3.89
CA LEU F 602 7.93 -37.12 4.17
C LEU F 602 6.76 -36.95 3.23
N PRO F 603 6.08 -38.03 2.83
CA PRO F 603 4.86 -37.88 2.05
C PRO F 603 3.83 -37.10 2.83
N GLY F 604 3.19 -36.15 2.16
CA GLY F 604 2.24 -35.28 2.80
C GLY F 604 2.78 -33.95 3.28
N MET F 605 4.06 -33.64 3.05
CA MET F 605 4.60 -32.35 3.37
C MET F 605 4.24 -31.31 2.32
N VAL F 606 4.13 -30.06 2.77
CA VAL F 606 3.97 -28.91 1.90
C VAL F 606 4.86 -27.80 2.42
N TRP F 607 5.41 -27.00 1.50
CA TRP F 607 6.31 -25.94 1.90
C TRP F 607 6.26 -24.83 0.86
N GLN F 608 6.77 -23.66 1.26
CA GLN F 608 6.99 -22.53 0.38
C GLN F 608 8.46 -22.42 0.08
N ASP F 609 8.79 -21.93 -1.11
CA ASP F 609 10.18 -21.68 -1.44
C ASP F 609 10.64 -20.36 -0.82
N ARG F 610 11.92 -20.06 -0.98
CA ARG F 610 12.44 -18.82 -0.46
C ARG F 610 12.03 -17.65 -1.35
N ASP F 611 11.91 -16.49 -0.74
CA ASP F 611 11.40 -15.30 -1.40
C ASP F 611 12.48 -14.69 -2.30
N VAL F 612 12.03 -13.92 -3.29
CA VAL F 612 12.94 -13.18 -4.15
C VAL F 612 12.90 -11.72 -3.76
N TYR F 613 14.01 -11.04 -3.92
CA TYR F 613 14.15 -9.65 -3.50
C TYR F 613 14.52 -8.79 -4.69
N LEU F 614 14.31 -7.48 -4.55
CA LEU F 614 14.71 -6.56 -5.60
C LEU F 614 16.20 -6.68 -5.87
N GLN F 615 17.00 -6.93 -4.84
CA GLN F 615 18.44 -7.04 -4.99
C GLN F 615 18.89 -8.46 -5.29
N GLY F 616 17.99 -9.44 -5.21
CA GLY F 616 18.39 -10.82 -5.22
C GLY F 616 18.58 -11.41 -6.60
N PRO F 617 18.99 -12.67 -6.65
CA PRO F 617 19.20 -13.33 -7.94
C PRO F 617 17.88 -13.70 -8.60
N ILE F 618 17.94 -13.90 -9.91
CA ILE F 618 16.75 -14.29 -10.65
C ILE F 618 16.73 -15.80 -10.89
N TRP F 619 17.72 -16.31 -11.60
CA TRP F 619 17.73 -17.73 -11.95
C TRP F 619 19.00 -18.39 -11.46
N ALA F 620 18.98 -19.71 -11.47
CA ALA F 620 20.18 -20.52 -11.31
C ALA F 620 20.14 -21.63 -12.34
N LYS F 621 21.29 -22.25 -12.56
CA LYS F 621 21.38 -23.41 -13.44
C LYS F 621 21.27 -24.67 -12.60
N ILE F 622 20.27 -25.50 -12.91
CA ILE F 622 20.16 -26.79 -12.24
C ILE F 622 21.35 -27.65 -12.63
N PRO F 623 22.17 -28.10 -11.69
CA PRO F 623 23.34 -28.91 -12.06
C PRO F 623 22.91 -30.12 -12.85
N HIS F 624 23.79 -30.61 -13.71
CA HIS F 624 23.44 -31.71 -14.59
C HIS F 624 23.78 -33.01 -13.89
N THR F 625 22.76 -33.73 -13.44
CA THR F 625 22.93 -34.84 -12.53
C THR F 625 21.91 -35.91 -12.86
N ASP F 626 22.12 -37.10 -12.30
CA ASP F 626 21.16 -38.18 -12.45
C ASP F 626 19.81 -37.80 -11.86
N GLY F 627 19.82 -37.18 -10.69
CA GLY F 627 18.57 -36.84 -10.04
C GLY F 627 18.70 -35.59 -9.21
N ASN F 628 17.54 -34.99 -8.97
CA ASN F 628 17.40 -33.83 -8.10
C ASN F 628 16.01 -33.86 -7.51
N PHE F 629 15.83 -33.14 -6.42
CA PHE F 629 14.49 -32.99 -5.85
C PHE F 629 14.19 -31.52 -5.65
N HIS F 630 13.06 -31.09 -6.20
CA HIS F 630 12.54 -29.74 -6.13
C HIS F 630 13.68 -28.79 -6.48
N PRO F 631 14.10 -28.76 -7.74
CA PRO F 631 15.34 -28.08 -8.12
C PRO F 631 15.38 -26.58 -7.86
N SER F 632 14.27 -25.98 -7.44
CA SER F 632 14.23 -24.56 -7.16
C SER F 632 15.43 -24.13 -6.31
N PRO F 633 16.18 -23.11 -6.72
CA PRO F 633 17.45 -22.82 -6.05
C PRO F 633 17.26 -22.20 -4.68
N LEU F 634 18.24 -22.47 -3.81
CA LEU F 634 18.05 -22.18 -2.40
C LEU F 634 18.26 -20.72 -2.05
N MET F 635 18.94 -19.95 -2.90
CA MET F 635 19.02 -18.51 -2.65
C MET F 635 17.83 -17.76 -3.20
N GLY F 636 16.88 -18.44 -3.82
CA GLY F 636 15.71 -17.81 -4.39
C GLY F 636 15.81 -17.71 -5.90
N GLY F 637 14.64 -17.69 -6.54
CA GLY F 637 14.58 -17.57 -7.97
C GLY F 637 14.21 -18.85 -8.68
N PHE F 638 14.40 -18.83 -10.00
CA PHE F 638 13.88 -19.83 -10.91
C PHE F 638 15.01 -20.77 -11.31
N GLY F 639 14.87 -22.05 -10.99
CA GLY F 639 15.85 -23.03 -11.43
C GLY F 639 15.55 -23.49 -12.85
N MET F 640 16.61 -23.65 -13.64
CA MET F 640 16.47 -23.96 -15.05
C MET F 640 17.58 -24.90 -15.48
N LYS F 641 17.24 -25.89 -16.30
CA LYS F 641 18.26 -26.74 -16.88
C LYS F 641 19.03 -26.03 -17.98
N HIS F 642 18.38 -25.16 -18.74
CA HIS F 642 19.04 -24.33 -19.74
C HIS F 642 18.70 -22.88 -19.43
N PRO F 643 19.45 -22.25 -18.53
CA PRO F 643 19.18 -20.87 -18.18
C PRO F 643 19.63 -19.95 -19.29
N PRO F 644 19.46 -18.63 -19.13
CA PRO F 644 20.08 -17.71 -20.07
C PRO F 644 21.56 -18.01 -20.21
N PRO F 645 22.07 -18.09 -21.43
CA PRO F 645 23.46 -18.50 -21.62
C PRO F 645 24.43 -17.43 -21.19
N GLN F 646 25.66 -17.87 -20.92
CA GLN F 646 26.73 -16.95 -20.60
C GLN F 646 27.16 -16.18 -21.84
N ILE F 647 27.55 -14.92 -21.65
CA ILE F 647 27.94 -14.04 -22.72
C ILE F 647 29.36 -13.59 -22.44
N LEU F 648 30.31 -14.05 -23.23
CA LEU F 648 31.72 -13.83 -22.98
C LEU F 648 32.23 -12.73 -23.90
N ILE F 649 33.16 -11.92 -23.40
CA ILE F 649 33.65 -10.78 -24.17
C ILE F 649 35.10 -10.51 -23.79
N LYS F 650 35.90 -10.10 -24.77
CA LYS F 650 37.28 -9.70 -24.52
C LYS F 650 37.73 -8.73 -25.61
N ASN F 651 38.82 -8.03 -25.32
CA ASN F 651 39.49 -7.21 -26.32
C ASN F 651 40.52 -8.05 -27.06
N THR F 652 40.44 -8.05 -28.37
CA THR F 652 41.39 -8.81 -29.17
C THR F 652 42.79 -8.24 -28.99
N PRO F 653 43.80 -9.06 -28.69
CA PRO F 653 45.15 -8.52 -28.46
C PRO F 653 45.74 -7.89 -29.70
N VAL F 654 46.29 -6.70 -29.54
CA VAL F 654 46.98 -5.99 -30.60
C VAL F 654 48.46 -5.91 -30.26
N PRO F 655 49.32 -6.64 -30.95
CA PRO F 655 50.73 -6.65 -30.59
C PRO F 655 51.41 -5.33 -30.92
N ALA F 656 52.33 -4.92 -30.06
CA ALA F 656 53.03 -3.66 -30.22
C ALA F 656 53.94 -3.68 -31.43
N LEU F 667 54.65 -13.51 -28.35
CA LEU F 667 54.61 -12.06 -28.28
C LEU F 667 53.97 -11.60 -26.97
N ASN F 668 54.80 -11.13 -26.03
CA ASN F 668 54.32 -10.64 -24.76
C ASN F 668 54.20 -9.13 -24.69
N SER F 669 54.43 -8.41 -25.78
CA SER F 669 54.32 -6.96 -25.81
C SER F 669 53.12 -6.56 -26.65
N PHE F 670 52.24 -5.74 -26.06
CA PHE F 670 50.97 -5.37 -26.68
C PHE F 670 50.70 -3.89 -26.48
N ILE F 671 49.75 -3.38 -27.26
CA ILE F 671 49.25 -2.03 -27.08
C ILE F 671 48.25 -2.02 -25.93
N THR F 672 48.45 -1.10 -24.99
CA THR F 672 47.52 -0.99 -23.86
C THR F 672 46.19 -0.45 -24.34
N GLN F 673 45.12 -1.18 -24.05
CA GLN F 673 43.90 -0.99 -24.81
C GLN F 673 42.70 -1.36 -23.95
N TYR F 674 41.59 -0.66 -24.15
CA TYR F 674 40.34 -1.01 -23.48
C TYR F 674 39.19 -0.59 -24.39
N SER F 675 38.02 -1.14 -24.11
CA SER F 675 36.83 -0.82 -24.89
C SER F 675 35.70 -0.39 -23.99
N THR F 676 34.68 0.18 -24.61
CA THR F 676 33.48 0.66 -23.93
C THR F 676 32.32 0.69 -24.92
N GLY F 677 31.15 0.24 -24.48
CA GLY F 677 29.98 0.20 -25.34
C GLY F 677 28.67 0.18 -24.56
N GLN F 678 27.56 0.36 -25.27
CA GLN F 678 26.25 0.32 -24.66
C GLN F 678 25.67 -1.09 -24.73
N VAL F 679 25.10 -1.56 -23.64
CA VAL F 679 24.49 -2.88 -23.60
C VAL F 679 23.04 -2.78 -23.21
N SER F 680 22.17 -3.46 -23.96
CA SER F 680 20.74 -3.43 -23.67
C SER F 680 20.14 -4.83 -23.55
N VAL F 681 19.33 -5.04 -22.52
CA VAL F 681 18.69 -6.33 -22.28
C VAL F 681 17.19 -6.13 -22.09
N GLU F 682 16.39 -7.07 -22.59
CA GLU F 682 14.95 -7.00 -22.48
C GLU F 682 14.35 -8.35 -22.11
N ILE F 683 13.52 -8.37 -21.06
CA ILE F 683 12.88 -9.60 -20.60
C ILE F 683 11.37 -9.40 -20.65
N GLU F 684 10.66 -10.42 -21.11
CA GLU F 684 9.21 -10.46 -21.04
C GLU F 684 8.80 -11.32 -19.86
N TRP F 685 7.97 -10.76 -18.99
CA TRP F 685 7.54 -11.45 -17.77
C TRP F 685 6.05 -11.73 -17.88
N GLU F 686 5.64 -12.91 -17.45
CA GLU F 686 4.22 -13.27 -17.41
C GLU F 686 3.70 -13.13 -16.00
N LEU F 687 2.49 -12.60 -15.87
CA LEU F 687 1.92 -12.26 -14.59
C LEU F 687 0.77 -13.20 -14.24
N GLN F 688 0.59 -13.45 -12.95
CA GLN F 688 -0.54 -14.20 -12.43
C GLN F 688 -1.37 -13.24 -11.57
N LYS F 689 -2.58 -12.93 -12.02
CA LYS F 689 -3.34 -11.86 -11.39
C LYS F 689 -4.00 -12.34 -10.10
N GLU F 690 -4.25 -11.38 -9.21
CA GLU F 690 -4.85 -11.68 -7.92
C GLU F 690 -6.37 -11.73 -8.03
N ASN F 691 -6.95 -12.89 -7.67
CA ASN F 691 -8.35 -13.21 -7.86
C ASN F 691 -9.18 -13.07 -6.58
N SER F 692 -8.57 -12.61 -5.50
CA SER F 692 -9.07 -12.86 -4.14
C SER F 692 -10.45 -12.26 -3.86
N LYS F 693 -11.21 -12.96 -3.02
CA LYS F 693 -12.50 -12.51 -2.48
C LYS F 693 -12.41 -11.93 -1.08
N ARG F 694 -11.21 -11.76 -0.55
CA ARG F 694 -11.01 -11.14 0.75
C ARG F 694 -11.73 -9.80 0.85
N TRP F 695 -12.42 -9.58 1.97
CA TRP F 695 -13.20 -8.37 2.16
C TRP F 695 -12.34 -7.20 2.60
N ASN F 696 -11.53 -7.40 3.62
CA ASN F 696 -10.73 -6.33 4.19
C ASN F 696 -9.49 -6.06 3.35
N PRO F 697 -8.86 -4.89 3.53
CA PRO F 697 -7.72 -4.55 2.68
C PRO F 697 -6.45 -5.31 3.02
N GLU F 698 -5.62 -5.49 1.99
CA GLU F 698 -4.33 -6.16 2.03
C GLU F 698 -3.24 -5.31 2.70
N ILE F 699 -2.16 -5.96 3.05
CA ILE F 699 -0.90 -5.28 3.29
C ILE F 699 -0.25 -4.97 1.95
N GLN F 700 0.33 -3.77 1.84
CA GLN F 700 0.93 -3.32 0.61
C GLN F 700 2.31 -2.77 0.93
N TYR F 701 3.19 -2.76 -0.06
CA TYR F 701 4.45 -2.05 0.11
C TYR F 701 4.21 -0.57 -0.15
N THR F 702 4.71 0.28 0.74
CA THR F 702 4.43 1.69 0.64
C THR F 702 5.65 2.49 1.07
N SER F 703 5.78 3.68 0.49
CA SER F 703 6.71 4.67 1.00
C SER F 703 6.12 5.35 2.24
N ASN F 704 6.99 5.88 3.06
CA ASN F 704 6.57 6.58 4.26
C ASN F 704 6.39 8.05 3.94
N TYR F 705 5.34 8.67 4.47
CA TYR F 705 5.04 10.04 4.08
C TYR F 705 5.96 11.05 4.75
N TYR F 706 6.40 10.77 5.96
CA TYR F 706 7.02 11.77 6.83
C TYR F 706 8.33 12.30 6.25
N LYS F 707 8.68 13.53 6.62
CA LYS F 707 9.79 14.22 5.99
C LYS F 707 11.12 13.58 6.32
N SER F 708 12.07 13.70 5.40
CA SER F 708 13.37 13.09 5.54
C SER F 708 14.38 13.88 4.71
N ASN F 709 15.65 13.67 4.99
CA ASN F 709 16.69 14.41 4.28
C ASN F 709 16.78 13.99 2.82
N ASN F 710 16.61 12.72 2.53
CA ASN F 710 16.74 12.20 1.20
C ASN F 710 15.47 11.48 0.81
N VAL F 711 15.28 11.31 -0.50
CA VAL F 711 14.24 10.42 -0.98
C VAL F 711 14.79 9.00 -1.04
N GLU F 712 14.01 8.04 -0.54
CA GLU F 712 14.43 6.65 -0.61
C GLU F 712 14.39 6.17 -2.06
N PHE F 713 15.41 5.41 -2.42
CA PHE F 713 15.62 4.96 -3.79
C PHE F 713 15.83 6.14 -4.74
N ALA F 714 16.68 7.07 -4.33
CA ALA F 714 17.09 8.19 -5.15
C ALA F 714 18.55 8.51 -4.85
N VAL F 715 19.09 9.50 -5.54
CA VAL F 715 20.46 9.92 -5.30
C VAL F 715 20.52 10.89 -4.13
N ASN F 716 21.68 10.97 -3.49
CA ASN F 716 21.93 11.96 -2.46
C ASN F 716 22.59 13.18 -3.09
N THR F 717 23.12 14.08 -2.26
CA THR F 717 23.70 15.31 -2.79
C THR F 717 24.98 15.04 -3.57
N GLU F 718 25.73 14.00 -3.21
CA GLU F 718 26.94 13.69 -3.96
C GLU F 718 26.65 12.87 -5.21
N GLY F 719 25.40 12.53 -5.46
CA GLY F 719 25.05 11.77 -6.64
C GLY F 719 25.15 10.28 -6.51
N VAL F 720 25.12 9.76 -5.28
CA VAL F 720 25.22 8.32 -5.07
C VAL F 720 23.82 7.74 -4.94
N TYR F 721 23.56 6.66 -5.66
CA TYR F 721 22.28 5.98 -5.62
C TYR F 721 22.34 4.89 -4.57
N SER F 722 21.34 4.83 -3.70
CA SER F 722 21.30 3.81 -2.66
C SER F 722 19.94 3.14 -2.66
N GLU F 723 19.92 1.90 -2.20
CA GLU F 723 18.71 1.11 -2.03
C GLU F 723 18.66 0.93 -0.52
N PRO F 724 17.76 1.66 0.16
CA PRO F 724 17.63 1.67 1.63
C PRO F 724 17.27 0.35 2.32
N ARG F 725 16.37 -0.43 1.75
CA ARG F 725 15.97 -1.67 2.38
C ARG F 725 15.80 -2.77 1.36
N PRO F 726 15.84 -4.03 1.81
CA PRO F 726 15.62 -5.13 0.87
C PRO F 726 14.12 -5.30 0.75
N ILE F 727 13.61 -5.39 -0.47
CA ILE F 727 12.19 -5.55 -0.67
C ILE F 727 11.81 -6.92 -1.20
N GLY F 728 11.02 -7.65 -0.42
CA GLY F 728 10.52 -8.95 -0.82
C GLY F 728 9.30 -8.83 -1.70
N THR F 729 8.83 -9.96 -2.16
CA THR F 729 7.72 -9.98 -3.09
C THR F 729 6.37 -10.37 -2.47
N ARG F 730 6.30 -10.67 -1.17
CA ARG F 730 5.11 -11.30 -0.59
C ARG F 730 4.33 -10.32 0.28
N TYR F 731 3.21 -9.84 -0.26
CA TYR F 731 2.35 -8.86 0.38
C TYR F 731 0.90 -9.33 0.34
N LEU F 732 0.39 -9.58 -0.86
CA LEU F 732 -0.94 -10.13 -1.04
C LEU F 732 -1.02 -11.51 -0.38
N THR F 733 -2.23 -11.96 -0.11
CA THR F 733 -2.45 -13.21 0.61
C THR F 733 -3.27 -14.19 -0.21
N ARG F 734 -3.17 -15.46 0.16
CA ARG F 734 -4.03 -16.51 -0.35
C ARG F 734 -4.46 -17.42 0.80
N ASN F 735 -5.47 -18.23 0.52
CA ASN F 735 -5.87 -19.30 1.43
C ASN F 735 -4.95 -20.49 1.25
N LEU F 736 -4.73 -21.22 2.33
CA LEU F 736 -3.85 -22.36 2.30
C LEU F 736 -4.56 -23.59 1.76
N GLU G 1 5.99 -8.32 21.39
CA GLU G 1 5.00 -7.26 21.42
C GLU G 1 5.65 -5.90 21.29
N VAL G 2 4.92 -4.84 21.65
CA VAL G 2 5.45 -3.48 21.60
C VAL G 2 6.63 -3.33 22.54
N GLN G 3 7.77 -2.92 22.00
CA GLN G 3 8.95 -2.71 22.82
C GLN G 3 9.65 -1.40 22.53
N LEU G 4 10.11 -0.75 23.58
CA LEU G 4 10.86 0.48 23.45
C LEU G 4 12.15 0.22 24.19
N VAL G 5 13.27 0.50 23.55
CA VAL G 5 14.57 0.31 24.19
C VAL G 5 15.38 1.53 23.85
N GLU G 6 15.80 2.25 24.87
CA GLU G 6 16.54 3.47 24.65
C GLU G 6 18.00 3.31 25.04
N SER G 7 18.87 3.95 24.27
CA SER G 7 20.31 3.91 24.43
C SER G 7 20.82 5.34 24.63
N GLY G 8 22.13 5.47 24.75
CA GLY G 8 22.70 6.72 25.17
C GLY G 8 22.67 6.80 26.68
N GLY G 9 23.06 7.95 27.19
CA GLY G 9 23.15 8.13 28.62
C GLY G 9 24.51 7.78 29.16
N GLY G 10 24.67 8.00 30.45
CA GLY G 10 25.97 7.93 31.07
C GLY G 10 26.51 9.31 31.38
N LEU G 11 27.70 9.32 31.99
CA LEU G 11 28.25 10.55 32.54
C LEU G 11 28.52 11.58 31.46
N VAL G 12 28.30 12.85 31.79
CA VAL G 12 28.64 13.98 30.94
C VAL G 12 28.94 15.17 31.84
N GLN G 13 29.91 15.99 31.44
CA GLN G 13 30.26 17.15 32.24
C GLN G 13 29.23 18.26 32.04
N PRO G 14 28.95 19.03 33.08
CA PRO G 14 28.01 20.14 32.93
C PRO G 14 28.39 21.04 31.77
N GLY G 15 27.39 21.56 31.09
CA GLY G 15 27.59 22.22 29.82
C GLY G 15 27.80 21.29 28.65
N GLY G 16 27.86 19.98 28.90
CA GLY G 16 28.07 19.04 27.82
C GLY G 16 26.82 18.76 27.01
N SER G 17 26.93 17.78 26.12
CA SER G 17 25.88 17.44 25.18
C SER G 17 25.76 15.93 25.08
N LEU G 18 24.54 15.45 24.93
CA LEU G 18 24.24 14.02 24.90
C LEU G 18 23.08 13.78 23.96
N ARG G 19 23.04 12.61 23.34
CA ARG G 19 22.00 12.25 22.39
C ARG G 19 21.40 10.91 22.78
N LEU G 20 20.13 10.93 23.16
CA LEU G 20 19.41 9.74 23.55
C LEU G 20 18.63 9.24 22.35
N SER G 21 18.65 7.93 22.13
CA SER G 21 17.85 7.34 21.08
C SER G 21 16.92 6.33 21.70
N CYS G 22 15.80 6.09 21.04
CA CYS G 22 14.83 5.11 21.49
C CYS G 22 14.41 4.28 20.29
N ALA G 23 14.74 3.00 20.29
CA ALA G 23 14.40 2.14 19.18
C ALA G 23 13.14 1.35 19.50
N ALA G 24 12.17 1.40 18.59
CA ALA G 24 10.86 0.84 18.79
C ALA G 24 10.68 -0.41 17.95
N SER G 25 9.93 -1.37 18.46
CA SER G 25 9.58 -2.56 17.70
C SER G 25 8.22 -3.04 18.15
N GLY G 26 7.56 -3.79 17.29
CA GLY G 26 6.28 -4.39 17.61
C GLY G 26 5.08 -3.58 17.23
N PHE G 27 5.25 -2.43 16.61
CA PHE G 27 4.16 -1.59 16.15
C PHE G 27 4.67 -0.75 15.02
N THR G 28 3.76 -0.12 14.29
CA THR G 28 4.16 0.74 13.19
C THR G 28 4.53 2.07 13.81
N PHE G 29 5.82 2.42 13.73
CA PHE G 29 6.35 3.51 14.53
C PHE G 29 5.90 4.85 14.01
N SER G 30 5.70 4.95 12.69
CA SER G 30 5.41 6.24 12.09
C SER G 30 4.00 6.70 12.40
N ASN G 31 3.19 5.84 13.01
CA ASN G 31 1.79 6.19 13.25
C ASN G 31 1.58 6.88 14.58
N TYR G 32 2.56 6.86 15.48
CA TYR G 32 2.30 7.24 16.86
C TYR G 32 3.20 8.38 17.31
N GLY G 33 2.71 9.14 18.27
CA GLY G 33 3.52 10.15 18.90
C GLY G 33 4.36 9.56 20.03
N MET G 34 5.52 10.16 20.24
CA MET G 34 6.50 9.62 21.16
C MET G 34 6.87 10.70 22.17
N ASN G 35 7.14 10.26 23.39
CA ASN G 35 7.37 11.15 24.51
C ASN G 35 8.64 10.76 25.24
N TRP G 36 9.34 11.74 25.78
CA TRP G 36 10.40 11.53 26.74
C TRP G 36 9.91 12.05 28.08
N VAL G 37 9.99 11.23 29.11
CA VAL G 37 9.75 11.69 30.47
C VAL G 37 10.96 11.26 31.28
N ARG G 38 11.24 11.96 32.36
CA ARG G 38 12.40 11.63 33.17
C ARG G 38 12.06 11.61 34.64
N GLN G 39 12.75 10.76 35.37
CA GLN G 39 12.56 10.69 36.79
C GLN G 39 13.90 10.95 37.43
N ALA G 40 13.98 12.00 38.25
CA ALA G 40 15.21 12.30 38.95
C ALA G 40 15.37 11.28 40.06
N PRO G 41 16.62 10.94 40.42
CA PRO G 41 16.78 9.93 41.49
C PRO G 41 16.17 10.45 42.77
N GLY G 42 15.37 9.62 43.43
CA GLY G 42 14.67 10.05 44.63
C GLY G 42 13.75 11.24 44.34
N LYS G 43 13.04 11.17 43.22
CA LYS G 43 12.15 12.25 42.79
C LYS G 43 11.00 11.72 41.92
N GLY G 44 9.98 12.55 41.72
CA GLY G 44 8.81 12.23 40.93
C GLY G 44 8.96 12.29 39.41
N LEU G 45 7.99 11.71 38.72
CA LEU G 45 7.94 11.70 37.25
C LEU G 45 7.79 13.10 36.67
N GLU G 46 8.49 13.38 35.57
CA GLU G 46 8.40 14.68 34.91
C GLU G 46 8.45 14.52 33.39
N TRP G 47 7.61 15.26 32.68
CA TRP G 47 7.53 15.16 31.23
C TRP G 47 8.50 16.12 30.58
N VAL G 48 9.13 15.69 29.50
CA VAL G 48 10.20 16.44 28.86
C VAL G 48 9.79 16.98 27.50
N SER G 49 9.47 16.10 26.55
CA SER G 49 9.16 16.57 25.22
C SER G 49 8.27 15.58 24.50
N TYR G 50 7.66 16.05 23.42
CA TYR G 50 6.69 15.30 22.63
C TYR G 50 6.94 15.55 21.16
N ILE G 51 6.76 14.53 20.34
CA ILE G 51 6.72 14.69 18.90
C ILE G 51 5.61 13.80 18.37
N SER G 52 4.78 14.34 17.48
CA SER G 52 3.66 13.57 17.00
C SER G 52 4.02 12.86 15.70
N SER G 53 3.04 12.17 15.13
CA SER G 53 3.26 11.53 13.84
C SER G 53 3.59 12.55 12.77
N GLY G 54 2.87 13.64 12.74
CA GLY G 54 3.06 14.67 11.75
C GLY G 54 4.04 15.75 12.13
N GLY G 55 4.70 15.63 13.27
CA GLY G 55 5.77 16.52 13.62
C GLY G 55 5.42 17.70 14.51
N THR G 56 4.28 17.67 15.18
CA THR G 56 4.05 18.62 16.26
C THR G 56 5.01 18.35 17.39
N ILE G 57 5.66 19.40 17.90
CA ILE G 57 6.71 19.26 18.90
C ILE G 57 6.39 20.16 20.08
N TYR G 58 6.46 19.60 21.28
CA TYR G 58 6.32 20.34 22.51
C TYR G 58 7.54 20.12 23.38
N TYR G 59 7.87 21.10 24.21
CA TYR G 59 8.90 20.94 25.22
C TYR G 59 8.37 21.46 26.55
N ALA G 60 8.91 20.92 27.63
CA ALA G 60 8.65 21.51 28.93
C ALA G 60 9.38 22.85 29.03
N ASP G 61 8.91 23.70 29.94
CA ASP G 61 9.53 25.01 30.08
C ASP G 61 10.96 24.90 30.58
N SER G 62 11.19 24.06 31.59
CA SER G 62 12.51 23.97 32.18
C SER G 62 13.54 23.51 31.16
N VAL G 63 13.10 22.77 30.15
CA VAL G 63 14.02 22.17 29.20
C VAL G 63 14.08 22.93 27.88
N LYS G 64 13.27 23.95 27.69
CA LYS G 64 13.08 24.52 26.35
C LYS G 64 14.30 25.30 25.91
N GLY G 65 14.57 25.29 24.62
CA GLY G 65 15.73 25.93 24.05
C GLY G 65 17.00 25.11 24.12
N ARG G 66 17.04 24.08 24.96
CA ARG G 66 18.24 23.28 25.12
C ARG G 66 18.10 21.93 24.42
N PHE G 67 17.15 21.10 24.82
CA PHE G 67 16.97 19.83 24.16
C PHE G 67 16.21 20.04 22.86
N THR G 68 16.40 19.13 21.91
CA THR G 68 15.62 19.10 20.70
C THR G 68 15.25 17.65 20.37
N ILE G 69 13.98 17.43 20.04
CA ILE G 69 13.46 16.10 19.78
C ILE G 69 13.26 15.94 18.28
N SER G 70 13.47 14.74 17.78
CA SER G 70 13.32 14.42 16.39
C SER G 70 13.06 12.93 16.27
N ARG G 71 12.60 12.50 15.11
CA ARG G 71 12.33 11.10 14.88
C ARG G 71 12.82 10.70 13.50
N ASP G 72 13.21 9.45 13.36
CA ASP G 72 13.62 8.90 12.08
C ASP G 72 12.79 7.63 11.87
N ASN G 73 11.89 7.67 10.90
CA ASN G 73 10.93 6.59 10.79
C ASN G 73 11.49 5.41 10.02
N ALA G 74 12.59 5.62 9.30
CA ALA G 74 13.23 4.50 8.63
C ALA G 74 13.96 3.62 9.62
N LYS G 75 14.48 4.22 10.69
CA LYS G 75 15.16 3.48 11.74
C LYS G 75 14.28 3.17 12.93
N ASN G 76 13.01 3.58 12.90
CA ASN G 76 12.08 3.36 14.00
C ASN G 76 12.60 3.92 15.31
N SER G 77 13.16 5.12 15.27
CA SER G 77 13.81 5.68 16.43
C SER G 77 13.36 7.11 16.64
N VAL G 78 13.25 7.49 17.91
CA VAL G 78 13.05 8.87 18.30
C VAL G 78 14.28 9.31 19.07
N TYR G 79 14.73 10.53 18.82
CA TYR G 79 15.99 11.04 19.33
C TYR G 79 15.75 12.22 20.22
N LEU G 80 16.50 12.32 21.31
CA LEU G 80 16.50 13.51 22.12
C LEU G 80 17.92 14.05 22.16
N GLN G 81 18.15 15.19 21.51
CA GLN G 81 19.45 15.84 21.51
C GLN G 81 19.47 16.85 22.64
N MET G 82 20.25 16.57 23.67
CA MET G 82 20.28 17.37 24.87
C MET G 82 21.55 18.22 24.86
N ASN G 83 21.39 19.53 24.83
CA ASN G 83 22.50 20.47 24.83
C ASN G 83 22.48 21.26 26.12
N SER G 84 23.66 21.76 26.49
CA SER G 84 23.80 22.63 27.66
C SER G 84 23.30 21.94 28.93
N LEU G 85 23.72 20.69 29.10
CA LEU G 85 23.24 19.91 30.22
C LEU G 85 23.63 20.54 31.55
N ARG G 86 22.77 20.35 32.54
CA ARG G 86 22.92 20.95 33.84
C ARG G 86 22.76 19.86 34.89
N ALA G 87 23.12 20.17 36.13
CA ALA G 87 23.10 19.16 37.17
C ALA G 87 21.68 18.78 37.55
N GLU G 88 20.69 19.53 37.08
CA GLU G 88 19.31 19.16 37.35
C GLU G 88 18.78 18.22 36.28
N ASP G 89 19.54 18.03 35.21
CA ASP G 89 19.18 17.13 34.14
C ASP G 89 19.55 15.69 34.45
N THR G 90 20.14 15.42 35.60
CA THR G 90 20.47 14.06 36.02
C THR G 90 19.17 13.36 36.36
N ALA G 91 18.89 12.26 35.67
CA ALA G 91 17.66 11.52 35.85
C ALA G 91 17.74 10.21 35.08
N VAL G 92 16.68 9.44 35.15
CA VAL G 92 16.48 8.30 34.26
C VAL G 92 15.45 8.69 33.23
N TYR G 93 15.86 8.79 31.98
CA TYR G 93 15.00 9.20 30.89
C TYR G 93 14.28 8.01 30.30
N TYR G 94 12.97 8.14 30.13
CA TYR G 94 12.13 7.09 29.59
C TYR G 94 11.57 7.52 28.25
N CYS G 95 11.22 6.54 27.46
CA CYS G 95 10.58 6.70 26.17
C CYS G 95 9.18 6.12 26.29
N ALA G 96 8.17 6.90 25.96
CA ALA G 96 6.80 6.49 26.18
C ALA G 96 5.96 6.76 24.95
N ARG G 97 5.16 5.78 24.55
CA ARG G 97 4.35 5.88 23.35
C ARG G 97 2.99 6.48 23.69
N ASP G 98 2.52 7.33 22.81
CA ASP G 98 1.17 7.86 22.87
C ASP G 98 0.26 7.01 21.99
N PRO G 99 -0.79 6.39 22.54
CA PRO G 99 -1.58 5.42 21.79
C PRO G 99 -2.43 5.99 20.66
N ALA G 100 -2.64 7.29 20.57
CA ALA G 100 -3.64 7.85 19.66
C ALA G 100 -3.19 7.73 18.22
N TYR G 101 -4.06 7.19 17.37
CA TYR G 101 -3.82 7.08 15.94
C TYR G 101 -5.09 6.77 15.16
N CYS G 102 -5.56 7.69 14.33
CA CYS G 102 -6.77 7.43 13.55
C CYS G 102 -6.49 6.92 12.13
N GLY G 103 -5.57 7.56 11.43
CA GLY G 103 -5.25 7.15 10.07
C GLY G 103 -4.71 8.27 9.20
N ASP G 104 -4.39 7.92 7.96
CA ASP G 104 -3.85 8.87 6.99
C ASP G 104 -4.81 9.98 6.57
N ASP G 105 -6.07 9.62 6.40
CA ASP G 105 -7.07 10.57 5.92
C ASP G 105 -7.85 11.37 6.94
N CYS G 106 -7.56 11.21 8.22
CA CYS G 106 -8.26 11.99 9.23
C CYS G 106 -7.36 12.40 10.37
N TYR G 107 -7.75 13.43 11.08
CA TYR G 107 -7.00 13.94 12.22
C TYR G 107 -7.00 12.95 13.36
N THR G 108 -5.89 12.89 14.09
CA THR G 108 -5.82 12.02 15.24
C THR G 108 -6.02 12.91 16.45
N ILE G 109 -6.73 12.42 17.45
CA ILE G 109 -6.98 13.18 18.66
C ILE G 109 -5.93 12.76 19.69
N PRO G 110 -4.90 13.55 19.94
CA PRO G 110 -3.82 13.10 20.82
C PRO G 110 -4.33 12.78 22.21
N ALA G 111 -3.95 11.60 22.71
CA ALA G 111 -4.42 11.16 24.01
C ALA G 111 -3.62 11.79 25.13
N HIS G 112 -2.31 11.92 24.94
CA HIS G 112 -1.40 12.48 25.93
C HIS G 112 -1.43 11.71 27.26
N TYR G 113 -1.42 10.39 27.13
CA TYR G 113 -1.28 9.45 28.24
C TYR G 113 -0.39 8.34 27.64
N PHE G 114 0.53 7.78 28.41
CA PHE G 114 1.44 6.80 27.80
C PHE G 114 1.27 5.33 28.18
N ASP G 115 0.79 4.53 27.22
CA ASP G 115 0.60 3.09 27.40
C ASP G 115 1.84 2.20 27.49
N TYR G 116 2.84 2.48 26.65
CA TYR G 116 4.07 1.69 26.62
C TYR G 116 5.28 2.55 26.86
N TRP G 117 6.18 2.07 27.70
CA TRP G 117 7.40 2.80 28.03
C TRP G 117 8.64 1.95 27.79
N GLY G 118 9.79 2.61 27.84
CA GLY G 118 11.10 1.98 27.78
C GLY G 118 11.52 1.47 29.13
N GLN G 119 12.72 0.93 29.19
CA GLN G 119 13.27 0.57 30.49
C GLN G 119 13.98 1.76 31.13
N GLY G 120 14.29 2.77 30.35
CA GLY G 120 14.97 3.94 30.84
C GLY G 120 16.46 3.87 30.63
N THR G 121 17.10 5.03 30.54
CA THR G 121 18.54 5.12 30.60
C THR G 121 18.94 6.20 31.59
N PRO G 122 19.95 5.96 32.40
CA PRO G 122 20.41 7.00 33.31
C PRO G 122 21.26 8.03 32.59
N VAL G 123 21.11 9.28 33.00
CA VAL G 123 21.95 10.37 32.56
C VAL G 123 22.46 11.07 33.80
N THR G 124 23.77 11.15 33.96
CA THR G 124 24.38 11.74 35.14
C THR G 124 25.26 12.88 34.70
N VAL G 125 25.01 14.07 35.24
CA VAL G 125 25.74 15.27 34.88
C VAL G 125 26.60 15.64 36.09
N SER G 126 27.91 15.54 35.92
CA SER G 126 28.83 15.83 37.02
C SER G 126 30.19 16.23 36.49
N ASP H 1 0.51 25.76 34.58
CA ASP H 1 0.77 24.34 34.80
C ASP H 1 -0.11 23.81 35.91
N ILE H 2 -0.97 22.84 35.58
CA ILE H 2 -1.86 22.29 36.59
C ILE H 2 -1.05 21.57 37.65
N GLN H 3 -1.29 21.90 38.91
CA GLN H 3 -0.65 21.26 40.04
C GLN H 3 -1.53 20.12 40.52
N MET H 4 -0.92 19.03 40.96
CA MET H 4 -1.66 17.87 41.42
C MET H 4 -1.08 17.42 42.75
N THR H 5 -1.97 17.06 43.69
CA THR H 5 -1.54 16.57 45.00
C THR H 5 -2.31 15.31 45.32
N GLN H 6 -1.60 14.20 45.41
CA GLN H 6 -2.19 12.98 45.95
C GLN H 6 -2.21 13.04 47.47
N SER H 7 -3.39 12.83 48.05
CA SER H 7 -3.56 13.13 49.46
C SER H 7 -2.77 12.21 50.39
N PRO H 8 -2.94 10.90 50.38
CA PRO H 8 -2.17 10.08 51.32
C PRO H 8 -0.79 9.77 50.80
N SER H 9 0.17 10.68 50.99
CA SER H 9 1.50 10.52 50.40
C SER H 9 2.08 9.15 50.69
N SER H 10 1.78 8.58 51.85
CA SER H 10 2.20 7.24 52.19
C SER H 10 1.00 6.47 52.70
N LEU H 11 0.97 5.17 52.45
CA LEU H 11 -0.17 4.34 52.80
C LEU H 11 0.33 2.98 53.23
N SER H 12 -0.24 2.45 54.32
CA SER H 12 0.13 1.14 54.83
C SER H 12 -1.10 0.24 54.80
N ALA H 13 -0.94 -0.96 54.25
CA ALA H 13 -2.08 -1.83 54.07
C ALA H 13 -1.59 -3.28 54.01
N SER H 14 -2.54 -4.20 54.14
CA SER H 14 -2.27 -5.62 54.10
C SER H 14 -3.08 -6.27 53.01
N VAL H 15 -2.69 -7.49 52.65
CA VAL H 15 -3.34 -8.21 51.56
C VAL H 15 -4.83 -8.29 51.83
N GLY H 16 -5.63 -8.14 50.76
CA GLY H 16 -7.06 -8.19 50.87
C GLY H 16 -7.72 -6.89 51.25
N ASP H 17 -6.97 -5.95 51.81
CA ASP H 17 -7.53 -4.68 52.24
C ASP H 17 -8.01 -3.86 51.05
N ARG H 18 -8.90 -2.92 51.32
CA ARG H 18 -9.36 -1.94 50.34
C ARG H 18 -8.52 -0.68 50.50
N VAL H 19 -7.79 -0.33 49.45
CA VAL H 19 -6.93 0.84 49.43
C VAL H 19 -7.60 1.90 48.56
N THR H 20 -7.48 3.17 48.95
CA THR H 20 -8.06 4.28 48.23
C THR H 20 -7.08 5.43 48.17
N ILE H 21 -6.78 5.88 46.96
CA ILE H 21 -5.87 6.99 46.72
C ILE H 21 -6.62 8.03 45.91
N THR H 22 -6.48 9.29 46.30
CA THR H 22 -7.15 10.39 45.65
C THR H 22 -6.14 11.48 45.33
N CYS H 23 -6.37 12.20 44.24
CA CYS H 23 -5.58 13.40 44.00
C CYS H 23 -6.51 14.55 43.61
N ARG H 24 -6.06 15.75 43.89
CA ARG H 24 -6.82 16.95 43.56
C ARG H 24 -6.00 17.88 42.69
N THR H 25 -6.65 18.56 41.77
CA THR H 25 -5.97 19.47 40.85
C THR H 25 -6.40 20.91 41.10
N SER H 26 -5.49 21.85 40.86
CA SER H 26 -5.79 23.25 41.09
C SER H 26 -6.93 23.78 40.22
N GLN H 27 -6.95 23.38 38.96
CA GLN H 27 -8.00 23.80 38.05
C GLN H 27 -8.61 22.58 37.39
N SER H 28 -9.88 22.66 37.03
CA SER H 28 -10.56 21.51 36.47
C SER H 28 -9.90 20.99 35.21
N ILE H 29 -9.74 19.67 35.16
CA ILE H 29 -9.15 18.98 34.02
C ILE H 29 -10.18 18.08 33.37
N SER H 30 -11.45 18.34 33.67
CA SER H 30 -12.58 17.55 33.16
C SER H 30 -12.42 16.08 33.56
N ARG H 31 -12.55 15.17 32.61
CA ARG H 31 -12.41 13.75 32.92
C ARG H 31 -11.04 13.16 32.53
N TYR H 32 -10.06 14.01 32.23
CA TYR H 32 -8.75 13.52 31.81
C TYR H 32 -7.71 13.23 32.90
N LEU H 33 -7.86 12.10 33.59
CA LEU H 33 -6.91 11.71 34.63
C LEU H 33 -6.42 10.30 34.37
N ASN H 34 -5.11 10.09 34.50
CA ASN H 34 -4.49 8.83 34.21
C ASN H 34 -3.72 8.37 35.43
N TRP H 35 -3.71 7.07 35.69
CA TRP H 35 -3.04 6.50 36.86
C TRP H 35 -1.94 5.54 36.44
N TYR H 36 -0.79 5.65 37.08
CA TYR H 36 0.35 4.79 36.81
C TYR H 36 0.82 4.17 38.13
N GLN H 37 1.27 2.92 38.09
CA GLN H 37 2.02 2.36 39.20
C GLN H 37 3.46 2.13 38.76
N GLN H 38 4.39 2.31 39.68
CA GLN H 38 5.80 2.10 39.40
C GLN H 38 6.41 1.31 40.54
N LYS H 39 6.94 0.14 40.23
CA LYS H 39 7.71 -0.59 41.20
C LYS H 39 9.15 -0.12 41.17
N PRO H 40 9.86 -0.17 42.30
CA PRO H 40 11.19 0.44 42.35
C PRO H 40 12.14 -0.18 41.33
N GLY H 41 12.75 0.68 40.54
CA GLY H 41 13.69 0.31 39.49
C GLY H 41 13.04 0.02 38.15
N LYS H 42 11.78 -0.39 38.16
CA LYS H 42 11.03 -0.64 36.94
C LYS H 42 10.49 0.66 36.35
N ALA H 43 10.15 0.60 35.09
CA ALA H 43 9.40 1.68 34.45
C ALA H 43 7.93 1.61 34.85
N PRO H 44 7.26 2.76 34.92
CA PRO H 44 5.84 2.76 35.29
C PRO H 44 4.99 2.10 34.22
N LYS H 45 3.83 1.63 34.64
CA LYS H 45 2.87 1.04 33.72
C LYS H 45 1.54 1.76 33.87
N LEU H 46 0.86 1.98 32.76
CA LEU H 46 -0.44 2.61 32.80
C LEU H 46 -1.45 1.64 33.37
N LEU H 47 -2.19 2.09 34.38
CA LEU H 47 -3.29 1.33 34.96
C LEU H 47 -4.63 1.79 34.42
N ILE H 48 -4.98 3.04 34.68
CA ILE H 48 -6.28 3.60 34.39
C ILE H 48 -6.09 4.86 33.57
N TYR H 49 -6.81 5.00 32.46
CA TYR H 49 -6.73 6.21 31.65
C TYR H 49 -8.10 6.85 31.57
N ALA H 50 -8.14 8.14 31.26
CA ALA H 50 -9.40 8.90 31.11
C ALA H 50 -10.31 8.82 32.34
N ALA H 51 -9.68 8.90 33.51
CA ALA H 51 -10.32 8.91 34.84
C ALA H 51 -10.99 7.61 35.29
N SER H 52 -12.01 7.16 34.57
CA SER H 52 -12.73 5.96 34.96
C SER H 52 -12.52 4.71 34.12
N SER H 53 -11.72 4.80 33.06
CA SER H 53 -11.52 3.63 32.21
C SER H 53 -10.43 2.71 32.75
N LEU H 54 -10.18 1.62 32.05
CA LEU H 54 -9.14 0.70 32.50
C LEU H 54 -8.33 0.16 31.32
N GLN H 55 -7.00 0.21 31.44
CA GLN H 55 -6.09 -0.25 30.39
C GLN H 55 -6.16 -1.76 30.19
N SER H 56 -6.00 -2.22 28.96
CA SER H 56 -6.03 -3.64 28.67
C SER H 56 -4.85 -4.34 29.33
N GLY H 57 -5.07 -5.55 29.79
CA GLY H 57 -4.02 -6.33 30.44
C GLY H 57 -3.74 -6.04 31.90
N VAL H 58 -4.61 -5.26 32.54
CA VAL H 58 -4.43 -4.94 33.96
C VAL H 58 -5.59 -5.48 34.77
N PRO H 59 -5.29 -6.10 35.91
CA PRO H 59 -6.23 -6.71 36.86
C PRO H 59 -7.51 -5.89 37.09
N SER H 60 -8.63 -6.60 37.20
CA SER H 60 -9.94 -6.00 37.39
C SER H 60 -10.15 -5.24 38.71
N ARG H 61 -9.37 -5.57 39.73
CA ARG H 61 -9.51 -4.93 41.03
C ARG H 61 -9.35 -3.41 40.99
N PHE H 62 -8.43 -2.92 40.18
CA PHE H 62 -8.23 -1.47 40.10
C PHE H 62 -9.47 -0.76 39.55
N THR H 63 -9.83 0.37 40.15
CA THR H 63 -10.97 1.17 39.71
C THR H 63 -10.65 2.64 39.88
N GLY H 64 -11.37 3.47 39.14
CA GLY H 64 -11.18 4.90 39.20
C GLY H 64 -12.48 5.67 39.03
N SER H 65 -12.57 6.83 39.67
CA SER H 65 -13.78 7.64 39.58
C SER H 65 -13.38 9.10 39.80
N GLY H 66 -14.10 10.01 39.16
CA GLY H 66 -13.94 11.41 39.46
C GLY H 66 -14.26 12.26 38.26
N SER H 67 -14.26 13.57 38.49
CA SER H 67 -14.38 14.55 37.43
C SER H 67 -13.91 15.88 37.98
N GLY H 68 -13.60 16.80 37.09
CA GLY H 68 -13.29 18.14 37.54
C GLY H 68 -12.02 18.15 38.35
N THR H 69 -12.13 18.46 39.63
CA THR H 69 -10.94 18.53 40.47
C THR H 69 -10.65 17.34 41.39
N ASP H 70 -11.60 16.41 41.55
CA ASP H 70 -11.38 15.27 42.43
C ASP H 70 -11.42 13.92 41.73
N PHE H 71 -10.36 13.13 41.89
CA PHE H 71 -10.28 11.80 41.28
C PHE H 71 -9.78 10.80 42.32
N THR H 72 -10.28 9.58 42.25
CA THR H 72 -9.88 8.55 43.20
C THR H 72 -9.49 7.23 42.54
N LEU H 73 -8.43 6.60 43.06
CA LEU H 73 -7.99 5.31 42.58
C LEU H 73 -8.24 4.37 43.75
N THR H 74 -8.98 3.30 43.52
CA THR H 74 -9.29 2.38 44.61
C THR H 74 -8.89 0.94 44.33
N ILE H 75 -7.86 0.46 45.02
CA ILE H 75 -7.43 -0.92 44.83
C ILE H 75 -8.33 -1.79 45.69
N SER H 76 -8.89 -2.84 45.10
CA SER H 76 -9.76 -3.74 45.84
C SER H 76 -9.19 -5.14 45.83
N SER H 77 -9.24 -5.81 46.97
CA SER H 77 -8.59 -7.11 47.16
C SER H 77 -7.10 -7.02 46.88
N LEU H 78 -6.45 -6.11 47.61
CA LEU H 78 -5.02 -5.88 47.49
C LEU H 78 -4.26 -7.21 47.59
N GLN H 79 -3.25 -7.36 46.75
CA GLN H 79 -2.44 -8.57 46.73
C GLN H 79 -0.97 -8.23 46.96
N PRO H 80 -0.12 -9.27 46.97
CA PRO H 80 1.33 -9.12 47.17
C PRO H 80 1.96 -8.33 46.04
N GLU H 81 1.46 -8.59 44.84
CA GLU H 81 1.97 -7.97 43.62
C GLU H 81 1.86 -6.45 43.51
N ASP H 82 0.77 -5.85 43.97
CA ASP H 82 0.64 -4.41 43.80
C ASP H 82 1.11 -3.39 44.85
N PHE H 83 2.15 -3.71 45.61
CA PHE H 83 2.73 -2.69 46.48
C PHE H 83 3.69 -1.89 45.62
N ALA H 84 3.39 -0.61 45.45
CA ALA H 84 4.10 0.21 44.48
C ALA H 84 3.82 1.68 44.77
N THR H 85 4.61 2.55 44.17
CA THR H 85 4.24 3.96 44.09
C THR H 85 3.23 4.17 42.98
N TYR H 86 2.23 5.00 43.25
CA TYR H 86 1.19 5.29 42.27
C TYR H 86 1.20 6.76 41.89
N TYR H 87 1.06 7.04 40.60
CA TYR H 87 1.09 8.40 40.09
C TYR H 87 -0.16 8.75 39.31
N CYS H 88 -0.63 9.98 39.49
CA CYS H 88 -1.79 10.45 38.75
C CYS H 88 -1.32 11.59 37.86
N GLN H 89 -1.70 11.56 36.59
CA GLN H 89 -1.30 12.61 35.67
C GLN H 89 -2.50 13.09 34.89
N GLN H 90 -2.48 14.34 34.45
CA GLN H 90 -3.60 14.87 33.69
C GLN H 90 -3.21 15.15 32.24
N SER H 91 -4.05 14.69 31.32
CA SER H 91 -3.82 14.88 29.90
C SER H 91 -4.67 16.00 29.33
N TYR H 92 -5.21 16.84 30.21
CA TYR H 92 -6.07 17.96 29.82
C TYR H 92 -5.35 19.20 29.31
N SER H 93 -4.55 19.84 30.14
CA SER H 93 -3.84 21.03 29.69
C SER H 93 -2.50 20.63 29.12
N ILE H 94 -2.37 20.73 27.81
CA ILE H 94 -1.16 20.35 27.10
C ILE H 94 -0.72 21.45 26.16
N PRO H 95 0.60 21.73 26.11
CA PRO H 95 1.62 21.34 27.07
C PRO H 95 1.56 22.14 28.35
N PRO H 96 2.15 21.61 29.44
CA PRO H 96 2.76 20.30 29.46
C PRO H 96 1.98 19.35 30.35
N VAL H 97 2.09 18.05 30.12
CA VAL H 97 1.40 17.08 30.95
C VAL H 97 2.03 17.15 32.33
N THR H 98 1.20 17.07 33.36
CA THR H 98 1.70 17.14 34.73
C THR H 98 1.46 15.83 35.45
N PHE H 99 2.32 15.54 36.41
CA PHE H 99 2.25 14.31 37.19
C PHE H 99 2.13 14.63 38.68
N GLY H 100 1.50 13.74 39.42
CA GLY H 100 1.37 13.88 40.86
C GLY H 100 2.69 13.54 41.53
N GLN H 101 2.89 14.01 42.76
CA GLN H 101 4.15 13.75 43.47
C GLN H 101 4.44 12.27 43.70
N GLY H 102 3.40 11.49 43.98
CA GLY H 102 3.56 10.06 44.19
C GLY H 102 3.10 9.56 45.55
N THR H 103 2.49 8.39 45.56
CA THR H 103 1.99 7.76 46.77
C THR H 103 2.52 6.35 46.92
N ARG H 104 3.10 6.05 48.07
CA ARG H 104 3.66 4.73 48.37
C ARG H 104 2.69 3.84 49.12
N VAL H 105 2.68 2.56 48.77
CA VAL H 105 1.82 1.59 49.43
C VAL H 105 2.75 0.57 50.10
N ASP H 106 2.50 0.27 51.37
CA ASP H 106 3.35 -0.66 52.11
C ASP H 106 2.65 -1.97 52.47
CA CA I . -6.70 13.12 2.23
#